data_4IDP
#
_entry.id   4IDP
#
_cell.length_a   131.946
_cell.length_b   268.121
_cell.length_c   62.427
_cell.angle_alpha   90.00
_cell.angle_beta   90.00
_cell.angle_gamma   90.00
#
_symmetry.space_group_name_H-M   'P 21 21 2'
#
loop_
_entity.id
_entity.type
_entity.pdbx_description
1 polymer Atlastin-1
2 non-polymer 'PHOSPHOAMINOPHOSPHONIC ACID-GUANYLATE ESTER'
3 non-polymer 'MAGNESIUM ION'
4 water water
#
_entity_poly.entity_id   1
_entity_poly.type   'polypeptide(L)'
_entity_poly.pdbx_seq_one_letter_code
;S(MSE)AKNRRDRNSWGGFSEKTYEWSSEEEEPVKKAGPVQVLIVKDDHSFELDETALNRILLSEAVRDKEVVAVSVAGA
FRKGKSFL(MSE)DF(MSE)LRY(MSE)YNQESVDWVGDYNEPLTGFSWRGGSERETTGIQIWSEIFLINKPDGKKVAVL
L(MSE)DTQGTFDSQSTLRDSATVFALST(MSE)ISSIQVYNLSQNVQEDDLQHLQLFTEYGRLA(MSE)EETFLKPFQS
LIFLVRDWSFPYEFSYGADGGAKFLEKRLKVSGNQHEELQNVRKHIHSCFTNISCFLLPHPGLKVATNPNFDGKLKEIDD
EFIKNLKILIPWLLSPESLDIKEINGNKITCRGLVEYFKAYIKIYQGEELPHPKS(MSE)LQATAEANNLAAVATAKDTY
NKK(MSE)EEICGGDKPFLAPNDLQTKHLQLKEESVKLFRGVKK(MSE)GGEEFSRRYLQQLESEIDELYIQYIKHNDSK
TIFHAAR
;
_entity_poly.pdbx_strand_id   A,B,C,D
#
loop_
_chem_comp.id
_chem_comp.type
_chem_comp.name
_chem_comp.formula
GNP non-polymer 'PHOSPHOAMINOPHOSPHONIC ACID-GUANYLATE ESTER' 'C10 H17 N6 O13 P3'
MG non-polymer 'MAGNESIUM ION' 'Mg 2'
#
# COMPACT_ATOMS: atom_id res chain seq x y z
N LYS A 32 15.58 -58.85 -25.37
CA LYS A 32 14.13 -58.64 -25.34
C LYS A 32 13.77 -57.23 -24.93
N ALA A 33 12.69 -56.68 -25.49
CA ALA A 33 12.28 -55.34 -25.12
C ALA A 33 11.54 -55.47 -23.81
N GLY A 34 11.57 -54.44 -22.98
CA GLY A 34 10.85 -54.51 -21.72
C GLY A 34 10.69 -53.17 -21.05
N PRO A 35 9.88 -53.15 -19.99
CA PRO A 35 9.71 -51.93 -19.21
C PRO A 35 10.96 -51.71 -18.37
N VAL A 36 11.41 -50.46 -18.23
CA VAL A 36 12.59 -50.15 -17.41
C VAL A 36 12.28 -49.12 -16.34
N GLN A 37 12.60 -49.44 -15.09
CA GLN A 37 12.35 -48.53 -14.00
C GLN A 37 13.43 -47.44 -14.02
N VAL A 38 13.00 -46.19 -14.21
CA VAL A 38 13.91 -45.08 -14.38
C VAL A 38 13.91 -44.09 -13.21
N LEU A 39 12.72 -43.70 -12.76
CA LEU A 39 12.58 -42.99 -11.50
C LEU A 39 11.97 -43.91 -10.45
N ILE A 40 12.68 -44.13 -9.36
CA ILE A 40 12.25 -44.99 -8.25
C ILE A 40 11.83 -44.13 -7.09
N VAL A 41 10.66 -44.44 -6.52
CA VAL A 41 10.20 -43.77 -5.31
C VAL A 41 10.48 -44.73 -4.16
N LYS A 42 11.29 -44.26 -3.24
CA LYS A 42 11.71 -44.99 -2.05
C LYS A 42 10.66 -45.10 -0.94
N ASP A 43 10.89 -45.94 0.07
CA ASP A 43 9.95 -46.06 1.20
C ASP A 43 9.88 -44.84 2.08
N ASP A 44 10.96 -44.08 2.10
CA ASP A 44 11.02 -42.85 2.88
C ASP A 44 10.55 -41.64 2.09
N HIS A 45 9.92 -41.90 0.95
CA HIS A 45 9.32 -40.87 0.10
C HIS A 45 10.36 -40.00 -0.63
N SER A 46 11.59 -40.50 -0.73
CA SER A 46 12.62 -39.86 -1.53
C SER A 46 12.65 -40.44 -2.94
N PHE A 47 13.39 -39.79 -3.83
CA PHE A 47 13.45 -40.19 -5.24
C PHE A 47 14.83 -40.48 -5.81
N GLU A 48 14.97 -41.59 -6.54
CA GLU A 48 16.18 -41.93 -7.25
C GLU A 48 16.01 -42.16 -8.72
N LEU A 49 16.99 -41.61 -9.43
CA LEU A 49 17.11 -41.80 -10.86
C LEU A 49 18.12 -42.89 -11.12
N ASP A 50 17.70 -43.88 -11.90
CA ASP A 50 18.64 -44.88 -12.34
C ASP A 50 19.33 -44.36 -13.59
N GLU A 51 20.47 -43.69 -13.41
CA GLU A 51 21.12 -43.08 -14.57
C GLU A 51 21.71 -44.15 -15.47
N THR A 52 22.25 -45.22 -14.90
CA THR A 52 22.82 -46.25 -15.74
C THR A 52 21.75 -46.74 -16.72
N ALA A 53 20.57 -47.08 -16.22
CA ALA A 53 19.50 -47.56 -17.07
C ALA A 53 19.04 -46.48 -18.07
N LEU A 54 18.93 -45.25 -17.60
CA LEU A 54 18.52 -44.18 -18.51
C LEU A 54 19.50 -43.96 -19.68
N ASN A 55 20.81 -43.99 -19.37
CA ASN A 55 21.87 -43.80 -20.38
C ASN A 55 21.91 -44.95 -21.39
N ARG A 56 21.69 -46.14 -20.89
CA ARG A 56 21.71 -47.33 -21.71
C ARG A 56 20.64 -47.21 -22.80
N ILE A 57 19.48 -46.65 -22.45
CA ILE A 57 18.38 -46.48 -23.41
C ILE A 57 18.44 -45.25 -24.32
N LEU A 58 18.67 -44.07 -23.75
CA LEU A 58 18.56 -42.86 -24.53
C LEU A 58 19.88 -42.34 -25.11
N LEU A 59 21.00 -42.88 -24.64
CA LEU A 59 22.32 -42.37 -25.09
C LEU A 59 23.05 -43.32 -26.05
N SER A 60 22.37 -44.40 -26.41
CA SER A 60 22.92 -45.36 -27.35
C SER A 60 23.13 -44.60 -28.64
N GLU A 61 24.12 -45.06 -29.39
CA GLU A 61 24.56 -44.40 -30.61
C GLU A 61 23.48 -44.19 -31.68
N ALA A 62 22.55 -45.13 -31.81
CA ALA A 62 21.47 -45.03 -32.82
C ALA A 62 20.49 -43.89 -32.57
N VAL A 63 20.33 -43.53 -31.31
CA VAL A 63 19.31 -42.58 -30.92
C VAL A 63 19.80 -41.31 -30.23
N ARG A 64 21.02 -41.28 -29.69
CA ARG A 64 21.37 -40.16 -28.84
C ARG A 64 21.21 -38.82 -29.52
N ASP A 65 21.48 -38.75 -30.83
CA ASP A 65 21.44 -37.45 -31.51
C ASP A 65 20.15 -37.16 -32.27
N LYS A 66 19.19 -38.06 -32.14
CA LYS A 66 17.86 -37.90 -32.75
C LYS A 66 16.97 -36.99 -31.90
N GLU A 67 16.21 -36.14 -32.58
CA GLU A 67 15.21 -35.36 -31.91
C GLU A 67 14.11 -36.33 -31.37
N VAL A 68 13.62 -36.04 -30.16
CA VAL A 68 12.86 -37.02 -29.41
C VAL A 68 11.39 -36.60 -29.23
N VAL A 69 10.51 -37.59 -29.33
CA VAL A 69 9.11 -37.47 -29.02
C VAL A 69 8.84 -38.31 -27.80
N ALA A 70 8.33 -37.68 -26.76
CA ALA A 70 8.13 -38.37 -25.48
C ALA A 70 6.65 -38.41 -25.13
N VAL A 71 6.12 -39.62 -24.98
CA VAL A 71 4.69 -39.79 -24.71
C VAL A 71 4.48 -40.32 -23.32
N SER A 72 3.60 -39.66 -22.57
CA SER A 72 3.37 -40.07 -21.20
C SER A 72 1.85 -40.21 -20.94
N VAL A 73 1.48 -41.09 -20.04
CA VAL A 73 0.12 -41.16 -19.57
C VAL A 73 0.15 -40.96 -18.05
N ALA A 74 -0.74 -40.13 -17.55
CA ALA A 74 -0.73 -39.86 -16.12
C ALA A 74 -2.09 -39.54 -15.61
N GLY A 75 -2.26 -39.71 -14.32
CA GLY A 75 -3.54 -39.45 -13.68
C GLY A 75 -3.76 -40.41 -12.53
N ALA A 76 -4.98 -40.40 -12.02
CA ALA A 76 -5.34 -41.21 -10.85
C ALA A 76 -4.99 -42.68 -10.99
N PHE A 77 -4.60 -43.31 -9.89
CA PHE A 77 -4.29 -44.73 -9.93
C PHE A 77 -5.53 -45.63 -10.21
N ARG A 78 -5.24 -46.81 -10.76
CA ARG A 78 -6.22 -47.85 -11.13
C ARG A 78 -7.20 -47.46 -12.18
N LYS A 79 -6.82 -46.62 -13.14
CA LYS A 79 -7.75 -46.18 -14.15
C LYS A 79 -7.35 -46.62 -15.60
N GLY A 80 -6.44 -47.58 -15.69
CA GLY A 80 -6.06 -48.12 -16.99
C GLY A 80 -5.02 -47.45 -17.84
N LYS A 81 -4.10 -46.78 -17.20
CA LYS A 81 -2.97 -46.16 -17.89
C LYS A 81 -2.02 -47.17 -18.57
N SER A 82 -1.57 -48.16 -17.80
CA SER A 82 -0.62 -49.13 -18.33
C SER A 82 -1.21 -49.95 -19.47
N PHE A 83 -2.49 -50.27 -19.29
CA PHE A 83 -3.27 -51.04 -20.22
C PHE A 83 -3.32 -50.29 -21.57
N LEU A 84 -3.71 -49.01 -21.53
CA LEU A 84 -3.73 -48.13 -22.70
C LEU A 84 -2.33 -48.08 -23.31
N MSE A 85 -1.34 -47.88 -22.46
CA MSE A 85 0.03 -47.77 -22.93
C MSE A 85 0.51 -49.03 -23.65
O MSE A 85 1.29 -48.94 -24.60
CB MSE A 85 0.95 -47.41 -21.76
CG MSE A 85 0.97 -45.94 -21.50
SE MSE A 85 2.50 -45.18 -22.48
CE MSE A 85 3.79 -45.78 -21.29
N ASP A 86 0.02 -50.20 -23.23
CA ASP A 86 0.36 -51.46 -23.91
C ASP A 86 -0.24 -51.59 -25.31
N PHE A 87 -1.43 -51.00 -25.51
CA PHE A 87 -2.00 -50.86 -26.85
C PHE A 87 -1.24 -49.87 -27.72
N MSE A 88 -0.72 -48.80 -27.13
CA MSE A 88 0.18 -47.90 -27.86
C MSE A 88 1.42 -48.66 -28.34
O MSE A 88 1.95 -48.35 -29.41
CB MSE A 88 0.56 -46.68 -27.06
CG MSE A 88 -0.61 -45.76 -26.80
SE MSE A 88 -0.26 -44.38 -25.46
CE MSE A 88 1.22 -43.54 -26.33
N LEU A 89 1.91 -49.61 -27.51
CA LEU A 89 3.06 -50.43 -27.90
C LEU A 89 2.77 -51.28 -29.15
N ARG A 90 1.61 -51.94 -29.20
CA ARG A 90 1.23 -52.75 -30.36
C ARG A 90 1.23 -51.87 -31.58
N TYR A 91 0.69 -50.67 -31.43
CA TYR A 91 0.68 -49.73 -32.52
C TYR A 91 2.10 -49.31 -32.89
N MSE A 92 2.93 -49.01 -31.91
CA MSE A 92 4.30 -48.58 -32.23
C MSE A 92 5.08 -49.63 -33.00
O MSE A 92 5.82 -49.30 -33.91
CB MSE A 92 5.05 -48.11 -30.97
CG MSE A 92 4.47 -46.85 -30.41
SE MSE A 92 4.73 -45.34 -31.67
CE MSE A 92 3.07 -45.06 -32.27
N TYR A 93 4.94 -50.89 -32.61
CA TYR A 93 5.59 -51.96 -33.37
C TYR A 93 4.95 -52.22 -34.73
N ASN A 94 3.62 -52.26 -34.79
CA ASN A 94 2.93 -52.77 -35.99
C ASN A 94 2.09 -51.75 -36.76
N GLN A 95 2.48 -50.49 -36.72
CA GLN A 95 1.71 -49.35 -37.26
C GLN A 95 1.46 -49.49 -38.76
N GLU A 96 2.30 -50.26 -39.44
CA GLU A 96 2.26 -50.38 -40.90
C GLU A 96 1.07 -51.26 -41.26
N SER A 97 0.72 -52.18 -40.39
CA SER A 97 -0.39 -53.05 -40.65
C SER A 97 -1.77 -52.43 -40.34
N VAL A 98 -2.81 -52.75 -41.11
CA VAL A 98 -4.14 -52.24 -40.78
C VAL A 98 -4.72 -52.84 -39.49
N ASP A 99 -4.15 -53.98 -39.13
CA ASP A 99 -4.57 -54.73 -37.96
C ASP A 99 -3.51 -54.64 -36.83
N TRP A 100 -2.94 -53.45 -36.65
CA TRP A 100 -1.91 -53.21 -35.62
C TRP A 100 -2.49 -53.53 -34.25
N VAL A 101 -3.82 -53.51 -34.14
CA VAL A 101 -4.49 -53.61 -32.86
C VAL A 101 -4.25 -55.00 -32.25
N GLY A 102 -3.91 -55.97 -33.11
CA GLY A 102 -3.50 -57.28 -32.63
C GLY A 102 -4.46 -58.42 -32.87
N ASP A 103 -3.94 -59.63 -32.69
CA ASP A 103 -4.77 -60.82 -32.74
C ASP A 103 -5.77 -60.80 -31.56
N TYR A 104 -7.02 -61.13 -31.85
CA TYR A 104 -8.12 -61.01 -30.87
C TYR A 104 -8.06 -62.01 -29.72
N ASN A 105 -7.22 -63.02 -29.84
CA ASN A 105 -7.01 -64.02 -28.79
C ASN A 105 -5.67 -63.95 -28.07
N GLU A 106 -4.93 -62.93 -28.37
CA GLU A 106 -3.59 -62.72 -27.82
CA GLU A 106 -3.60 -62.69 -27.87
C GLU A 106 -3.61 -61.79 -26.61
N PRO A 107 -2.93 -62.20 -25.54
CA PRO A 107 -2.87 -61.34 -24.34
C PRO A 107 -2.13 -60.00 -24.55
N LEU A 108 -2.50 -58.99 -23.75
CA LEU A 108 -1.87 -57.66 -23.79
C LEU A 108 -0.67 -57.59 -22.87
N THR A 109 0.50 -57.33 -23.41
CA THR A 109 1.73 -57.34 -22.60
C THR A 109 2.53 -56.06 -22.68
N GLY A 110 3.57 -55.98 -21.85
CA GLY A 110 4.45 -54.83 -21.88
C GLY A 110 4.70 -54.27 -20.50
N PHE A 111 4.24 -53.03 -20.28
CA PHE A 111 4.16 -52.46 -18.93
C PHE A 111 3.19 -53.32 -18.12
N SER A 112 3.50 -53.51 -16.86
CA SER A 112 2.67 -54.36 -16.03
C SER A 112 1.31 -53.73 -15.65
N TRP A 113 0.23 -54.46 -15.90
CA TRP A 113 -1.13 -54.04 -15.58
C TRP A 113 -1.90 -55.24 -15.00
N ARG A 114 -2.92 -54.97 -14.19
CA ARG A 114 -3.76 -56.01 -13.57
C ARG A 114 -4.98 -55.37 -12.91
N GLY A 115 -5.94 -56.17 -12.50
CA GLY A 115 -7.06 -55.69 -11.72
C GLY A 115 -6.66 -55.61 -10.25
N GLY A 116 -7.63 -55.43 -9.37
CA GLY A 116 -7.35 -55.21 -7.96
C GLY A 116 -7.29 -53.74 -7.61
N SER A 117 -7.67 -53.42 -6.38
CA SER A 117 -7.72 -52.05 -5.86
C SER A 117 -6.39 -51.46 -5.40
N GLU A 118 -5.33 -52.27 -5.36
CA GLU A 118 -4.01 -51.74 -4.98
C GLU A 118 -3.20 -51.32 -6.20
N ARG A 119 -2.56 -50.17 -6.06
CA ARG A 119 -1.74 -49.58 -7.11
C ARG A 119 -0.74 -50.60 -7.60
N GLU A 120 -0.39 -50.47 -8.88
CA GLU A 120 0.64 -51.28 -9.52
C GLU A 120 1.92 -50.52 -9.95
N THR A 121 1.84 -49.63 -10.93
CA THR A 121 3.00 -48.88 -11.41
C THR A 121 3.54 -47.90 -10.37
N THR A 122 4.84 -47.94 -10.13
CA THR A 122 5.51 -46.96 -9.27
C THR A 122 6.57 -46.14 -10.00
N GLY A 123 6.82 -44.94 -9.50
CA GLY A 123 7.80 -44.05 -10.10
C GLY A 123 7.56 -43.78 -11.55
N ILE A 124 8.60 -43.79 -12.36
CA ILE A 124 8.38 -43.64 -13.79
C ILE A 124 9.14 -44.72 -14.54
N GLN A 125 8.48 -45.38 -15.47
CA GLN A 125 9.19 -46.35 -16.29
C GLN A 125 9.01 -46.02 -17.75
N ILE A 126 10.05 -46.35 -18.53
CA ILE A 126 10.04 -46.15 -19.98
C ILE A 126 10.23 -47.48 -20.68
N TRP A 127 9.78 -47.59 -21.92
CA TRP A 127 10.00 -48.79 -22.73
C TRP A 127 11.47 -48.85 -23.15
N SER A 128 12.13 -50.02 -23.03
CA SER A 128 13.57 -50.14 -23.40
C SER A 128 13.86 -49.91 -24.90
N GLU A 129 12.90 -50.18 -25.78
CA GLU A 129 13.14 -49.97 -27.20
C GLU A 129 12.65 -48.60 -27.66
N ILE A 130 13.58 -47.74 -28.06
CA ILE A 130 13.22 -46.43 -28.61
C ILE A 130 12.87 -46.63 -30.08
N PHE A 131 11.69 -46.18 -30.50
CA PHE A 131 11.26 -46.33 -31.88
C PHE A 131 11.78 -45.21 -32.78
N LEU A 132 12.30 -45.57 -33.95
CA LEU A 132 12.72 -44.56 -34.91
C LEU A 132 11.69 -44.44 -36.01
N ILE A 133 11.08 -43.27 -36.11
CA ILE A 133 9.98 -43.07 -37.03
C ILE A 133 10.27 -41.95 -37.98
N ASN A 134 9.89 -42.13 -39.23
CA ASN A 134 10.03 -41.05 -40.20
C ASN A 134 8.81 -40.15 -40.26
N LYS A 135 8.99 -38.86 -40.02
CA LYS A 135 7.94 -37.88 -40.14
C LYS A 135 7.79 -37.49 -41.59
N PRO A 136 6.60 -37.01 -41.94
CA PRO A 136 6.23 -36.63 -43.30
C PRO A 136 7.23 -35.59 -43.81
N ASP A 137 8.10 -35.06 -42.95
CA ASP A 137 9.08 -34.09 -43.40
C ASP A 137 10.43 -34.67 -43.77
N GLY A 138 10.57 -36.01 -43.71
CA GLY A 138 11.80 -36.68 -44.07
C GLY A 138 12.66 -36.86 -42.84
N LYS A 139 12.21 -36.26 -41.75
CA LYS A 139 12.85 -36.27 -40.45
C LYS A 139 12.76 -37.61 -39.72
N LYS A 140 13.89 -38.13 -39.27
CA LYS A 140 13.85 -39.31 -38.42
C LYS A 140 13.86 -38.96 -36.92
N VAL A 141 12.82 -39.36 -36.20
CA VAL A 141 12.72 -38.99 -34.80
C VAL A 141 12.71 -40.22 -33.91
N ALA A 142 13.04 -40.02 -32.66
CA ALA A 142 13.08 -41.07 -31.67
C ALA A 142 11.81 -41.00 -30.81
N VAL A 143 11.15 -42.13 -30.59
CA VAL A 143 9.91 -42.12 -29.82
C VAL A 143 10.09 -42.87 -28.53
N LEU A 144 9.83 -42.17 -27.44
CA LEU A 144 10.00 -42.70 -26.09
C LEU A 144 8.61 -42.86 -25.45
N LEU A 145 8.35 -43.98 -24.78
CA LEU A 145 7.07 -44.15 -24.11
C LEU A 145 7.26 -44.19 -22.61
N MSE A 146 6.45 -43.41 -21.91
CA MSE A 146 6.57 -43.25 -20.47
C MSE A 146 5.34 -43.63 -19.68
O MSE A 146 4.26 -43.05 -19.93
CB MSE A 146 6.88 -41.80 -20.18
CG MSE A 146 7.44 -41.40 -18.88
SE MSE A 146 8.04 -39.58 -19.25
CE MSE A 146 9.45 -39.59 -17.93
N ASP A 147 5.45 -44.57 -18.76
CA ASP A 147 4.34 -44.92 -17.89
C ASP A 147 4.60 -44.52 -16.46
N THR A 148 3.58 -44.04 -15.79
CA THR A 148 3.76 -43.35 -14.54
C THR A 148 2.91 -43.91 -13.44
N GLN A 149 3.36 -43.72 -12.22
CA GLN A 149 2.65 -44.08 -11.01
C GLN A 149 1.36 -43.20 -10.85
N GLY A 150 0.23 -43.87 -10.60
CA GLY A 150 -1.01 -43.16 -10.46
C GLY A 150 -1.05 -42.22 -9.27
N THR A 151 -1.71 -41.08 -9.44
CA THR A 151 -1.88 -40.16 -8.32
C THR A 151 -2.94 -40.68 -7.33
N PHE A 152 -2.85 -40.17 -6.12
CA PHE A 152 -3.76 -40.38 -4.97
C PHE A 152 -4.00 -41.80 -4.49
N ASP A 153 -2.99 -42.63 -4.61
CA ASP A 153 -2.99 -43.90 -3.93
C ASP A 153 -2.77 -43.70 -2.44
N SER A 154 -3.00 -44.72 -1.59
CA SER A 154 -2.99 -44.47 -0.14
C SER A 154 -1.64 -44.59 0.56
N GLN A 155 -0.57 -44.88 -0.17
CA GLN A 155 0.73 -44.88 0.45
C GLN A 155 1.57 -43.72 0.03
N SER A 156 0.99 -42.79 -0.71
CA SER A 156 1.80 -41.76 -1.32
C SER A 156 1.44 -40.42 -0.68
N THR A 157 2.46 -39.62 -0.39
CA THR A 157 2.24 -38.23 -0.06
C THR A 157 1.90 -37.48 -1.33
N LEU A 158 1.30 -36.34 -1.09
CA LEU A 158 0.96 -35.45 -2.16
C LEU A 158 2.23 -35.03 -2.90
N ARG A 159 3.31 -34.82 -2.16
CA ARG A 159 4.59 -34.58 -2.79
C ARG A 159 5.02 -35.72 -3.73
N ASP A 160 4.84 -36.97 -3.32
CA ASP A 160 5.19 -38.08 -4.20
C ASP A 160 4.44 -37.98 -5.51
N SER A 161 3.12 -37.87 -5.42
CA SER A 161 2.29 -37.82 -6.61
C SER A 161 2.62 -36.65 -7.52
N ALA A 162 2.82 -35.47 -6.92
CA ALA A 162 3.12 -34.25 -7.66
C ALA A 162 4.43 -34.36 -8.41
N THR A 163 5.41 -34.96 -7.78
CA THR A 163 6.71 -35.12 -8.40
C THR A 163 6.63 -36.03 -9.63
N VAL A 164 5.95 -37.16 -9.49
CA VAL A 164 5.80 -38.05 -10.60
C VAL A 164 5.08 -37.38 -11.76
N PHE A 165 3.97 -36.74 -11.44
CA PHE A 165 3.16 -36.08 -12.43
C PHE A 165 3.93 -34.92 -13.07
N ALA A 166 4.59 -34.11 -12.24
CA ALA A 166 5.32 -32.97 -12.77
C ALA A 166 6.44 -33.41 -13.69
N LEU A 167 7.25 -34.34 -13.21
CA LEU A 167 8.36 -34.82 -13.98
C LEU A 167 7.89 -35.41 -15.34
N SER A 168 6.83 -36.21 -15.33
CA SER A 168 6.35 -36.77 -16.59
C SER A 168 5.84 -35.65 -17.54
N THR A 169 5.25 -34.60 -16.99
CA THR A 169 4.81 -33.48 -17.82
C THR A 169 5.97 -32.67 -18.40
N MSE A 170 6.97 -32.34 -17.58
CA MSE A 170 8.14 -31.59 -18.06
C MSE A 170 8.92 -32.36 -19.12
O MSE A 170 9.57 -31.76 -19.96
CB MSE A 170 9.08 -31.28 -16.93
CG MSE A 170 8.47 -30.44 -15.86
SE MSE A 170 9.36 -30.92 -14.19
CE MSE A 170 10.76 -29.57 -14.15
N ILE A 171 8.91 -33.67 -19.06
CA ILE A 171 9.74 -34.47 -19.96
C ILE A 171 8.97 -34.81 -21.25
N SER A 172 7.70 -35.16 -21.11
CA SER A 172 6.89 -35.54 -22.27
C SER A 172 6.60 -34.35 -23.17
N SER A 173 6.41 -34.63 -24.45
CA SER A 173 5.89 -33.65 -25.39
C SER A 173 4.39 -33.88 -25.58
N ILE A 174 3.99 -35.12 -25.34
CA ILE A 174 2.57 -35.45 -25.33
C ILE A 174 2.20 -36.09 -23.99
N GLN A 175 1.33 -35.41 -23.25
CA GLN A 175 0.87 -35.94 -21.99
C GLN A 175 -0.62 -36.30 -22.10
N VAL A 176 -0.95 -37.58 -21.94
CA VAL A 176 -2.35 -38.03 -21.93
C VAL A 176 -2.74 -38.09 -20.49
N TYR A 177 -3.60 -37.17 -20.09
CA TYR A 177 -4.08 -37.04 -18.73
C TYR A 177 -5.31 -37.90 -18.65
N ASN A 178 -5.13 -39.03 -17.98
CA ASN A 178 -6.16 -40.06 -17.91
C ASN A 178 -7.20 -39.86 -16.76
N LEU A 179 -8.47 -39.71 -17.13
CA LEU A 179 -9.55 -39.51 -16.16
C LEU A 179 -10.70 -40.49 -16.31
N SER A 180 -11.41 -40.71 -15.20
CA SER A 180 -12.56 -41.61 -15.14
C SER A 180 -13.87 -40.91 -15.23
N GLN A 181 -14.66 -41.21 -16.27
CA GLN A 181 -16.10 -40.79 -16.48
C GLN A 181 -16.46 -39.32 -16.77
N ASN A 182 -15.71 -38.37 -16.21
CA ASN A 182 -16.06 -36.96 -16.30
C ASN A 182 -14.82 -36.10 -16.03
N VAL A 183 -14.91 -34.82 -16.36
CA VAL A 183 -13.87 -33.83 -16.02
C VAL A 183 -14.48 -32.88 -14.96
N GLN A 184 -14.09 -33.12 -13.71
CA GLN A 184 -14.66 -32.44 -12.56
C GLN A 184 -13.75 -31.31 -12.13
N GLU A 185 -14.27 -30.40 -11.31
CA GLU A 185 -13.50 -29.25 -10.89
C GLU A 185 -12.25 -29.65 -10.08
N ASP A 186 -12.34 -30.71 -9.29
CA ASP A 186 -11.17 -31.21 -8.55
C ASP A 186 -10.09 -31.77 -9.48
N ASP A 187 -10.48 -32.36 -10.60
CA ASP A 187 -9.50 -32.76 -11.60
C ASP A 187 -8.68 -31.58 -12.12
N LEU A 188 -9.35 -30.45 -12.37
CA LEU A 188 -8.67 -29.26 -12.86
C LEU A 188 -7.73 -28.67 -11.81
N GLN A 189 -8.20 -28.63 -10.57
CA GLN A 189 -7.42 -28.18 -9.44
C GLN A 189 -6.14 -29.00 -9.24
N HIS A 190 -6.22 -30.31 -9.36
CA HIS A 190 -5.06 -31.18 -9.24
C HIS A 190 -4.05 -30.91 -10.33
N LEU A 191 -4.56 -30.81 -11.56
CA LEU A 191 -3.75 -30.53 -12.71
C LEU A 191 -3.03 -29.19 -12.58
N GLN A 192 -3.74 -28.22 -12.02
CA GLN A 192 -3.18 -26.91 -11.82
C GLN A 192 -2.01 -27.02 -10.81
N LEU A 193 -2.28 -27.72 -9.71
CA LEU A 193 -1.29 -27.91 -8.67
C LEU A 193 -0.04 -28.65 -9.18
N PHE A 194 -0.27 -29.80 -9.83
CA PHE A 194 0.80 -30.64 -10.32
C PHE A 194 1.64 -29.93 -11.39
N THR A 195 0.97 -29.24 -12.32
CA THR A 195 1.71 -28.52 -13.35
C THR A 195 2.43 -27.30 -12.80
N GLU A 196 1.86 -26.61 -11.81
CA GLU A 196 2.56 -25.50 -11.11
C GLU A 196 3.86 -25.98 -10.43
N TYR A 197 3.81 -27.17 -9.85
CA TYR A 197 4.98 -27.80 -9.25
C TYR A 197 6.04 -28.09 -10.33
N GLY A 198 5.58 -28.43 -11.53
CA GLY A 198 6.49 -28.58 -12.65
C GLY A 198 7.14 -27.27 -13.10
N ARG A 199 6.35 -26.21 -13.21
CA ARG A 199 6.83 -24.90 -13.59
C ARG A 199 7.93 -24.35 -12.70
N LEU A 200 7.80 -24.50 -11.38
CA LEU A 200 8.77 -23.98 -10.40
C LEU A 200 10.19 -24.52 -10.60
N ALA A 201 10.29 -25.76 -11.06
CA ALA A 201 11.59 -26.38 -11.26
C ALA A 201 12.23 -26.02 -12.61
N MSE A 202 11.58 -25.19 -13.41
CA MSE A 202 12.06 -24.92 -14.77
C MSE A 202 12.65 -23.51 -14.96
O MSE A 202 12.22 -22.56 -14.28
CB MSE A 202 10.96 -25.13 -15.79
CG MSE A 202 10.46 -26.51 -15.85
SE MSE A 202 8.91 -26.56 -16.99
CE MSE A 202 9.59 -25.99 -18.69
N GLU A 203 13.58 -23.37 -15.92
CA GLU A 203 14.11 -22.06 -16.31
C GLU A 203 13.00 -21.12 -16.75
N GLU A 204 13.15 -19.84 -16.45
CA GLU A 204 12.16 -18.87 -16.90
C GLU A 204 12.15 -18.60 -18.39
N THR A 205 10.94 -18.51 -18.91
CA THR A 205 10.73 -18.28 -20.33
C THR A 205 9.38 -17.58 -20.45
N PHE A 206 9.17 -16.83 -21.54
CA PHE A 206 7.88 -16.23 -21.92
C PHE A 206 7.04 -17.26 -22.66
N LEU A 207 7.69 -18.29 -23.20
CA LEU A 207 6.94 -19.34 -23.85
C LEU A 207 6.19 -20.20 -22.79
N LYS A 208 5.15 -20.91 -23.21
CA LYS A 208 4.45 -21.86 -22.39
C LYS A 208 5.36 -22.97 -22.04
N PRO A 209 5.29 -23.50 -20.82
CA PRO A 209 6.20 -24.55 -20.35
C PRO A 209 6.05 -25.85 -21.11
N PHE A 210 4.82 -26.20 -21.51
CA PHE A 210 4.57 -27.53 -22.08
C PHE A 210 3.89 -27.47 -23.46
N GLN A 211 3.69 -28.64 -24.06
CA GLN A 211 3.21 -28.75 -25.42
C GLN A 211 1.81 -29.37 -25.48
N SER A 212 1.73 -30.67 -25.75
CA SER A 212 0.42 -31.30 -25.93
C SER A 212 -0.15 -31.97 -24.69
N LEU A 213 -1.39 -31.60 -24.37
CA LEU A 213 -2.11 -32.20 -23.24
C LEU A 213 -3.41 -32.82 -23.78
N ILE A 214 -3.65 -34.08 -23.43
CA ILE A 214 -4.87 -34.73 -23.86
C ILE A 214 -5.66 -35.15 -22.66
N PHE A 215 -6.88 -34.64 -22.53
CA PHE A 215 -7.81 -35.08 -21.51
C PHE A 215 -8.49 -36.34 -22.07
N LEU A 216 -8.03 -37.50 -21.64
CA LEU A 216 -8.64 -38.75 -22.05
C LEU A 216 -9.67 -39.17 -20.99
N VAL A 217 -10.94 -39.14 -21.38
CA VAL A 217 -12.03 -39.53 -20.48
C VAL A 217 -12.43 -40.98 -20.68
N ARG A 218 -12.07 -41.82 -19.73
CA ARG A 218 -12.43 -43.24 -19.74
C ARG A 218 -13.86 -43.37 -19.30
N ASP A 219 -14.57 -44.37 -19.84
CA ASP A 219 -15.94 -44.67 -19.44
C ASP A 219 -16.86 -43.48 -19.60
N TRP A 220 -16.68 -42.74 -20.68
CA TRP A 220 -17.61 -41.68 -21.02
C TRP A 220 -18.96 -42.34 -21.25
N SER A 221 -19.98 -41.84 -20.56
CA SER A 221 -21.26 -42.52 -20.48
C SER A 221 -22.37 -41.82 -21.27
N PHE A 222 -22.04 -40.69 -21.90
CA PHE A 222 -23.06 -39.86 -22.56
C PHE A 222 -22.81 -39.52 -24.02
N PRO A 223 -22.70 -40.55 -24.87
CA PRO A 223 -22.46 -40.34 -26.32
C PRO A 223 -23.61 -39.58 -27.01
N TYR A 224 -24.79 -39.65 -26.40
CA TYR A 224 -25.93 -38.92 -26.93
C TYR A 224 -25.83 -37.40 -26.76
N GLU A 225 -24.90 -36.96 -25.92
CA GLU A 225 -24.70 -35.56 -25.60
C GLU A 225 -23.41 -35.05 -26.27
N PHE A 226 -22.33 -35.78 -26.06
CA PHE A 226 -21.08 -35.55 -26.78
C PHE A 226 -20.56 -36.88 -27.29
N SER A 227 -20.32 -36.96 -28.59
CA SER A 227 -19.92 -38.21 -29.21
C SER A 227 -18.60 -38.73 -28.64
N TYR A 228 -18.43 -40.05 -28.65
CA TYR A 228 -17.15 -40.70 -28.40
C TYR A 228 -16.09 -40.14 -29.36
N GLY A 229 -14.84 -40.13 -28.95
CA GLY A 229 -13.80 -39.61 -29.81
C GLY A 229 -13.41 -38.16 -29.60
N ALA A 230 -12.66 -37.64 -30.58
CA ALA A 230 -12.04 -36.31 -30.52
C ALA A 230 -12.95 -35.13 -30.80
N ASP A 231 -13.90 -35.28 -31.71
CA ASP A 231 -14.82 -34.20 -32.04
CA ASP A 231 -14.81 -34.19 -32.03
C ASP A 231 -15.77 -33.90 -30.90
N GLY A 232 -16.41 -34.94 -30.37
CA GLY A 232 -17.28 -34.79 -29.22
C GLY A 232 -16.47 -34.35 -28.03
N GLY A 233 -15.26 -34.91 -27.89
CA GLY A 233 -14.37 -34.56 -26.80
C GLY A 233 -14.01 -33.08 -26.81
N ALA A 234 -13.61 -32.59 -27.98
CA ALA A 234 -13.24 -31.21 -28.18
C ALA A 234 -14.36 -30.26 -27.78
N LYS A 235 -15.58 -30.58 -28.20
CA LYS A 235 -16.75 -29.78 -27.87
C LYS A 235 -17.02 -29.81 -26.36
N PHE A 236 -16.88 -30.98 -25.79
CA PHE A 236 -17.02 -31.16 -24.35
C PHE A 236 -16.00 -30.38 -23.55
N LEU A 237 -14.73 -30.44 -23.98
CA LEU A 237 -13.68 -29.72 -23.28
C LEU A 237 -13.79 -28.20 -23.39
N GLU A 238 -14.17 -27.69 -24.55
CA GLU A 238 -14.39 -26.25 -24.75
C GLU A 238 -15.50 -25.72 -23.86
N LYS A 239 -16.51 -26.53 -23.58
CA LYS A 239 -17.56 -26.13 -22.66
C LYS A 239 -17.00 -26.11 -21.24
N ARG A 240 -16.14 -27.08 -20.86
CA ARG A 240 -15.65 -27.23 -19.47
C ARG A 240 -14.52 -26.27 -19.07
N LEU A 241 -13.67 -25.94 -20.03
CA LEU A 241 -12.55 -25.04 -19.84
C LEU A 241 -12.89 -23.59 -20.22
N LYS A 242 -14.16 -23.33 -20.53
CA LYS A 242 -14.54 -22.00 -20.97
C LYS A 242 -14.36 -20.96 -19.87
N VAL A 243 -13.78 -19.83 -20.27
CA VAL A 243 -13.65 -18.72 -19.37
C VAL A 243 -14.55 -17.63 -19.86
N SER A 244 -15.40 -17.11 -19.00
CA SER A 244 -16.29 -16.05 -19.40
C SER A 244 -16.31 -14.91 -18.34
N GLY A 245 -16.85 -13.76 -18.70
CA GLY A 245 -16.89 -12.61 -17.79
C GLY A 245 -17.58 -12.78 -16.46
N ASN A 246 -18.75 -13.45 -16.44
CA ASN A 246 -19.53 -13.65 -15.20
C ASN A 246 -19.13 -14.92 -14.42
N GLN A 247 -18.09 -15.61 -14.87
CA GLN A 247 -17.66 -16.80 -14.19
C GLN A 247 -16.82 -16.36 -13.00
N HIS A 248 -17.07 -16.97 -11.85
CA HIS A 248 -16.36 -16.62 -10.63
C HIS A 248 -14.83 -16.78 -10.78
N GLU A 249 -14.04 -15.85 -10.23
CA GLU A 249 -12.58 -15.87 -10.45
C GLU A 249 -11.89 -17.18 -10.14
N GLU A 250 -12.32 -17.82 -9.06
CA GLU A 250 -11.78 -19.12 -8.72
C GLU A 250 -11.96 -20.08 -9.90
N LEU A 251 -13.12 -20.06 -10.54
CA LEU A 251 -13.36 -20.86 -11.73
C LEU A 251 -12.52 -20.38 -12.92
N GLN A 252 -12.44 -19.07 -13.09
CA GLN A 252 -11.65 -18.52 -14.20
C GLN A 252 -10.18 -18.91 -14.05
N ASN A 253 -9.67 -18.81 -12.83
CA ASN A 253 -8.23 -18.87 -12.62
C ASN A 253 -7.62 -20.23 -12.89
N VAL A 254 -8.30 -21.28 -12.44
CA VAL A 254 -7.81 -22.65 -12.65
C VAL A 254 -7.80 -22.94 -14.17
N ARG A 255 -8.78 -22.41 -14.88
CA ARG A 255 -8.86 -22.53 -16.34
C ARG A 255 -7.74 -21.76 -17.09
N LYS A 256 -7.52 -20.49 -16.72
CA LYS A 256 -6.48 -19.66 -17.32
C LYS A 256 -5.14 -20.33 -17.08
N HIS A 257 -4.97 -20.90 -15.89
CA HIS A 257 -3.72 -21.59 -15.60
C HIS A 257 -3.45 -22.71 -16.58
N ILE A 258 -4.47 -23.54 -16.83
CA ILE A 258 -4.31 -24.65 -17.76
C ILE A 258 -4.04 -24.16 -19.19
N HIS A 259 -4.73 -23.12 -19.65
CA HIS A 259 -4.48 -22.55 -20.98
C HIS A 259 -3.05 -22.03 -21.15
N SER A 260 -2.53 -21.43 -20.10
CA SER A 260 -1.24 -20.82 -20.16
C SER A 260 -0.10 -21.83 -20.13
N CYS A 261 -0.41 -23.04 -19.65
CA CYS A 261 0.62 -24.07 -19.56
C CYS A 261 0.97 -24.84 -20.81
N PHE A 262 -0.03 -25.11 -21.62
CA PHE A 262 0.11 -26.03 -22.71
C PHE A 262 -0.17 -25.35 -24.04
N THR A 263 0.61 -25.70 -25.05
CA THR A 263 0.42 -25.18 -26.39
C THR A 263 -0.85 -25.71 -27.04
N ASN A 264 -1.07 -27.02 -26.92
CA ASN A 264 -2.23 -27.69 -27.55
C ASN A 264 -3.01 -28.51 -26.55
N ILE A 265 -4.29 -28.22 -26.41
CA ILE A 265 -5.12 -28.95 -25.47
C ILE A 265 -6.27 -29.61 -26.20
N SER A 266 -6.37 -30.94 -26.05
CA SER A 266 -7.44 -31.68 -26.68
C SER A 266 -8.10 -32.67 -25.72
N CYS A 267 -9.18 -33.26 -26.20
CA CYS A 267 -9.95 -34.19 -25.40
C CYS A 267 -10.49 -35.35 -26.24
N PHE A 268 -10.37 -36.56 -25.71
CA PHE A 268 -10.93 -37.75 -26.34
C PHE A 268 -11.86 -38.50 -25.38
N LEU A 269 -13.07 -38.78 -25.84
CA LEU A 269 -14.01 -39.49 -25.02
C LEU A 269 -14.05 -40.97 -25.36
N LEU A 270 -13.67 -41.81 -24.42
CA LEU A 270 -13.60 -43.21 -24.68
C LEU A 270 -14.73 -43.94 -24.02
N PRO A 271 -15.39 -44.87 -24.75
CA PRO A 271 -16.46 -45.62 -24.08
C PRO A 271 -15.93 -46.62 -23.03
N HIS A 272 -16.80 -47.07 -22.14
CA HIS A 272 -16.50 -48.18 -21.22
C HIS A 272 -16.09 -49.45 -22.05
N PRO A 273 -15.04 -50.18 -21.60
CA PRO A 273 -14.62 -51.36 -22.35
C PRO A 273 -15.47 -52.59 -22.05
N GLY A 274 -16.51 -52.47 -21.22
CA GLY A 274 -17.35 -53.61 -20.84
C GLY A 274 -16.97 -54.15 -19.47
N LEU A 275 -17.94 -54.74 -18.76
CA LEU A 275 -17.71 -55.20 -17.38
C LEU A 275 -16.72 -56.38 -17.22
N LYS A 276 -16.55 -57.12 -18.29
CA LYS A 276 -15.53 -58.17 -18.24
C LYS A 276 -14.15 -57.56 -18.03
N VAL A 277 -13.82 -56.53 -18.79
CA VAL A 277 -12.53 -55.82 -18.63
C VAL A 277 -12.40 -55.27 -17.22
N ALA A 278 -13.48 -54.68 -16.72
CA ALA A 278 -13.55 -54.07 -15.40
C ALA A 278 -13.54 -55.07 -14.22
N THR A 279 -14.21 -56.21 -14.39
CA THR A 279 -14.55 -57.01 -13.24
C THR A 279 -14.00 -58.44 -13.21
N ASN A 280 -13.58 -58.94 -14.34
CA ASN A 280 -13.18 -60.28 -14.41
C ASN A 280 -11.73 -60.45 -13.99
N PRO A 281 -11.48 -61.19 -12.88
CA PRO A 281 -10.10 -61.40 -12.38
C PRO A 281 -9.27 -62.19 -13.37
N ASN A 282 -9.93 -62.88 -14.29
CA ASN A 282 -9.11 -63.65 -15.27
C ASN A 282 -8.77 -62.92 -16.55
N PHE A 283 -9.42 -61.79 -16.80
CA PHE A 283 -9.12 -61.05 -18.04
C PHE A 283 -7.65 -60.62 -18.26
N ASP A 284 -7.05 -60.96 -19.41
CA ASP A 284 -5.61 -60.71 -19.52
C ASP A 284 -5.42 -59.80 -20.79
N GLY A 285 -6.48 -59.15 -21.26
CA GLY A 285 -6.35 -58.31 -22.45
C GLY A 285 -6.70 -58.71 -23.88
N LYS A 286 -7.31 -59.87 -24.06
CA LYS A 286 -7.74 -60.35 -25.36
C LYS A 286 -8.86 -59.47 -25.88
N LEU A 287 -8.67 -59.00 -27.12
CA LEU A 287 -9.60 -58.09 -27.74
C LEU A 287 -10.97 -58.68 -27.82
N LYS A 288 -11.00 -60.02 -27.94
CA LYS A 288 -12.33 -60.72 -27.97
C LYS A 288 -13.20 -60.49 -26.75
N GLU A 289 -12.60 -60.11 -25.64
CA GLU A 289 -13.32 -59.83 -24.40
C GLU A 289 -13.68 -58.36 -24.15
N ILE A 290 -13.31 -57.48 -25.09
CA ILE A 290 -13.48 -56.03 -24.96
C ILE A 290 -14.67 -55.61 -25.86
N ASP A 291 -15.53 -54.74 -25.38
CA ASP A 291 -16.67 -54.30 -26.17
C ASP A 291 -16.24 -53.71 -27.51
N ASP A 292 -16.95 -54.05 -28.58
CA ASP A 292 -16.54 -53.58 -29.90
C ASP A 292 -16.57 -52.04 -30.03
N GLU A 293 -17.50 -51.34 -29.41
CA GLU A 293 -17.44 -49.89 -29.54
C GLU A 293 -16.15 -49.28 -28.89
N PHE A 294 -15.68 -49.86 -27.80
CA PHE A 294 -14.40 -49.47 -27.26
C PHE A 294 -13.27 -49.72 -28.25
N ILE A 295 -13.24 -50.90 -28.86
CA ILE A 295 -12.16 -51.24 -29.81
C ILE A 295 -12.18 -50.27 -30.98
N LYS A 296 -13.36 -49.99 -31.51
CA LYS A 296 -13.51 -49.04 -32.61
C LYS A 296 -12.94 -47.63 -32.29
N ASN A 297 -13.21 -47.13 -31.09
CA ASN A 297 -12.68 -45.82 -30.68
C ASN A 297 -11.21 -45.86 -30.32
N LEU A 298 -10.75 -46.98 -29.75
CA LEU A 298 -9.32 -47.20 -29.44
C LEU A 298 -8.45 -47.15 -30.72
N LYS A 299 -8.95 -47.71 -31.81
CA LYS A 299 -8.22 -47.74 -33.06
C LYS A 299 -8.06 -46.38 -33.70
N ILE A 300 -9.01 -45.52 -33.42
CA ILE A 300 -8.92 -44.09 -33.75
C ILE A 300 -7.98 -43.34 -32.82
N LEU A 301 -8.10 -43.59 -31.51
CA LEU A 301 -7.33 -42.87 -30.48
C LEU A 301 -5.82 -42.94 -30.61
N ILE A 302 -5.31 -44.15 -30.77
CA ILE A 302 -3.87 -44.39 -30.75
C ILE A 302 -3.14 -43.67 -31.91
N PRO A 303 -3.61 -43.88 -33.17
CA PRO A 303 -2.98 -43.17 -34.29
C PRO A 303 -3.18 -41.66 -34.15
N TRP A 304 -4.30 -41.26 -33.59
CA TRP A 304 -4.56 -39.84 -33.32
C TRP A 304 -3.50 -39.24 -32.37
N LEU A 305 -3.07 -40.05 -31.42
CA LEU A 305 -1.94 -39.75 -30.57
C LEU A 305 -0.59 -39.88 -31.25
N LEU A 306 -0.40 -40.98 -31.96
CA LEU A 306 0.95 -41.43 -32.27
C LEU A 306 1.40 -41.64 -33.74
N SER A 307 0.51 -41.39 -34.71
CA SER A 307 0.88 -41.49 -36.14
C SER A 307 2.01 -40.49 -36.41
N PRO A 308 2.82 -40.78 -37.45
CA PRO A 308 3.97 -39.92 -37.79
C PRO A 308 3.63 -38.43 -37.93
N GLU A 309 2.49 -38.16 -38.58
CA GLU A 309 2.08 -36.78 -38.73
C GLU A 309 1.75 -36.15 -37.36
N SER A 310 1.39 -37.00 -36.39
CA SER A 310 1.01 -36.51 -35.05
C SER A 310 2.16 -36.40 -34.03
N LEU A 311 3.33 -36.92 -34.36
CA LEU A 311 4.39 -37.01 -33.35
C LEU A 311 5.03 -35.65 -33.03
N ASP A 312 4.68 -35.09 -31.87
CA ASP A 312 5.22 -33.79 -31.44
C ASP A 312 6.62 -33.91 -30.91
N ILE A 313 7.55 -33.23 -31.54
CA ILE A 313 8.92 -33.24 -31.06
C ILE A 313 9.06 -32.37 -29.82
N LYS A 314 9.76 -32.92 -28.83
CA LYS A 314 9.96 -32.22 -27.58
C LYS A 314 10.68 -30.89 -27.76
N GLU A 315 10.13 -29.83 -27.18
CA GLU A 315 10.75 -28.53 -27.21
C GLU A 315 10.94 -28.02 -25.80
N ILE A 316 12.15 -27.62 -25.47
CA ILE A 316 12.39 -26.95 -24.19
C ILE A 316 12.99 -25.57 -24.47
N ASN A 317 12.35 -24.53 -23.92
CA ASN A 317 12.69 -23.14 -24.22
C ASN A 317 12.62 -22.81 -25.71
N GLY A 318 11.60 -23.37 -26.36
CA GLY A 318 11.33 -23.18 -27.77
C GLY A 318 12.29 -23.87 -28.72
N ASN A 319 13.16 -24.73 -28.18
CA ASN A 319 14.13 -25.51 -28.96
C ASN A 319 13.92 -27.02 -28.94
N LYS A 320 13.96 -27.62 -30.12
CA LYS A 320 13.80 -29.05 -30.24
C LYS A 320 14.97 -29.77 -29.57
N ILE A 321 14.66 -30.84 -28.85
CA ILE A 321 15.57 -31.50 -27.96
C ILE A 321 15.88 -32.90 -28.50
N THR A 322 17.14 -33.32 -28.35
CA THR A 322 17.53 -34.68 -28.70
C THR A 322 17.42 -35.63 -27.53
N CYS A 323 17.56 -36.93 -27.78
CA CYS A 323 17.53 -37.85 -26.67
C CYS A 323 18.61 -37.53 -25.63
N ARG A 324 19.85 -37.21 -26.04
CA ARG A 324 20.89 -36.87 -25.06
C ARG A 324 20.50 -35.62 -24.25
N GLY A 325 19.97 -34.60 -24.93
CA GLY A 325 19.53 -33.40 -24.25
C GLY A 325 18.40 -33.71 -23.26
N LEU A 326 17.51 -34.65 -23.59
CA LEU A 326 16.41 -35.00 -22.71
C LEU A 326 16.93 -35.65 -21.44
N VAL A 327 17.93 -36.49 -21.59
CA VAL A 327 18.56 -37.10 -20.43
C VAL A 327 19.17 -36.00 -19.54
N GLU A 328 19.78 -34.98 -20.14
CA GLU A 328 20.36 -33.84 -19.41
CA GLU A 328 20.37 -33.91 -19.33
C GLU A 328 19.33 -33.07 -18.59
N TYR A 329 18.21 -32.73 -19.23
CA TYR A 329 17.14 -32.06 -18.50
C TYR A 329 16.53 -32.94 -17.41
N PHE A 330 16.39 -34.23 -17.67
CA PHE A 330 15.85 -35.17 -16.70
C PHE A 330 16.69 -35.23 -15.42
N LYS A 331 18.01 -35.31 -15.55
CA LYS A 331 18.89 -35.32 -14.40
C LYS A 331 18.78 -34.06 -13.57
N ALA A 332 18.78 -32.94 -14.28
CA ALA A 332 18.73 -31.63 -13.66
C ALA A 332 17.41 -31.37 -12.91
N TYR A 333 16.28 -31.73 -13.52
CA TYR A 333 14.97 -31.54 -12.89
C TYR A 333 14.85 -32.42 -11.61
N ILE A 334 15.30 -33.66 -11.71
CA ILE A 334 15.22 -34.59 -10.58
C ILE A 334 15.99 -34.07 -9.38
N LYS A 335 17.15 -33.50 -9.67
CA LYS A 335 18.01 -32.90 -8.69
C LYS A 335 17.24 -31.82 -7.88
N ILE A 336 16.43 -30.99 -8.53
CA ILE A 336 15.63 -29.96 -7.86
C ILE A 336 14.55 -30.58 -6.91
N TYR A 337 13.88 -31.64 -7.38
CA TYR A 337 12.88 -32.37 -6.58
C TYR A 337 13.51 -33.16 -5.44
N GLN A 338 14.77 -33.57 -5.60
CA GLN A 338 15.51 -34.22 -4.52
C GLN A 338 15.96 -33.21 -3.45
N GLY A 339 16.09 -31.94 -3.86
CA GLY A 339 16.51 -30.90 -2.94
C GLY A 339 15.40 -30.32 -2.10
N GLU A 340 15.64 -29.19 -1.48
CA GLU A 340 14.62 -28.55 -0.64
C GLU A 340 14.31 -27.12 -1.01
N GLU A 341 14.65 -26.71 -2.23
CA GLU A 341 14.31 -25.38 -2.72
C GLU A 341 12.85 -25.13 -2.99
N LEU A 342 12.14 -26.15 -3.43
CA LEU A 342 10.73 -26.00 -3.72
C LEU A 342 9.88 -26.04 -2.46
N PRO A 343 8.75 -25.30 -2.47
CA PRO A 343 7.76 -25.40 -1.40
C PRO A 343 7.17 -26.82 -1.39
N HIS A 344 6.77 -27.35 -0.25
CA HIS A 344 6.14 -28.67 -0.20
C HIS A 344 4.69 -28.61 -0.66
N PRO A 345 4.31 -29.50 -1.58
CA PRO A 345 2.88 -29.62 -1.88
C PRO A 345 2.04 -29.99 -0.63
N LYS A 346 0.89 -29.34 -0.44
CA LYS A 346 0.07 -29.59 0.71
C LYS A 346 -1.40 -29.74 0.38
N SER A 347 -2.12 -30.46 1.24
CA SER A 347 -3.57 -30.64 1.11
C SER A 347 -4.27 -29.33 1.40
N MSE A 348 -5.54 -29.26 1.02
CA MSE A 348 -6.33 -28.06 1.27
C MSE A 348 -6.37 -27.71 2.75
O MSE A 348 -6.17 -26.56 3.10
CB MSE A 348 -7.74 -28.25 0.77
CG MSE A 348 -7.83 -28.11 -0.71
SE MSE A 348 -9.68 -28.37 -1.26
CE MSE A 348 -9.79 -30.27 -0.85
N LEU A 349 -6.62 -28.68 3.60
CA LEU A 349 -6.74 -28.38 5.00
C LEU A 349 -5.40 -27.87 5.54
N GLN A 350 -4.34 -28.61 5.25
CA GLN A 350 -3.04 -28.22 5.78
C GLN A 350 -2.60 -26.81 5.34
N ALA A 351 -2.66 -26.55 4.03
CA ALA A 351 -2.25 -25.26 3.47
C ALA A 351 -3.15 -24.09 3.93
N THR A 352 -4.47 -24.32 3.94
CA THR A 352 -5.40 -23.28 4.37
C THR A 352 -5.22 -22.99 5.87
N ALA A 353 -4.98 -24.01 6.69
CA ALA A 353 -4.74 -23.84 8.13
C ALA A 353 -3.52 -22.94 8.42
N GLU A 354 -2.45 -23.21 7.69
CA GLU A 354 -1.24 -22.40 7.76
C GLU A 354 -1.47 -20.96 7.36
N ALA A 355 -2.18 -20.78 6.25
CA ALA A 355 -2.47 -19.46 5.72
C ALA A 355 -3.27 -18.66 6.73
N ASN A 356 -4.30 -19.29 7.29
CA ASN A 356 -5.13 -18.61 8.26
C ASN A 356 -4.34 -18.16 9.47
N ASN A 357 -3.49 -19.04 9.97
CA ASN A 357 -2.72 -18.73 11.15
C ASN A 357 -1.67 -17.64 11.00
N LEU A 358 -0.93 -17.74 9.90
CA LEU A 358 0.14 -16.81 9.57
C LEU A 358 -0.44 -15.40 9.43
N ALA A 359 -1.57 -15.32 8.73
CA ALA A 359 -2.24 -14.04 8.52
C ALA A 359 -2.72 -13.47 9.84
N ALA A 360 -3.26 -14.33 10.72
CA ALA A 360 -3.76 -13.89 12.02
C ALA A 360 -2.63 -13.45 12.96
N VAL A 361 -1.49 -14.15 12.90
CA VAL A 361 -0.31 -13.75 13.69
C VAL A 361 0.14 -12.35 13.27
N ALA A 362 0.18 -12.11 11.96
CA ALA A 362 0.60 -10.81 11.43
C ALA A 362 -0.34 -9.66 11.86
N THR A 363 -1.65 -9.84 11.79
CA THR A 363 -2.56 -8.81 12.23
C THR A 363 -2.39 -8.56 13.73
N ALA A 364 -2.37 -9.64 14.49
CA ALA A 364 -2.27 -9.54 15.94
C ALA A 364 -1.02 -8.83 16.43
N LYS A 365 0.10 -9.14 15.80
CA LYS A 365 1.38 -8.60 16.17
C LYS A 365 1.44 -7.14 15.76
N ASP A 366 0.93 -6.90 14.57
CA ASP A 366 0.92 -5.60 14.00
C ASP A 366 -0.02 -4.66 14.86
N THR A 367 -1.12 -5.19 15.41
CA THR A 367 -1.99 -4.43 16.32
C THR A 367 -1.23 -4.08 17.61
N TYR A 368 -0.49 -5.05 18.12
CA TYR A 368 0.28 -4.77 19.31
C TYR A 368 1.31 -3.68 19.08
N ASN A 369 2.00 -3.83 17.97
CA ASN A 369 3.08 -2.95 17.61
C ASN A 369 2.59 -1.45 17.44
N LYS A 370 1.44 -1.22 16.76
CA LYS A 370 0.89 0.14 16.52
C LYS A 370 0.58 0.81 17.82
N LYS A 371 -0.04 0.03 18.70
CA LYS A 371 -0.41 0.52 19.99
C LYS A 371 0.79 0.83 20.90
N MSE A 372 1.82 -0.02 20.88
CA MSE A 372 3.02 0.28 21.64
C MSE A 372 3.68 1.54 21.11
O MSE A 372 4.26 2.31 21.89
CB MSE A 372 3.99 -0.90 21.64
CG MSE A 372 3.49 -2.04 22.49
SE MSE A 372 3.53 -1.61 24.46
CE MSE A 372 5.48 -1.42 24.68
N GLU A 373 3.62 1.77 19.79
CA GLU A 373 4.18 2.99 19.23
C GLU A 373 3.58 4.24 19.84
N GLU A 374 2.31 4.19 20.18
CA GLU A 374 1.68 5.34 20.80
C GLU A 374 2.16 5.53 22.23
N ILE A 375 2.85 4.53 22.79
CA ILE A 375 3.21 4.59 24.18
C ILE A 375 4.70 4.88 24.26
N CYS A 376 5.49 4.23 23.43
CA CYS A 376 6.92 4.48 23.52
C CYS A 376 7.67 4.52 22.20
N GLY A 377 7.01 5.03 21.17
CA GLY A 377 7.70 5.40 19.94
C GLY A 377 8.75 6.48 20.20
N GLY A 378 9.56 6.77 19.17
CA GLY A 378 10.67 7.71 19.33
C GLY A 378 10.27 9.13 19.64
N ASP A 379 9.03 9.46 19.33
CA ASP A 379 8.51 10.77 19.58
C ASP A 379 7.70 10.80 20.88
N LYS A 380 7.77 9.76 21.71
CA LYS A 380 6.98 9.71 22.99
C LYS A 380 7.88 9.85 24.21
N PRO A 381 7.35 10.45 25.29
CA PRO A 381 8.16 10.66 26.50
C PRO A 381 8.50 9.35 27.28
N PHE A 382 9.48 9.45 28.17
CA PHE A 382 9.82 8.38 29.07
C PHE A 382 8.57 8.01 29.85
N LEU A 383 8.33 6.72 29.99
CA LEU A 383 7.23 6.18 30.77
C LEU A 383 7.81 5.35 31.91
N ALA A 384 7.31 5.47 33.13
CA ALA A 384 7.88 4.62 34.17
C ALA A 384 7.74 3.15 33.81
N PRO A 385 8.83 2.39 34.02
CA PRO A 385 8.90 0.98 33.57
C PRO A 385 7.79 0.07 34.15
N ASN A 386 7.35 0.27 35.38
CA ASN A 386 6.20 -0.50 35.91
C ASN A 386 4.90 -0.27 35.15
N ASP A 387 4.68 0.99 34.77
CA ASP A 387 3.51 1.34 33.99
C ASP A 387 3.60 0.85 32.55
N LEU A 388 4.80 0.90 31.96
CA LEU A 388 5.02 0.36 30.62
C LEU A 388 4.76 -1.16 30.60
N GLN A 389 5.20 -1.87 31.63
CA GLN A 389 4.98 -3.30 31.69
C GLN A 389 3.45 -3.57 31.80
N THR A 390 2.74 -2.77 32.60
CA THR A 390 1.28 -2.92 32.70
C THR A 390 0.58 -2.74 31.36
N LYS A 391 0.95 -1.71 30.60
CA LYS A 391 0.38 -1.47 29.27
C LYS A 391 0.78 -2.58 28.29
N HIS A 392 2.01 -3.06 28.39
CA HIS A 392 2.41 -4.14 27.50
C HIS A 392 1.57 -5.38 27.72
N LEU A 393 1.39 -5.81 28.97
CA LEU A 393 0.58 -6.97 29.31
C LEU A 393 -0.85 -6.76 28.83
N GLN A 394 -1.34 -5.52 28.92
CA GLN A 394 -2.68 -5.25 28.45
C GLN A 394 -2.76 -5.46 26.96
N LEU A 395 -1.85 -4.83 26.26
CA LEU A 395 -1.83 -4.88 24.82
C LEU A 395 -1.55 -6.28 24.26
N LYS A 396 -0.62 -6.99 24.88
CA LYS A 396 -0.30 -8.36 24.51
C LYS A 396 -1.55 -9.23 24.62
N GLU A 397 -2.23 -9.11 25.75
CA GLU A 397 -3.43 -9.88 25.96
C GLU A 397 -4.50 -9.60 24.92
N GLU A 398 -4.66 -8.33 24.55
CA GLU A 398 -5.64 -7.94 23.53
C GLU A 398 -5.34 -8.60 22.20
N SER A 399 -4.05 -8.64 21.86
CA SER A 399 -3.63 -9.29 20.62
C SER A 399 -3.87 -10.80 20.67
N VAL A 400 -3.67 -11.43 21.82
CA VAL A 400 -3.94 -12.86 21.97
C VAL A 400 -5.42 -13.23 21.85
N LYS A 401 -6.25 -12.43 22.50
CA LYS A 401 -7.68 -12.59 22.45
C LYS A 401 -8.07 -12.32 21.01
N LEU A 402 -7.45 -11.34 20.38
CA LEU A 402 -7.79 -11.07 18.99
C LEU A 402 -7.53 -12.30 18.10
N PHE A 403 -6.34 -12.86 18.25
CA PHE A 403 -5.94 -14.07 17.57
C PHE A 403 -6.82 -15.30 17.88
N ARG A 404 -7.11 -15.53 19.17
CA ARG A 404 -7.88 -16.69 19.57
CA ARG A 404 -7.90 -16.67 19.61
C ARG A 404 -9.26 -16.61 18.93
N GLY A 405 -9.77 -15.39 18.79
CA GLY A 405 -11.09 -15.13 18.23
C GLY A 405 -11.32 -15.33 16.74
N VAL A 406 -10.24 -15.39 15.97
CA VAL A 406 -10.40 -15.58 14.54
C VAL A 406 -10.54 -17.05 14.24
N LYS A 407 -11.62 -17.41 13.56
CA LYS A 407 -11.79 -18.78 13.18
C LYS A 407 -10.88 -19.24 12.08
N LYS A 408 -10.23 -20.36 12.32
CA LYS A 408 -9.33 -20.89 11.37
C LYS A 408 -9.40 -22.42 11.13
N MSE A 409 -9.00 -22.84 9.94
CA MSE A 409 -8.81 -24.25 9.71
C MSE A 409 -7.52 -24.57 10.48
O MSE A 409 -6.67 -23.69 10.56
CB MSE A 409 -8.67 -24.56 8.21
CG MSE A 409 -9.70 -25.45 7.64
SE MSE A 409 -11.24 -24.66 6.75
CE MSE A 409 -12.41 -26.15 6.93
N GLY A 410 -7.32 -25.73 11.08
CA GLY A 410 -8.33 -26.50 11.75
C GLY A 410 -8.29 -26.28 13.26
N GLY A 411 -8.89 -25.18 13.70
CA GLY A 411 -9.10 -24.84 15.09
C GLY A 411 -7.92 -24.56 16.00
N GLU A 412 -8.19 -24.56 17.31
CA GLU A 412 -7.21 -24.25 18.35
C GLU A 412 -6.03 -25.21 18.32
N GLU A 413 -6.33 -26.47 18.02
CA GLU A 413 -5.30 -27.50 18.05
C GLU A 413 -4.17 -27.14 17.09
N PHE A 414 -4.52 -26.89 15.83
CA PHE A 414 -3.55 -26.47 14.82
C PHE A 414 -2.92 -25.10 15.12
N SER A 415 -3.69 -24.23 15.80
CA SER A 415 -3.27 -22.88 16.10
C SER A 415 -2.21 -22.82 17.19
N ARG A 416 -2.12 -23.90 17.93
CA ARG A 416 -1.38 -23.91 19.17
C ARG A 416 0.02 -23.32 19.06
N ARG A 417 0.77 -23.87 18.13
CA ARG A 417 2.14 -23.47 17.88
C ARG A 417 2.25 -22.03 17.33
N TYR A 418 1.23 -21.58 16.61
CA TYR A 418 1.17 -20.19 16.10
C TYR A 418 0.89 -19.17 17.23
N LEU A 419 0.00 -19.54 18.15
CA LEU A 419 -0.31 -18.67 19.26
C LEU A 419 0.95 -18.44 20.12
N GLN A 420 1.69 -19.51 20.41
CA GLN A 420 2.95 -19.40 21.17
C GLN A 420 3.99 -18.58 20.42
N GLN A 421 4.00 -18.70 19.10
CA GLN A 421 4.87 -17.87 18.30
C GLN A 421 4.47 -16.40 18.39
N LEU A 422 3.16 -16.15 18.40
CA LEU A 422 2.67 -14.78 18.48
C LEU A 422 3.16 -14.18 19.81
N GLU A 423 2.93 -14.89 20.91
CA GLU A 423 3.37 -14.46 22.22
C GLU A 423 4.90 -14.32 22.31
N SER A 424 5.63 -15.27 21.74
CA SER A 424 7.08 -15.20 21.78
C SER A 424 7.61 -14.00 20.98
N GLU A 425 6.97 -13.72 19.85
CA GLU A 425 7.36 -12.59 19.04
C GLU A 425 6.98 -11.21 19.59
N ILE A 426 5.85 -11.13 20.28
CA ILE A 426 5.45 -9.91 20.96
C ILE A 426 6.42 -9.57 22.10
N ASP A 427 6.87 -10.59 22.82
CA ASP A 427 7.82 -10.35 23.90
C ASP A 427 9.13 -9.77 23.40
N GLU A 428 9.57 -10.22 22.23
CA GLU A 428 10.75 -9.64 21.57
C GLU A 428 10.57 -8.18 21.25
N LEU A 429 9.42 -7.81 20.71
CA LEU A 429 9.15 -6.40 20.42
C LEU A 429 9.19 -5.61 21.70
N TYR A 430 8.58 -6.17 22.74
CA TYR A 430 8.51 -5.53 24.05
C TYR A 430 9.93 -5.26 24.57
N ILE A 431 10.80 -6.25 24.43
CA ILE A 431 12.20 -6.10 24.82
C ILE A 431 12.93 -4.96 24.08
N GLN A 432 12.71 -4.84 22.78
CA GLN A 432 13.19 -3.72 22.00
C GLN A 432 12.60 -2.40 22.52
N TYR A 433 11.31 -2.38 22.83
CA TYR A 433 10.74 -1.14 23.38
C TYR A 433 11.33 -0.73 24.75
N ILE A 434 11.66 -1.72 25.56
CA ILE A 434 12.23 -1.45 26.86
C ILE A 434 13.55 -0.68 26.70
N LYS A 435 14.37 -1.12 25.75
CA LYS A 435 15.65 -0.46 25.52
C LYS A 435 15.48 0.98 25.10
N HIS A 436 14.50 1.26 24.26
CA HIS A 436 14.19 2.62 23.84
C HIS A 436 13.74 3.45 25.02
N ASN A 437 12.84 2.87 25.80
CA ASN A 437 12.31 3.61 26.91
C ASN A 437 13.41 3.91 27.93
N ASP A 438 14.27 2.94 28.22
CA ASP A 438 15.33 3.15 29.20
C ASP A 438 16.32 4.26 28.77
N SER A 439 16.50 4.48 27.47
CA SER A 439 17.43 5.52 26.97
C SER A 439 16.96 6.95 27.22
N LYS A 440 15.69 7.07 27.66
CA LYS A 440 15.07 8.36 28.02
C LYS A 440 14.84 8.55 29.54
N THR A 441 15.43 7.67 30.35
CA THR A 441 15.13 7.58 31.78
C THR A 441 15.35 8.92 32.50
N ILE A 442 14.40 9.28 33.35
CA ILE A 442 14.48 10.45 34.20
C ILE A 442 14.48 10.01 35.67
N PHE A 443 15.49 10.40 36.43
CA PHE A 443 15.48 10.19 37.89
C PHE A 443 15.78 11.50 38.59
N HIS A 444 14.89 11.92 39.48
CA HIS A 444 15.18 13.08 40.30
C HIS A 444 15.33 12.63 41.73
N ALA A 445 16.42 12.95 42.38
CA ALA A 445 16.55 12.67 43.82
C ALA A 445 15.69 13.66 44.58
N ALA A 446 14.93 13.15 45.55
CA ALA A 446 14.06 13.96 46.39
C ALA A 446 13.76 13.31 47.74
N ARG A 447 13.74 14.10 48.80
CA ARG A 447 13.49 13.56 50.14
C ARG A 447 12.02 13.12 50.29
N LYS B 32 -50.04 -34.35 -1.94
CA LYS B 32 -49.04 -35.18 -2.59
C LYS B 32 -47.57 -35.02 -2.20
N ALA B 33 -46.88 -36.14 -1.92
CA ALA B 33 -45.55 -36.02 -1.35
C ALA B 33 -44.60 -35.69 -2.50
N GLY B 34 -43.57 -34.88 -2.22
CA GLY B 34 -42.64 -34.47 -3.26
C GLY B 34 -41.38 -33.81 -2.70
N PRO B 35 -40.43 -33.51 -3.58
CA PRO B 35 -39.17 -32.86 -3.19
C PRO B 35 -39.38 -31.36 -2.89
N VAL B 36 -38.74 -30.86 -1.86
CA VAL B 36 -38.83 -29.45 -1.49
C VAL B 36 -37.46 -28.78 -1.39
N GLN B 37 -37.29 -27.68 -2.12
CA GLN B 37 -36.03 -27.00 -2.09
C GLN B 37 -35.98 -26.23 -0.81
N VAL B 38 -35.00 -26.56 0.02
CA VAL B 38 -34.90 -26.03 1.35
C VAL B 38 -33.71 -25.07 1.53
N LEU B 39 -32.54 -25.48 1.03
CA LEU B 39 -31.39 -24.58 0.93
C LEU B 39 -31.15 -24.22 -0.53
N ILE B 40 -31.17 -22.94 -0.87
CA ILE B 40 -30.96 -22.47 -2.24
C ILE B 40 -29.60 -21.82 -2.42
N VAL B 41 -28.89 -22.25 -3.44
CA VAL B 41 -27.65 -21.58 -3.77
C VAL B 41 -27.95 -20.68 -4.96
N LYS B 42 -27.77 -19.37 -4.77
CA LYS B 42 -27.99 -18.32 -5.78
C LYS B 42 -26.90 -18.27 -6.83
N ASP B 43 -27.12 -17.53 -7.92
CA ASP B 43 -26.06 -17.40 -8.97
C ASP B 43 -24.84 -16.62 -8.53
N ASP B 44 -24.98 -15.76 -7.52
CA ASP B 44 -23.81 -15.04 -7.02
C ASP B 44 -23.10 -15.81 -5.91
N HIS B 45 -23.44 -17.09 -5.77
CA HIS B 45 -22.76 -17.95 -4.81
C HIS B 45 -23.11 -17.68 -3.32
N SER B 46 -24.23 -17.01 -3.07
CA SER B 46 -24.77 -16.83 -1.73
C SER B 46 -25.81 -17.91 -1.43
N PHE B 47 -26.22 -18.01 -0.17
CA PHE B 47 -27.17 -19.06 0.27
C PHE B 47 -28.44 -18.52 0.94
N GLU B 48 -29.59 -19.05 0.54
CA GLU B 48 -30.86 -18.76 1.17
C GLU B 48 -31.58 -19.97 1.66
N LEU B 49 -32.14 -19.84 2.85
CA LEU B 49 -32.97 -20.87 3.42
C LEU B 49 -34.41 -20.55 3.21
N ASP B 50 -35.15 -21.49 2.65
CA ASP B 50 -36.58 -21.30 2.58
C ASP B 50 -37.18 -21.76 3.92
N GLU B 51 -37.32 -20.85 4.88
CA GLU B 51 -37.81 -21.23 6.22
C GLU B 51 -39.26 -21.61 6.17
N THR B 52 -40.05 -20.91 5.37
CA THR B 52 -41.46 -21.22 5.29
C THR B 52 -41.59 -22.67 4.89
N ALA B 53 -40.88 -23.09 3.85
CA ALA B 53 -40.97 -24.48 3.40
C ALA B 53 -40.48 -25.48 4.47
N LEU B 54 -39.37 -25.13 5.12
CA LEU B 54 -38.79 -25.97 6.17
C LEU B 54 -39.71 -26.12 7.36
N ASN B 55 -40.32 -25.02 7.79
CA ASN B 55 -41.26 -25.00 8.92
C ASN B 55 -42.54 -25.79 8.64
N ARG B 56 -43.02 -25.68 7.40
CA ARG B 56 -44.24 -26.34 6.94
C ARG B 56 -44.08 -27.86 7.06
N ILE B 57 -42.88 -28.35 6.78
CA ILE B 57 -42.54 -29.78 6.89
C ILE B 57 -42.15 -30.27 8.30
N LEU B 58 -41.21 -29.60 8.93
CA LEU B 58 -40.67 -30.09 10.20
C LEU B 58 -41.34 -29.58 11.45
N LEU B 59 -42.15 -28.53 11.32
CA LEU B 59 -42.79 -27.92 12.48
C LEU B 59 -44.29 -28.27 12.57
N SER B 60 -44.73 -29.15 11.68
CA SER B 60 -46.12 -29.62 11.68
C SER B 60 -46.39 -30.34 13.01
N GLU B 61 -47.63 -30.25 13.46
CA GLU B 61 -48.05 -30.70 14.77
C GLU B 61 -47.73 -32.20 14.95
N ALA B 62 -47.87 -33.00 13.90
CA ALA B 62 -47.60 -34.45 13.97
C ALA B 62 -46.14 -34.84 14.18
N VAL B 63 -45.20 -34.00 13.74
CA VAL B 63 -43.78 -34.39 13.75
C VAL B 63 -42.86 -33.53 14.59
N ARG B 64 -43.35 -32.34 14.89
CA ARG B 64 -42.56 -31.27 15.45
C ARG B 64 -41.83 -31.68 16.73
N ASP B 65 -42.48 -32.46 17.60
CA ASP B 65 -41.88 -32.85 18.89
C ASP B 65 -41.27 -34.25 18.92
N LYS B 66 -41.28 -34.93 17.80
CA LYS B 66 -40.72 -36.26 17.68
C LYS B 66 -39.21 -36.20 17.46
N GLU B 67 -38.50 -37.13 18.11
CA GLU B 67 -37.07 -37.28 17.90
C GLU B 67 -36.80 -37.67 16.44
N VAL B 68 -35.73 -37.10 15.88
CA VAL B 68 -35.55 -37.10 14.44
C VAL B 68 -34.35 -37.92 13.99
N VAL B 69 -34.55 -38.63 12.90
CA VAL B 69 -33.50 -39.32 12.16
C VAL B 69 -33.38 -38.62 10.79
N ALA B 70 -32.19 -38.16 10.48
CA ALA B 70 -31.91 -37.40 9.25
C ALA B 70 -30.93 -38.16 8.37
N VAL B 71 -31.37 -38.49 7.16
CA VAL B 71 -30.52 -39.25 6.27
C VAL B 71 -30.14 -38.41 5.09
N SER B 72 -28.85 -38.39 4.77
CA SER B 72 -28.32 -37.57 3.69
C SER B 72 -27.39 -38.38 2.77
N VAL B 73 -27.33 -37.98 1.51
CA VAL B 73 -26.36 -38.50 0.57
C VAL B 73 -25.53 -37.33 0.01
N ALA B 74 -24.21 -37.47 -0.06
CA ALA B 74 -23.40 -36.35 -0.54
C ALA B 74 -22.13 -36.85 -1.21
N GLY B 75 -21.55 -36.06 -2.11
CA GLY B 75 -20.38 -36.50 -2.82
C GLY B 75 -20.34 -35.90 -4.21
N ALA B 76 -19.41 -36.39 -5.03
CA ALA B 76 -19.24 -35.85 -6.37
C ALA B 76 -20.51 -35.82 -7.20
N PHE B 77 -20.64 -34.84 -8.05
CA PHE B 77 -21.79 -34.74 -8.91
C PHE B 77 -21.83 -35.85 -9.95
N ARG B 78 -23.03 -36.15 -10.43
CA ARG B 78 -23.28 -37.16 -11.45
C ARG B 78 -22.91 -38.59 -11.06
N LYS B 79 -23.06 -38.95 -9.79
CA LYS B 79 -22.68 -40.29 -9.36
C LYS B 79 -23.87 -41.11 -8.83
N GLY B 80 -25.09 -40.66 -9.10
CA GLY B 80 -26.25 -41.44 -8.70
C GLY B 80 -26.74 -41.30 -7.29
N LYS B 81 -26.53 -40.15 -6.68
CA LYS B 81 -27.04 -39.87 -5.36
C LYS B 81 -28.58 -39.85 -5.28
N SER B 82 -29.18 -39.07 -6.17
CA SER B 82 -30.63 -38.94 -6.18
C SER B 82 -31.33 -40.26 -6.53
N PHE B 83 -30.73 -40.99 -7.47
CA PHE B 83 -31.23 -42.29 -7.96
C PHE B 83 -31.30 -43.24 -6.78
N LEU B 84 -30.20 -43.33 -6.04
CA LEU B 84 -30.16 -44.13 -4.84
C LEU B 84 -31.24 -43.73 -3.85
N MSE B 85 -31.34 -42.44 -3.59
CA MSE B 85 -32.29 -41.94 -2.63
C MSE B 85 -33.73 -42.26 -2.97
O MSE B 85 -34.57 -42.45 -2.09
CB MSE B 85 -32.12 -40.46 -2.44
CG MSE B 85 -32.90 -39.99 -1.21
SE MSE B 85 -31.78 -39.50 0.24
CE MSE B 85 -30.60 -38.46 -0.91
N ASP B 86 -34.02 -42.31 -4.25
CA ASP B 86 -35.36 -42.65 -4.66
C ASP B 86 -35.71 -44.11 -4.33
N PHE B 87 -34.71 -44.99 -4.36
CA PHE B 87 -34.88 -46.33 -3.86
C PHE B 87 -35.07 -46.32 -2.34
N MSE B 88 -34.39 -45.42 -1.64
CA MSE B 88 -34.67 -45.24 -0.21
C MSE B 88 -36.12 -44.81 0.02
O MSE B 88 -36.74 -45.22 1.00
CB MSE B 88 -33.70 -44.25 0.42
CG MSE B 88 -32.27 -44.73 0.43
SE MSE B 88 -31.00 -43.39 1.15
CE MSE B 88 -31.97 -42.73 2.64
N LEU B 89 -36.67 -43.97 -0.86
CA LEU B 89 -38.08 -43.60 -0.72
C LEU B 89 -39.00 -44.83 -0.86
N ARG B 90 -38.74 -45.70 -1.85
CA ARG B 90 -39.53 -46.92 -2.01
C ARG B 90 -39.52 -47.79 -0.75
N TYR B 91 -38.36 -47.96 -0.15
CA TYR B 91 -38.27 -48.73 1.08
C TYR B 91 -39.08 -48.05 2.17
N MSE B 92 -38.96 -46.74 2.28
CA MSE B 92 -39.67 -45.99 3.33
C MSE B 92 -41.20 -46.09 3.25
O MSE B 92 -41.88 -46.22 4.28
CB MSE B 92 -39.19 -44.55 3.37
CG MSE B 92 -37.74 -44.47 3.81
SE MSE B 92 -37.40 -44.87 5.69
CE MSE B 92 -37.35 -46.73 5.84
N TYR B 93 -41.74 -46.02 2.05
CA TYR B 93 -43.18 -46.19 1.88
C TYR B 93 -43.59 -47.65 2.14
N ASN B 94 -42.81 -48.60 1.64
CA ASN B 94 -43.26 -50.00 1.61
C ASN B 94 -42.44 -50.95 2.49
N GLN B 95 -41.87 -50.50 3.61
CA GLN B 95 -40.94 -51.36 4.35
C GLN B 95 -41.48 -52.73 4.81
N GLU B 96 -42.79 -52.85 4.98
CA GLU B 96 -43.43 -54.04 5.55
C GLU B 96 -43.47 -55.18 4.53
N SER B 97 -43.50 -54.82 3.25
CA SER B 97 -43.52 -55.82 2.18
C SER B 97 -42.09 -56.38 1.88
N VAL B 98 -41.96 -57.68 1.58
CA VAL B 98 -40.61 -58.18 1.26
C VAL B 98 -40.08 -57.70 -0.11
N ASP B 99 -41.00 -57.27 -0.94
CA ASP B 99 -40.66 -56.83 -2.27
C ASP B 99 -40.83 -55.30 -2.40
N TRP B 100 -40.41 -54.57 -1.38
CA TRP B 100 -40.52 -53.11 -1.35
C TRP B 100 -39.76 -52.47 -2.52
N VAL B 101 -38.80 -53.19 -3.10
CA VAL B 101 -37.90 -52.63 -4.10
C VAL B 101 -38.67 -52.21 -5.35
N GLY B 102 -39.86 -52.81 -5.52
CA GLY B 102 -40.81 -52.46 -6.55
C GLY B 102 -41.11 -53.43 -7.70
N ASP B 103 -42.18 -53.11 -8.42
CA ASP B 103 -42.56 -53.79 -9.63
C ASP B 103 -41.48 -53.51 -10.67
N TYR B 104 -41.06 -54.53 -11.41
CA TYR B 104 -39.93 -54.40 -12.34
C TYR B 104 -40.17 -53.46 -13.54
N ASN B 105 -41.42 -53.03 -13.74
CA ASN B 105 -41.74 -52.07 -14.80
C ASN B 105 -42.03 -50.67 -14.26
N GLU B 106 -41.86 -50.47 -12.95
CA GLU B 106 -42.24 -49.16 -12.44
C GLU B 106 -41.03 -48.23 -12.53
N PRO B 107 -41.19 -47.04 -13.17
CA PRO B 107 -40.12 -46.04 -13.28
C PRO B 107 -39.72 -45.52 -11.92
N LEU B 108 -38.47 -45.07 -11.76
CA LEU B 108 -38.01 -44.54 -10.49
C LEU B 108 -38.28 -43.07 -10.38
N THR B 109 -39.08 -42.66 -9.39
CA THR B 109 -39.44 -41.25 -9.22
C THR B 109 -39.10 -40.73 -7.81
N GLY B 110 -39.26 -39.42 -7.61
CA GLY B 110 -39.07 -38.80 -6.33
C GLY B 110 -38.17 -37.60 -6.49
N PHE B 111 -37.01 -37.64 -5.87
CA PHE B 111 -35.99 -36.65 -6.19
C PHE B 111 -35.63 -36.79 -7.66
N SER B 112 -35.40 -35.65 -8.30
CA SER B 112 -35.10 -35.63 -9.72
C SER B 112 -33.69 -36.16 -10.10
N TRP B 113 -33.63 -37.11 -11.00
CA TRP B 113 -32.40 -37.74 -11.48
C TRP B 113 -32.45 -37.91 -13.00
N ARG B 114 -31.29 -37.96 -13.65
CA ARG B 114 -31.18 -38.15 -15.10
C ARG B 114 -29.75 -38.35 -15.53
N GLY B 115 -29.55 -38.70 -16.80
CA GLY B 115 -28.23 -38.76 -17.40
C GLY B 115 -27.74 -37.39 -17.86
N GLY B 116 -26.66 -37.38 -18.64
CA GLY B 116 -26.03 -36.15 -19.05
C GLY B 116 -24.93 -35.78 -18.07
N SER B 117 -23.94 -35.07 -18.61
CA SER B 117 -22.76 -34.65 -17.87
C SER B 117 -22.95 -33.41 -17.01
N GLU B 118 -24.08 -32.73 -17.14
CA GLU B 118 -24.32 -31.55 -16.33
C GLU B 118 -25.10 -31.84 -15.04
N ARG B 119 -24.68 -31.20 -13.95
CA ARG B 119 -25.31 -31.38 -12.66
C ARG B 119 -26.82 -31.18 -12.76
N GLU B 120 -27.53 -31.90 -11.90
CA GLU B 120 -28.97 -31.75 -11.75
C GLU B 120 -29.37 -31.13 -10.41
N THR B 121 -29.16 -31.83 -9.30
CA THR B 121 -29.53 -31.33 -7.98
C THR B 121 -28.74 -30.13 -7.56
N THR B 122 -29.43 -29.09 -7.10
CA THR B 122 -28.73 -27.96 -6.51
C THR B 122 -29.14 -27.78 -5.04
N GLY B 123 -28.25 -27.16 -4.27
CA GLY B 123 -28.52 -26.88 -2.87
C GLY B 123 -28.86 -28.12 -2.09
N ILE B 124 -29.87 -27.98 -1.23
CA ILE B 124 -30.35 -29.14 -0.49
C ILE B 124 -31.88 -29.21 -0.56
N GLN B 125 -32.38 -30.38 -0.85
CA GLN B 125 -33.80 -30.55 -0.84
C GLN B 125 -34.19 -31.68 0.10
N ILE B 126 -35.36 -31.57 0.72
CA ILE B 126 -35.85 -32.65 1.59
C ILE B 126 -37.18 -33.19 1.06
N TRP B 127 -37.51 -34.45 1.39
CA TRP B 127 -38.80 -35.01 1.01
C TRP B 127 -39.90 -34.38 1.87
N SER B 128 -41.00 -33.98 1.25
CA SER B 128 -42.09 -33.29 1.96
C SER B 128 -42.72 -34.15 3.05
N GLU B 129 -42.69 -35.47 2.88
CA GLU B 129 -43.29 -36.34 3.87
C GLU B 129 -42.27 -36.89 4.89
N ILE B 130 -42.44 -36.48 6.14
CA ILE B 130 -41.62 -37.01 7.21
C ILE B 130 -42.18 -38.36 7.59
N PHE B 131 -41.35 -39.38 7.58
CA PHE B 131 -41.82 -40.71 7.93
C PHE B 131 -41.79 -40.97 9.44
N LEU B 132 -42.89 -41.49 9.98
CA LEU B 132 -42.96 -41.83 11.40
C LEU B 132 -42.77 -43.33 11.58
N ILE B 133 -41.70 -43.72 12.25
CA ILE B 133 -41.37 -45.14 12.38
C ILE B 133 -41.23 -45.54 13.81
N ASN B 134 -41.73 -46.74 14.13
CA ASN B 134 -41.56 -47.25 15.46
C ASN B 134 -40.28 -48.01 15.62
N LYS B 135 -39.46 -47.59 16.58
CA LYS B 135 -38.25 -48.34 16.90
C LYS B 135 -38.49 -49.52 17.82
N PRO B 136 -37.59 -50.53 17.75
CA PRO B 136 -37.76 -51.78 18.50
C PRO B 136 -37.84 -51.56 20.01
N ASP B 137 -37.51 -50.36 20.47
CA ASP B 137 -37.64 -50.05 21.90
C ASP B 137 -38.95 -49.35 22.25
N GLY B 138 -39.82 -49.20 21.25
CA GLY B 138 -41.12 -48.58 21.41
C GLY B 138 -41.12 -47.11 21.08
N LYS B 139 -39.95 -46.51 20.83
CA LYS B 139 -39.95 -45.08 20.49
C LYS B 139 -40.43 -44.82 19.09
N LYS B 140 -41.31 -43.84 18.98
CA LYS B 140 -41.71 -43.32 17.69
C LYS B 140 -40.85 -42.13 17.25
N VAL B 141 -40.17 -42.32 16.11
CA VAL B 141 -39.25 -41.31 15.61
C VAL B 141 -39.66 -40.81 14.23
N ALA B 142 -39.17 -39.63 13.89
CA ALA B 142 -39.43 -38.98 12.61
C ALA B 142 -38.21 -39.20 11.71
N VAL B 143 -38.43 -39.58 10.46
CA VAL B 143 -37.32 -39.84 9.56
C VAL B 143 -37.31 -38.85 8.42
N LEU B 144 -36.20 -38.15 8.25
CA LEU B 144 -36.08 -37.11 7.23
C LEU B 144 -35.05 -37.51 6.14
N LEU B 145 -35.36 -37.24 4.87
CA LEU B 145 -34.43 -37.52 3.79
C LEU B 145 -33.90 -36.28 3.12
N MSE B 146 -32.58 -36.25 2.93
CA MSE B 146 -31.87 -35.12 2.32
C MSE B 146 -31.10 -35.51 1.06
O MSE B 146 -30.27 -36.43 1.10
CB MSE B 146 -30.87 -34.55 3.27
CG MSE B 146 -31.33 -33.34 3.98
SE MSE B 146 -29.99 -32.96 5.32
CE MSE B 146 -29.14 -31.63 4.29
N ASP B 147 -31.38 -34.83 -0.05
CA ASP B 147 -30.64 -35.01 -1.29
C ASP B 147 -29.87 -33.76 -1.48
N THR B 148 -28.64 -33.85 -1.98
CA THR B 148 -27.72 -32.71 -1.99
C THR B 148 -27.11 -32.40 -3.34
N GLN B 149 -26.72 -31.15 -3.52
CA GLN B 149 -25.96 -30.77 -4.71
C GLN B 149 -24.58 -31.45 -4.71
N GLY B 150 -24.26 -32.11 -5.82
CA GLY B 150 -23.00 -32.78 -5.93
C GLY B 150 -21.84 -31.82 -5.90
N THR B 151 -20.75 -32.24 -5.28
CA THR B 151 -19.51 -31.50 -5.27
C THR B 151 -18.75 -31.53 -6.61
N PHE B 152 -17.94 -30.49 -6.79
CA PHE B 152 -17.01 -30.37 -7.91
C PHE B 152 -17.57 -30.21 -9.30
N ASP B 153 -18.79 -29.73 -9.40
CA ASP B 153 -19.33 -29.34 -10.69
C ASP B 153 -18.68 -28.03 -11.24
N SER B 154 -18.86 -27.70 -12.51
CA SER B 154 -18.11 -26.57 -13.12
C SER B 154 -18.70 -25.20 -12.90
N GLN B 155 -19.81 -25.15 -12.17
CA GLN B 155 -20.41 -23.87 -11.86
C GLN B 155 -20.30 -23.55 -10.41
N SER B 156 -19.57 -24.32 -9.64
CA SER B 156 -19.62 -24.10 -8.20
C SER B 156 -18.26 -23.71 -7.73
N THR B 157 -18.21 -22.73 -6.81
CA THR B 157 -16.97 -22.46 -6.09
C THR B 157 -16.80 -23.56 -5.08
N LEU B 158 -15.58 -23.71 -4.61
CA LEU B 158 -15.27 -24.63 -3.55
C LEU B 158 -16.05 -24.35 -2.25
N ARG B 159 -16.22 -23.08 -1.93
CA ARG B 159 -17.08 -22.68 -0.83
C ARG B 159 -18.53 -23.17 -1.01
N ASP B 160 -19.05 -23.10 -2.23
CA ASP B 160 -20.40 -23.60 -2.49
C ASP B 160 -20.47 -25.06 -2.10
N SER B 161 -19.55 -25.84 -2.64
CA SER B 161 -19.52 -27.28 -2.37
C SER B 161 -19.27 -27.59 -0.91
N ALA B 162 -18.34 -26.88 -0.32
CA ALA B 162 -18.03 -27.11 1.06
C ALA B 162 -19.26 -26.86 1.95
N THR B 163 -19.97 -25.78 1.65
CA THR B 163 -21.13 -25.39 2.43
C THR B 163 -22.25 -26.41 2.42
N VAL B 164 -22.58 -26.89 1.23
CA VAL B 164 -23.61 -27.91 1.04
C VAL B 164 -23.25 -29.22 1.77
N PHE B 165 -22.02 -29.69 1.59
CA PHE B 165 -21.55 -30.92 2.22
C PHE B 165 -21.55 -30.78 3.76
N ALA B 166 -21.03 -29.66 4.23
CA ALA B 166 -20.92 -29.45 5.66
C ALA B 166 -22.29 -29.44 6.32
N LEU B 167 -23.16 -28.63 5.76
CA LEU B 167 -24.51 -28.48 6.25
C LEU B 167 -25.26 -29.82 6.23
N SER B 168 -25.13 -30.60 5.17
CA SER B 168 -25.83 -31.88 5.14
C SER B 168 -25.27 -32.80 6.22
N THR B 169 -23.97 -32.71 6.47
CA THR B 169 -23.36 -33.50 7.54
C THR B 169 -23.76 -33.06 8.93
N MSE B 170 -23.77 -31.75 9.19
CA MSE B 170 -24.17 -31.24 10.51
C MSE B 170 -25.61 -31.58 10.87
O MSE B 170 -25.94 -31.76 12.02
CB MSE B 170 -24.01 -29.73 10.57
CG MSE B 170 -22.61 -29.32 10.35
SE MSE B 170 -22.59 -27.55 9.58
CE MSE B 170 -22.44 -26.48 11.21
N ILE B 171 -26.48 -31.65 9.86
CA ILE B 171 -27.89 -31.86 10.07
C ILE B 171 -28.19 -33.36 10.12
N SER B 172 -27.54 -34.13 9.26
CA SER B 172 -27.79 -35.58 9.18
C SER B 172 -27.25 -36.37 10.39
N SER B 173 -27.93 -37.46 10.72
CA SER B 173 -27.41 -38.41 11.68
C SER B 173 -26.78 -39.58 10.95
N ILE B 174 -27.26 -39.79 9.72
CA ILE B 174 -26.68 -40.77 8.82
C ILE B 174 -26.30 -40.07 7.54
N GLN B 175 -24.99 -39.99 7.23
CA GLN B 175 -24.52 -39.35 5.99
C GLN B 175 -23.97 -40.43 5.08
N VAL B 176 -24.53 -40.57 3.88
CA VAL B 176 -24.01 -41.54 2.95
C VAL B 176 -23.02 -40.80 2.04
N TYR B 177 -21.72 -41.10 2.19
CA TYR B 177 -20.66 -40.49 1.40
C TYR B 177 -20.48 -41.35 0.16
N ASN B 178 -21.01 -40.84 -0.96
CA ASN B 178 -21.11 -41.55 -2.26
C ASN B 178 -19.84 -41.40 -3.14
N LEU B 179 -19.13 -42.50 -3.38
CA LEU B 179 -17.89 -42.44 -4.15
C LEU B 179 -17.96 -43.33 -5.40
N SER B 180 -17.21 -42.99 -6.43
CA SER B 180 -17.17 -43.80 -7.64
C SER B 180 -15.94 -44.74 -7.63
N GLN B 181 -16.15 -46.05 -7.70
CA GLN B 181 -15.14 -47.11 -7.95
C GLN B 181 -14.14 -47.38 -6.81
N ASN B 182 -13.71 -46.36 -6.08
CA ASN B 182 -12.61 -46.53 -5.13
C ASN B 182 -12.56 -45.41 -4.07
N VAL B 183 -11.77 -45.63 -3.02
CA VAL B 183 -11.51 -44.58 -2.03
C VAL B 183 -10.05 -44.12 -2.18
N GLN B 184 -9.89 -42.97 -2.79
CA GLN B 184 -8.59 -42.45 -3.11
C GLN B 184 -8.18 -41.42 -2.07
N GLU B 185 -6.90 -41.08 -2.09
CA GLU B 185 -6.41 -40.19 -1.09
C GLU B 185 -7.10 -38.81 -1.23
N ASP B 186 -7.43 -38.39 -2.46
CA ASP B 186 -8.14 -37.11 -2.65
C ASP B 186 -9.56 -37.11 -2.09
N ASP B 187 -10.25 -38.23 -2.15
CA ASP B 187 -11.55 -38.36 -1.52
C ASP B 187 -11.42 -38.12 -0.01
N LEU B 188 -10.40 -38.67 0.63
CA LEU B 188 -10.22 -38.49 2.08
C LEU B 188 -9.94 -37.04 2.47
N GLN B 189 -9.16 -36.40 1.62
CA GLN B 189 -8.85 -34.98 1.73
C GLN B 189 -10.03 -34.02 1.62
N HIS B 190 -10.92 -34.29 0.67
CA HIS B 190 -12.15 -33.54 0.46
C HIS B 190 -13.04 -33.71 1.68
N LEU B 191 -13.18 -34.96 2.11
CA LEU B 191 -13.96 -35.26 3.30
C LEU B 191 -13.37 -34.56 4.51
N GLN B 192 -12.04 -34.54 4.62
CA GLN B 192 -11.45 -33.84 5.76
C GLN B 192 -11.75 -32.34 5.79
N LEU B 193 -11.56 -31.70 4.64
CA LEU B 193 -11.80 -30.27 4.49
C LEU B 193 -13.25 -29.90 4.78
N PHE B 194 -14.18 -30.62 4.14
CA PHE B 194 -15.59 -30.35 4.23
C PHE B 194 -16.13 -30.51 5.65
N THR B 195 -15.70 -31.58 6.32
CA THR B 195 -16.12 -31.82 7.68
C THR B 195 -15.52 -30.81 8.65
N GLU B 196 -14.28 -30.43 8.39
CA GLU B 196 -13.61 -29.36 9.13
C GLU B 196 -14.39 -28.03 8.96
N TYR B 197 -14.92 -27.76 7.77
CA TYR B 197 -15.72 -26.57 7.54
C TYR B 197 -17.03 -26.57 8.38
N GLY B 198 -17.59 -27.75 8.56
CA GLY B 198 -18.72 -27.96 9.44
C GLY B 198 -18.42 -27.75 10.93
N ARG B 199 -17.31 -28.33 11.41
CA ARG B 199 -16.92 -28.16 12.81
C ARG B 199 -16.76 -26.68 13.21
N LEU B 200 -16.18 -25.87 12.32
CA LEU B 200 -15.93 -24.46 12.59
C LEU B 200 -17.22 -23.71 12.93
N ALA B 201 -18.34 -24.13 12.37
CA ALA B 201 -19.63 -23.47 12.61
C ALA B 201 -20.32 -24.05 13.86
N MSE B 202 -19.69 -25.03 14.51
CA MSE B 202 -20.39 -25.69 15.60
C MSE B 202 -19.84 -25.32 16.96
O MSE B 202 -18.65 -24.97 17.08
CB MSE B 202 -20.32 -27.18 15.44
CG MSE B 202 -21.00 -27.63 14.22
SE MSE B 202 -20.67 -29.49 13.97
CE MSE B 202 -21.51 -30.22 15.58
N GLU B 203 -20.72 -25.42 17.95
CA GLU B 203 -20.39 -25.22 19.36
C GLU B 203 -19.24 -26.12 19.83
N GLU B 204 -18.40 -25.64 20.72
CA GLU B 204 -17.31 -26.48 21.23
C GLU B 204 -17.79 -27.63 22.07
N THR B 205 -17.24 -28.81 21.83
CA THR B 205 -17.62 -29.96 22.59
C THR B 205 -16.47 -30.96 22.60
N PHE B 206 -16.41 -31.78 23.63
CA PHE B 206 -15.47 -32.91 23.71
C PHE B 206 -16.06 -34.09 22.95
N LEU B 207 -17.37 -34.10 22.75
CA LEU B 207 -17.94 -35.20 21.98
C LEU B 207 -17.53 -35.06 20.50
N LYS B 208 -17.56 -36.16 19.76
CA LYS B 208 -17.35 -36.09 18.31
C LYS B 208 -18.46 -35.33 17.71
N PRO B 209 -18.19 -34.49 16.72
CA PRO B 209 -19.23 -33.64 16.12
C PRO B 209 -20.36 -34.42 15.42
N PHE B 210 -20.04 -35.55 14.78
CA PHE B 210 -21.03 -36.23 13.97
C PHE B 210 -21.22 -37.70 14.39
N GLN B 211 -22.17 -38.37 13.73
CA GLN B 211 -22.57 -39.72 14.09
C GLN B 211 -22.17 -40.77 13.04
N SER B 212 -23.12 -41.14 12.16
CA SER B 212 -22.87 -42.21 11.18
C SER B 212 -22.43 -41.72 9.81
N LEU B 213 -21.32 -42.27 9.35
CA LEU B 213 -20.81 -42.01 8.02
C LEU B 213 -20.72 -43.32 7.27
N ILE B 214 -21.24 -43.31 6.06
CA ILE B 214 -21.17 -44.49 5.22
C ILE B 214 -20.41 -44.16 3.96
N PHE B 215 -19.31 -44.87 3.75
CA PHE B 215 -18.59 -44.80 2.51
C PHE B 215 -19.32 -45.76 1.55
N LEU B 216 -20.14 -45.23 0.66
CA LEU B 216 -20.82 -46.06 -0.36
C LEU B 216 -20.01 -46.06 -1.66
N VAL B 217 -19.39 -47.20 -1.98
CA VAL B 217 -18.60 -47.25 -3.19
C VAL B 217 -19.44 -47.76 -4.36
N ARG B 218 -19.77 -46.86 -5.29
CA ARG B 218 -20.52 -47.26 -6.47
C ARG B 218 -19.56 -47.92 -7.45
N ASP B 219 -20.07 -48.91 -8.19
CA ASP B 219 -19.30 -49.57 -9.24
C ASP B 219 -18.00 -50.22 -8.76
N TRP B 220 -18.05 -50.85 -7.59
CA TRP B 220 -16.91 -51.63 -7.13
C TRP B 220 -16.59 -52.72 -8.13
N SER B 221 -15.33 -52.86 -8.52
CA SER B 221 -14.95 -53.71 -9.66
C SER B 221 -14.22 -54.97 -9.20
N PHE B 222 -14.00 -55.10 -7.89
CA PHE B 222 -13.18 -56.21 -7.40
C PHE B 222 -13.81 -57.10 -6.32
N PRO B 223 -14.97 -57.71 -6.63
CA PRO B 223 -15.58 -58.60 -5.63
C PRO B 223 -14.66 -59.79 -5.29
N TYR B 224 -13.75 -60.13 -6.19
CA TYR B 224 -12.81 -61.21 -5.92
C TYR B 224 -11.78 -60.85 -4.84
N GLU B 225 -11.68 -59.56 -4.53
CA GLU B 225 -10.73 -59.08 -3.54
C GLU B 225 -11.47 -58.69 -2.28
N PHE B 226 -12.51 -57.88 -2.43
CA PHE B 226 -13.43 -57.57 -1.33
C PHE B 226 -14.86 -57.72 -1.82
N SER B 227 -15.64 -58.53 -1.13
CA SER B 227 -17.01 -58.85 -1.54
C SER B 227 -17.89 -57.64 -1.57
N TYR B 228 -18.88 -57.66 -2.44
CA TYR B 228 -19.94 -56.67 -2.43
C TYR B 228 -20.58 -56.62 -1.07
N GLY B 229 -21.07 -55.45 -0.69
CA GLY B 229 -21.74 -55.28 0.58
C GLY B 229 -20.90 -54.76 1.73
N ALA B 230 -21.48 -54.85 2.92
CA ALA B 230 -20.92 -54.26 4.14
C ALA B 230 -19.72 -54.99 4.69
N ASP B 231 -19.70 -56.30 4.54
CA ASP B 231 -18.58 -57.04 5.08
C ASP B 231 -17.28 -56.83 4.35
N GLY B 232 -17.33 -56.90 3.03
CA GLY B 232 -16.19 -56.59 2.17
C GLY B 232 -15.79 -55.12 2.31
N GLY B 233 -16.79 -54.24 2.41
CA GLY B 233 -16.55 -52.82 2.59
C GLY B 233 -15.78 -52.55 3.88
N ALA B 234 -16.24 -53.16 4.98
CA ALA B 234 -15.62 -53.02 6.28
C ALA B 234 -14.16 -53.41 6.22
N LYS B 235 -13.84 -54.54 5.60
CA LYS B 235 -12.45 -54.94 5.49
C LYS B 235 -11.61 -54.01 4.61
N PHE B 236 -12.19 -53.61 3.49
CA PHE B 236 -11.58 -52.67 2.57
C PHE B 236 -11.32 -51.31 3.24
N LEU B 237 -12.32 -50.82 3.97
CA LEU B 237 -12.19 -49.55 4.68
C LEU B 237 -11.17 -49.60 5.84
N GLU B 238 -11.12 -50.71 6.57
CA GLU B 238 -10.14 -50.85 7.62
C GLU B 238 -8.72 -50.87 7.06
N LYS B 239 -8.52 -51.41 5.88
CA LYS B 239 -7.18 -51.35 5.26
C LYS B 239 -6.84 -49.98 4.80
N ARG B 240 -7.83 -49.31 4.26
CA ARG B 240 -7.66 -48.06 3.62
C ARG B 240 -7.61 -46.90 4.66
N LEU B 241 -8.33 -47.00 5.79
CA LEU B 241 -8.31 -45.95 6.81
C LEU B 241 -7.32 -46.24 7.92
N LYS B 242 -6.52 -47.30 7.77
CA LYS B 242 -5.61 -47.72 8.82
C LYS B 242 -4.50 -46.71 9.11
N VAL B 243 -4.24 -46.51 10.39
CA VAL B 243 -3.13 -45.69 10.84
C VAL B 243 -2.08 -46.56 11.54
N SER B 244 -0.83 -46.44 11.12
CA SER B 244 0.26 -47.23 11.66
C SER B 244 1.49 -46.35 12.02
N GLY B 245 2.43 -46.92 12.78
CA GLY B 245 3.61 -46.17 13.19
C GLY B 245 4.47 -45.63 12.06
N ASN B 246 4.74 -46.44 11.03
CA ASN B 246 5.62 -46.03 9.93
CA ASN B 246 5.62 -46.07 9.90
C ASN B 246 4.92 -45.39 8.72
N GLN B 247 3.65 -45.02 8.88
CA GLN B 247 2.88 -44.30 7.86
C GLN B 247 3.22 -42.81 8.01
N HIS B 248 3.47 -42.14 6.90
CA HIS B 248 3.84 -40.71 6.88
C HIS B 248 2.78 -39.82 7.55
N GLU B 249 3.16 -38.79 8.30
CA GLU B 249 2.17 -38.01 9.04
C GLU B 249 1.02 -37.51 8.20
N GLU B 250 1.32 -37.08 7.00
CA GLU B 250 0.28 -36.63 6.12
C GLU B 250 -0.82 -37.66 5.88
N LEU B 251 -0.42 -38.91 5.66
CA LEU B 251 -1.39 -39.96 5.53
C LEU B 251 -2.10 -40.21 6.88
N GLN B 252 -1.34 -40.19 7.98
CA GLN B 252 -1.95 -40.39 9.29
C GLN B 252 -3.00 -39.32 9.63
N ASN B 253 -2.70 -38.07 9.33
CA ASN B 253 -3.50 -36.95 9.81
C ASN B 253 -4.90 -36.91 9.18
N VAL B 254 -4.95 -37.20 7.87
CA VAL B 254 -6.23 -37.22 7.17
C VAL B 254 -7.12 -38.34 7.76
N ARG B 255 -6.51 -39.46 8.10
CA ARG B 255 -7.21 -40.54 8.75
C ARG B 255 -7.70 -40.27 10.18
N LYS B 256 -6.80 -39.73 11.02
CA LYS B 256 -7.16 -39.39 12.40
C LYS B 256 -8.27 -38.38 12.44
N HIS B 257 -8.22 -37.44 11.51
CA HIS B 257 -9.26 -36.46 11.46
C HIS B 257 -10.61 -37.11 11.23
N ILE B 258 -10.69 -38.03 10.25
CA ILE B 258 -11.95 -38.71 9.93
C ILE B 258 -12.42 -39.57 11.11
N HIS B 259 -11.52 -40.29 11.76
CA HIS B 259 -11.89 -41.06 12.97
C HIS B 259 -12.45 -40.17 14.09
N SER B 260 -11.89 -38.97 14.20
CA SER B 260 -12.23 -38.05 15.27
C SER B 260 -13.57 -37.38 15.01
N CYS B 261 -14.01 -37.33 13.74
CA CYS B 261 -15.28 -36.65 13.37
C CYS B 261 -16.56 -37.47 13.57
N PHE B 262 -16.46 -38.78 13.36
CA PHE B 262 -17.63 -39.62 13.30
C PHE B 262 -17.62 -40.73 14.33
N THR B 263 -18.78 -40.95 14.90
CA THR B 263 -19.00 -41.98 15.88
C THR B 263 -18.95 -43.38 15.27
N ASN B 264 -19.65 -43.56 14.14
CA ASN B 264 -19.69 -44.87 13.49
C ASN B 264 -19.37 -44.73 12.02
N ILE B 265 -18.32 -45.43 11.58
CA ILE B 265 -17.92 -45.34 10.18
C ILE B 265 -17.99 -46.71 9.51
N SER B 266 -18.72 -46.78 8.40
CA SER B 266 -18.87 -48.04 7.67
C SER B 266 -18.69 -47.87 6.18
N CYS B 267 -18.64 -49.00 5.48
CA CYS B 267 -18.43 -48.99 4.06
C CYS B 267 -19.25 -50.08 3.35
N PHE B 268 -19.86 -49.74 2.22
CA PHE B 268 -20.61 -50.70 1.43
C PHE B 268 -20.10 -50.70 0.00
N LEU B 269 -19.74 -51.88 -0.52
CA LEU B 269 -19.25 -51.98 -1.90
C LEU B 269 -20.40 -52.44 -2.78
N LEU B 270 -20.76 -51.55 -3.72
CA LEU B 270 -21.88 -51.81 -4.61
C LEU B 270 -21.42 -52.15 -6.03
N PRO B 271 -22.04 -53.17 -6.63
CA PRO B 271 -21.71 -53.49 -8.02
C PRO B 271 -22.18 -52.43 -9.00
N HIS B 272 -21.56 -52.41 -10.19
CA HIS B 272 -22.04 -51.63 -11.32
C HIS B 272 -23.49 -52.08 -11.66
N PRO B 273 -24.41 -51.14 -11.95
CA PRO B 273 -25.81 -51.49 -12.29
C PRO B 273 -25.99 -51.92 -13.78
N GLY B 274 -24.90 -52.00 -14.55
CA GLY B 274 -24.96 -52.32 -15.96
C GLY B 274 -24.87 -51.11 -16.87
N LEU B 275 -24.35 -51.32 -18.07
CA LEU B 275 -24.13 -50.19 -18.97
C LEU B 275 -25.42 -49.53 -19.44
N LYS B 276 -26.54 -50.23 -19.40
CA LYS B 276 -27.80 -49.61 -19.73
C LYS B 276 -28.14 -48.44 -18.79
N VAL B 277 -28.04 -48.71 -17.50
CA VAL B 277 -28.27 -47.73 -16.46
C VAL B 277 -27.32 -46.56 -16.65
N ALA B 278 -26.06 -46.87 -16.94
CA ALA B 278 -25.05 -45.84 -17.15
C ALA B 278 -25.20 -45.05 -18.46
N THR B 279 -25.67 -45.71 -19.52
CA THR B 279 -25.41 -45.21 -20.87
C THR B 279 -26.67 -44.87 -21.66
N ASN B 280 -27.79 -45.46 -21.27
CA ASN B 280 -29.02 -45.31 -22.02
C ASN B 280 -29.86 -44.11 -21.63
N PRO B 281 -29.99 -43.17 -22.59
CA PRO B 281 -30.72 -41.92 -22.36
C PRO B 281 -32.20 -42.19 -22.15
N ASN B 282 -32.67 -43.37 -22.56
CA ASN B 282 -34.08 -43.63 -22.32
C ASN B 282 -34.32 -44.34 -21.01
N PHE B 283 -33.29 -44.83 -20.34
CA PHE B 283 -33.51 -45.51 -19.08
C PHE B 283 -34.22 -44.69 -17.98
N ASP B 284 -35.29 -45.21 -17.38
CA ASP B 284 -36.03 -44.31 -16.49
C ASP B 284 -36.07 -45.02 -15.07
N GLY B 285 -35.21 -46.00 -14.82
CA GLY B 285 -35.23 -46.71 -13.55
C GLY B 285 -35.92 -48.03 -13.30
N LYS B 286 -36.46 -48.64 -14.33
CA LYS B 286 -37.11 -49.93 -14.20
C LYS B 286 -36.09 -51.03 -13.85
N LEU B 287 -36.40 -51.79 -12.81
CA LEU B 287 -35.50 -52.79 -12.31
C LEU B 287 -35.13 -53.83 -13.35
N LYS B 288 -36.08 -54.06 -14.27
CA LYS B 288 -35.74 -55.03 -15.37
C LYS B 288 -34.54 -54.68 -16.21
N GLU B 289 -34.20 -53.40 -16.25
CA GLU B 289 -33.04 -52.90 -16.98
C GLU B 289 -31.80 -52.80 -16.12
N ILE B 290 -31.91 -53.19 -14.85
CA ILE B 290 -30.81 -53.01 -13.92
C ILE B 290 -30.20 -54.42 -13.69
N ASP B 291 -28.88 -54.53 -13.61
CA ASP B 291 -28.23 -55.83 -13.39
C ASP B 291 -28.67 -56.53 -12.11
N ASP B 292 -28.92 -57.84 -12.17
CA ASP B 292 -29.43 -58.54 -11.00
C ASP B 292 -28.47 -58.46 -9.81
N GLU B 293 -27.16 -58.48 -10.03
CA GLU B 293 -26.29 -58.36 -8.86
C GLU B 293 -26.40 -57.02 -8.10
N PHE B 294 -26.56 -55.94 -8.84
CA PHE B 294 -26.81 -54.63 -8.24
C PHE B 294 -28.08 -54.65 -7.42
N ILE B 295 -29.17 -55.15 -8.03
CA ILE B 295 -30.46 -55.23 -7.32
C ILE B 295 -30.35 -56.09 -6.07
N LYS B 296 -29.68 -57.23 -6.19
CA LYS B 296 -29.49 -58.08 -5.05
C LYS B 296 -28.81 -57.33 -3.95
N ASN B 297 -27.76 -56.58 -4.29
CA ASN B 297 -27.04 -55.79 -3.29
C ASN B 297 -27.78 -54.54 -2.84
N LEU B 298 -28.55 -53.92 -3.74
CA LEU B 298 -29.38 -52.78 -3.35
C LEU B 298 -30.34 -53.16 -2.23
N LYS B 299 -30.90 -54.37 -2.33
CA LYS B 299 -31.87 -54.86 -1.39
C LYS B 299 -31.32 -55.07 0.00
N ILE B 300 -30.04 -55.43 0.07
CA ILE B 300 -29.36 -55.45 1.34
C ILE B 300 -29.04 -54.05 1.90
N LEU B 301 -28.50 -53.16 1.04
CA LEU B 301 -28.01 -51.81 1.44
C LEU B 301 -29.00 -50.88 2.11
N ILE B 302 -30.19 -50.74 1.53
CA ILE B 302 -31.19 -49.78 1.98
C ILE B 302 -31.66 -50.11 3.42
N PRO B 303 -32.10 -51.37 3.69
CA PRO B 303 -32.49 -51.70 5.05
C PRO B 303 -31.30 -51.62 5.99
N TRP B 304 -30.12 -51.93 5.49
CA TRP B 304 -28.91 -51.81 6.29
C TRP B 304 -28.68 -50.38 6.81
N LEU B 305 -29.01 -49.41 5.97
CA LEU B 305 -29.09 -47.98 6.30
C LEU B 305 -30.31 -47.54 7.13
N LEU B 306 -31.49 -48.04 6.77
CA LEU B 306 -32.75 -47.40 7.15
C LEU B 306 -33.78 -48.26 7.92
N SER B 307 -33.45 -49.52 8.22
CA SER B 307 -34.36 -50.39 9.01
C SER B 307 -34.55 -49.76 10.38
N PRO B 308 -35.70 -50.03 11.02
CA PRO B 308 -36.01 -49.45 12.33
C PRO B 308 -34.88 -49.63 13.35
N GLU B 309 -34.27 -50.81 13.37
CA GLU B 309 -33.18 -51.03 14.30
C GLU B 309 -31.99 -50.14 13.99
N SER B 310 -31.89 -49.75 12.72
CA SER B 310 -30.75 -48.97 12.21
C SER B 310 -30.88 -47.44 12.29
N LEU B 311 -32.07 -46.93 12.58
CA LEU B 311 -32.28 -45.50 12.45
C LEU B 311 -31.62 -44.70 13.57
N ASP B 312 -30.50 -44.04 13.24
CA ASP B 312 -29.75 -43.29 14.25
C ASP B 312 -30.46 -42.00 14.58
N ILE B 313 -30.82 -41.82 15.84
CA ILE B 313 -31.48 -40.59 16.25
C ILE B 313 -30.43 -39.48 16.30
N LYS B 314 -30.75 -38.34 15.71
CA LYS B 314 -29.85 -37.20 15.66
C LYS B 314 -29.46 -36.70 17.05
N GLU B 315 -28.16 -36.55 17.26
CA GLU B 315 -27.66 -36.02 18.52
C GLU B 315 -26.77 -34.81 18.28
N ILE B 316 -27.08 -33.73 18.98
CA ILE B 316 -26.20 -32.58 19.00
C ILE B 316 -25.77 -32.31 20.42
N ASN B 317 -24.46 -32.25 20.61
CA ASN B 317 -23.88 -32.13 21.94
C ASN B 317 -24.33 -33.25 22.87
N GLY B 318 -24.40 -34.46 22.35
CA GLY B 318 -24.77 -35.62 23.14
C GLY B 318 -26.22 -35.69 23.56
N ASN B 319 -27.05 -34.80 23.01
CA ASN B 319 -28.50 -34.76 23.26
C ASN B 319 -29.37 -35.02 22.04
N LYS B 320 -30.36 -35.89 22.23
CA LYS B 320 -31.30 -36.20 21.19
C LYS B 320 -32.15 -35.01 20.83
N ILE B 321 -32.37 -34.86 19.54
CA ILE B 321 -32.94 -33.67 18.94
C ILE B 321 -34.31 -34.03 18.35
N THR B 322 -35.26 -33.11 18.49
CA THR B 322 -36.56 -33.24 17.85
C THR B 322 -36.55 -32.55 16.50
N CYS B 323 -37.61 -32.73 15.71
CA CYS B 323 -37.70 -32.02 14.45
C CYS B 323 -37.66 -30.51 14.69
N ARG B 324 -38.30 -30.07 15.77
CA ARG B 324 -38.31 -28.66 16.15
C ARG B 324 -36.89 -28.12 16.38
N GLY B 325 -36.13 -28.90 17.16
CA GLY B 325 -34.75 -28.55 17.46
C GLY B 325 -33.87 -28.52 16.24
N LEU B 326 -34.13 -29.43 15.29
CA LEU B 326 -33.32 -29.53 14.09
C LEU B 326 -33.45 -28.30 13.19
N VAL B 327 -34.67 -27.80 13.10
CA VAL B 327 -34.95 -26.58 12.35
C VAL B 327 -34.18 -25.41 12.97
N GLU B 328 -34.10 -25.34 14.29
CA GLU B 328 -33.32 -24.29 14.95
C GLU B 328 -31.83 -24.37 14.67
N TYR B 329 -31.27 -25.58 14.75
CA TYR B 329 -29.88 -25.74 14.37
C TYR B 329 -29.62 -25.47 12.88
N PHE B 330 -30.55 -25.87 12.01
CA PHE B 330 -30.41 -25.61 10.58
C PHE B 330 -30.37 -24.08 10.32
N LYS B 331 -31.27 -23.33 10.96
CA LYS B 331 -31.28 -21.86 10.81
C LYS B 331 -30.01 -21.22 11.35
N ALA B 332 -29.58 -21.66 12.52
CA ALA B 332 -28.39 -21.09 13.15
C ALA B 332 -27.10 -21.33 12.37
N TYR B 333 -26.92 -22.55 11.87
CA TYR B 333 -25.74 -22.88 11.10
C TYR B 333 -25.69 -22.09 9.80
N ILE B 334 -26.85 -21.97 9.15
CA ILE B 334 -26.92 -21.26 7.89
C ILE B 334 -26.51 -19.81 8.03
N LYS B 335 -26.91 -19.18 9.12
CA LYS B 335 -26.52 -17.81 9.33
C LYS B 335 -25.00 -17.64 9.31
N ILE B 336 -24.30 -18.57 9.92
CA ILE B 336 -22.85 -18.52 9.96
C ILE B 336 -22.23 -18.64 8.56
N TYR B 337 -22.75 -19.53 7.74
CA TYR B 337 -22.28 -19.66 6.35
C TYR B 337 -22.63 -18.47 5.45
N GLN B 338 -23.70 -17.76 5.80
CA GLN B 338 -24.07 -16.52 5.12
C GLN B 338 -23.17 -15.33 5.52
N GLY B 339 -22.59 -15.41 6.71
CA GLY B 339 -21.71 -14.38 7.20
C GLY B 339 -20.29 -14.52 6.71
N GLU B 340 -19.37 -13.80 7.36
CA GLU B 340 -17.95 -13.79 7.01
C GLU B 340 -17.06 -14.16 8.21
N GLU B 341 -17.66 -14.86 9.17
CA GLU B 341 -16.96 -15.32 10.38
CA GLU B 341 -16.97 -15.33 10.35
C GLU B 341 -15.94 -16.42 10.07
N LEU B 342 -16.32 -17.32 9.19
CA LEU B 342 -15.50 -18.44 8.76
C LEU B 342 -14.42 -18.13 7.75
N PRO B 343 -13.30 -18.87 7.80
CA PRO B 343 -12.29 -18.78 6.75
C PRO B 343 -12.87 -19.27 5.40
N HIS B 344 -12.43 -18.70 4.29
CA HIS B 344 -12.89 -19.14 2.98
C HIS B 344 -12.19 -20.45 2.58
N PRO B 345 -12.95 -21.49 2.14
CA PRO B 345 -12.27 -22.66 1.55
C PRO B 345 -11.46 -22.30 0.26
N LYS B 346 -10.27 -22.84 0.13
CA LYS B 346 -9.44 -22.54 -1.04
C LYS B 346 -8.83 -23.80 -1.64
N SER B 347 -8.52 -23.72 -2.93
CA SER B 347 -7.85 -24.80 -3.60
C SER B 347 -6.44 -24.93 -3.06
N MSE B 348 -5.81 -26.07 -3.38
CA MSE B 348 -4.45 -26.32 -2.96
C MSE B 348 -3.52 -25.19 -3.40
O MSE B 348 -2.67 -24.74 -2.64
CB MSE B 348 -3.95 -27.63 -3.51
CG MSE B 348 -4.45 -28.86 -2.77
SE MSE B 348 -3.77 -30.55 -3.60
CE MSE B 348 -4.80 -30.50 -5.26
N LEU B 349 -3.62 -24.81 -4.66
CA LEU B 349 -2.72 -23.82 -5.19
C LEU B 349 -2.97 -22.48 -4.48
N GLN B 350 -4.22 -22.06 -4.37
CA GLN B 350 -4.49 -20.78 -3.75
C GLN B 350 -4.00 -20.73 -2.30
N ALA B 351 -4.35 -21.73 -1.50
CA ALA B 351 -3.93 -21.76 -0.10
C ALA B 351 -2.40 -21.93 0.06
N THR B 352 -1.79 -22.80 -0.74
CA THR B 352 -0.35 -22.99 -0.65
C THR B 352 0.43 -21.73 -1.09
N ALA B 353 -0.02 -21.06 -2.15
CA ALA B 353 0.61 -19.81 -2.61
C ALA B 353 0.56 -18.74 -1.51
N GLU B 354 -0.60 -18.62 -0.88
CA GLU B 354 -0.74 -17.69 0.22
C GLU B 354 0.18 -18.04 1.41
N ALA B 355 0.24 -19.31 1.80
CA ALA B 355 1.08 -19.74 2.90
C ALA B 355 2.53 -19.42 2.61
N ASN B 356 2.98 -19.75 1.40
CA ASN B 356 4.37 -19.49 1.00
C ASN B 356 4.70 -18.02 1.09
N ASN B 357 3.80 -17.20 0.53
CA ASN B 357 4.05 -15.77 0.52
C ASN B 357 4.03 -15.13 1.90
N LEU B 358 3.04 -15.47 2.72
CA LEU B 358 2.92 -14.92 4.07
C LEU B 358 4.17 -15.29 4.91
N ALA B 359 4.58 -16.54 4.79
CA ALA B 359 5.72 -16.99 5.52
C ALA B 359 6.97 -16.25 5.06
N ALA B 360 7.14 -16.04 3.75
CA ALA B 360 8.34 -15.35 3.25
C ALA B 360 8.39 -13.87 3.62
N VAL B 361 7.24 -13.22 3.63
CA VAL B 361 7.15 -11.85 4.08
C VAL B 361 7.58 -11.76 5.54
N ALA B 362 7.10 -12.67 6.39
CA ALA B 362 7.48 -12.61 7.79
C ALA B 362 9.03 -12.80 8.04
N THR B 363 9.65 -13.76 7.37
CA THR B 363 11.08 -13.97 7.50
C THR B 363 11.84 -12.76 7.01
N ALA B 364 11.47 -12.27 5.84
CA ALA B 364 12.13 -11.15 5.21
C ALA B 364 12.09 -9.90 6.07
N LYS B 365 10.92 -9.67 6.65
CA LYS B 365 10.68 -8.49 7.48
C LYS B 365 11.44 -8.62 8.81
N ASP B 366 11.41 -9.84 9.33
CA ASP B 366 12.04 -10.18 10.58
C ASP B 366 13.60 -10.04 10.40
N THR B 367 14.15 -10.40 9.24
CA THR B 367 15.58 -10.21 8.98
C THR B 367 15.93 -8.73 8.94
N TYR B 368 15.09 -7.95 8.30
CA TYR B 368 15.34 -6.53 8.24
C TYR B 368 15.35 -5.92 9.62
N ASN B 369 14.35 -6.33 10.39
CA ASN B 369 14.11 -5.79 11.71
C ASN B 369 15.32 -6.08 12.69
N LYS B 370 15.87 -7.31 12.67
CA LYS B 370 16.98 -7.68 13.54
C LYS B 370 18.19 -6.84 13.24
N LYS B 371 18.44 -6.66 11.95
CA LYS B 371 19.59 -5.87 11.48
C LYS B 371 19.48 -4.39 11.80
N MSE B 372 18.31 -3.81 11.68
CA MSE B 372 18.13 -2.42 12.05
C MSE B 372 18.34 -2.30 13.56
O MSE B 372 18.88 -1.30 14.02
CB MSE B 372 16.78 -1.89 11.61
CG MSE B 372 16.74 -1.67 10.09
SE MSE B 372 17.91 -0.12 9.44
CE MSE B 372 16.77 1.38 10.05
N GLU B 373 17.92 -3.31 14.33
CA GLU B 373 18.16 -3.28 15.78
C GLU B 373 19.62 -3.16 16.15
N GLU B 374 20.50 -3.76 15.36
CA GLU B 374 21.92 -3.63 15.67
C GLU B 374 22.44 -2.24 15.36
N ILE B 375 21.62 -1.46 14.66
CA ILE B 375 22.05 -0.17 14.17
C ILE B 375 21.35 0.95 14.91
N CYS B 376 20.08 0.77 15.19
CA CYS B 376 19.43 1.83 15.90
C CYS B 376 18.40 1.41 16.97
N GLY B 377 18.67 0.28 17.62
CA GLY B 377 17.99 -0.07 18.85
C GLY B 377 18.24 0.94 19.94
N GLY B 378 17.50 0.83 21.03
CA GLY B 378 17.60 1.76 22.14
C GLY B 378 18.98 1.72 22.79
N ASP B 379 19.72 0.61 22.61
CA ASP B 379 21.02 0.55 23.25
C ASP B 379 22.13 1.04 22.32
N LYS B 380 21.73 1.65 21.20
CA LYS B 380 22.68 2.13 20.19
C LYS B 380 22.81 3.65 20.09
N PRO B 381 24.03 4.11 19.75
CA PRO B 381 24.31 5.56 19.64
C PRO B 381 23.58 6.18 18.44
N PHE B 382 23.48 7.50 18.44
CA PHE B 382 22.96 8.26 17.33
C PHE B 382 23.77 7.96 16.04
N LEU B 383 23.08 7.80 14.95
CA LEU B 383 23.68 7.63 13.64
C LEU B 383 23.25 8.80 12.77
N ALA B 384 24.17 9.41 12.02
CA ALA B 384 23.75 10.54 11.16
C ALA B 384 22.68 10.08 10.16
N PRO B 385 21.64 10.88 9.98
CA PRO B 385 20.50 10.43 9.16
C PRO B 385 20.90 10.01 7.75
N ASN B 386 21.85 10.67 7.11
CA ASN B 386 22.30 10.24 5.77
C ASN B 386 22.88 8.85 5.81
N ASP B 387 23.63 8.55 6.86
CA ASP B 387 24.18 7.22 6.95
C ASP B 387 23.14 6.19 7.28
N LEU B 388 22.17 6.53 8.14
CA LEU B 388 21.07 5.63 8.49
C LEU B 388 20.23 5.28 7.25
N GLN B 389 19.98 6.25 6.40
CA GLN B 389 19.22 6.02 5.20
C GLN B 389 19.99 5.05 4.33
N THR B 390 21.29 5.26 4.22
CA THR B 390 22.12 4.34 3.43
C THR B 390 22.04 2.89 3.96
N LYS B 391 22.10 2.73 5.28
CA LYS B 391 22.01 1.42 5.91
C LYS B 391 20.63 0.77 5.73
N HIS B 392 19.58 1.60 5.83
CA HIS B 392 18.22 1.11 5.62
C HIS B 392 18.00 0.58 4.19
N LEU B 393 18.42 1.33 3.18
CA LEU B 393 18.32 0.92 1.78
C LEU B 393 19.09 -0.38 1.49
N GLN B 394 20.26 -0.51 2.14
CA GLN B 394 21.07 -1.71 1.95
C GLN B 394 20.27 -2.89 2.46
N LEU B 395 19.80 -2.72 3.69
CA LEU B 395 19.06 -3.75 4.40
C LEU B 395 17.69 -4.13 3.78
N LYS B 396 16.95 -3.12 3.34
CA LYS B 396 15.68 -3.36 2.66
C LYS B 396 15.94 -4.21 1.40
N GLU B 397 16.93 -3.80 0.60
CA GLU B 397 17.25 -4.52 -0.61
C GLU B 397 17.64 -5.96 -0.31
N GLU B 398 18.40 -6.18 0.75
CA GLU B 398 18.77 -7.55 1.10
C GLU B 398 17.55 -8.40 1.43
N SER B 399 16.59 -7.82 2.15
CA SER B 399 15.33 -8.50 2.47
C SER B 399 14.44 -8.75 1.25
N VAL B 400 14.44 -7.83 0.30
CA VAL B 400 13.66 -8.01 -0.91
C VAL B 400 14.25 -9.19 -1.73
N LYS B 401 15.57 -9.26 -1.86
CA LYS B 401 16.20 -10.37 -2.59
C LYS B 401 15.94 -11.68 -1.92
N LEU B 402 16.00 -11.65 -0.60
CA LEU B 402 15.75 -12.83 0.19
C LEU B 402 14.33 -13.34 -0.14
N PHE B 403 13.35 -12.43 -0.14
CA PHE B 403 11.99 -12.74 -0.52
C PHE B 403 11.90 -13.27 -1.96
N ARG B 404 12.56 -12.57 -2.90
CA ARG B 404 12.49 -12.93 -4.31
CA ARG B 404 12.48 -12.94 -4.32
C ARG B 404 13.11 -14.29 -4.60
N GLY B 405 14.15 -14.64 -3.85
CA GLY B 405 14.82 -15.90 -4.02
C GLY B 405 14.08 -17.15 -3.57
N VAL B 406 13.07 -16.99 -2.74
CA VAL B 406 12.32 -18.14 -2.28
C VAL B 406 11.26 -18.51 -3.30
N LYS B 407 11.35 -19.75 -3.77
CA LYS B 407 10.40 -20.29 -4.71
C LYS B 407 9.09 -20.61 -4.00
N LYS B 408 8.01 -20.11 -4.59
CA LYS B 408 6.69 -20.25 -4.05
C LYS B 408 5.72 -20.61 -5.15
N MSE B 409 4.65 -21.26 -4.72
CA MSE B 409 3.51 -21.47 -5.56
C MSE B 409 2.75 -20.13 -5.55
O MSE B 409 2.78 -19.41 -4.55
CB MSE B 409 2.66 -22.60 -4.92
CG MSE B 409 2.10 -23.75 -5.71
SE MSE B 409 3.25 -25.30 -5.76
CE MSE B 409 3.23 -26.02 -3.96
N GLY B 410 2.17 -19.66 -6.64
CA GLY B 410 2.65 -19.95 -7.96
C GLY B 410 3.42 -18.72 -8.46
N GLY B 411 4.75 -18.76 -8.28
CA GLY B 411 5.66 -17.80 -8.88
C GLY B 411 5.53 -16.35 -8.52
N GLU B 412 6.22 -15.52 -9.32
CA GLU B 412 6.28 -14.10 -9.12
C GLU B 412 4.97 -13.33 -9.23
N GLU B 413 4.08 -13.74 -10.16
CA GLU B 413 2.82 -13.00 -10.40
C GLU B 413 2.06 -12.96 -9.10
N PHE B 414 1.81 -14.14 -8.57
CA PHE B 414 1.11 -14.24 -7.31
C PHE B 414 1.90 -13.63 -6.17
N SER B 415 3.24 -13.61 -6.26
CA SER B 415 4.01 -13.10 -5.12
C SER B 415 3.90 -11.58 -5.02
N ARG B 416 3.53 -10.97 -6.14
CA ARG B 416 3.57 -9.51 -6.26
C ARG B 416 2.83 -8.63 -5.28
N ARG B 417 1.58 -8.94 -4.95
CA ARG B 417 0.89 -8.10 -4.00
CA ARG B 417 0.90 -8.10 -3.98
C ARG B 417 1.63 -8.18 -2.64
N TYR B 418 2.26 -9.32 -2.39
CA TYR B 418 3.01 -9.54 -1.16
C TYR B 418 4.35 -8.81 -1.09
N LEU B 419 5.08 -8.79 -2.20
CA LEU B 419 6.34 -8.08 -2.26
C LEU B 419 6.13 -6.58 -2.00
N GLN B 420 5.10 -6.00 -2.60
CA GLN B 420 4.78 -4.61 -2.35
C GLN B 420 4.40 -4.39 -0.89
N GLN B 421 3.71 -5.36 -0.29
CA GLN B 421 3.39 -5.29 1.13
C GLN B 421 4.65 -5.36 1.99
N LEU B 422 5.58 -6.20 1.55
CA LEU B 422 6.84 -6.33 2.26
C LEU B 422 7.58 -4.97 2.25
N GLU B 423 7.73 -4.35 1.08
CA GLU B 423 8.40 -3.07 0.96
C GLU B 423 7.64 -1.98 1.75
N SER B 424 6.31 -2.01 1.64
CA SER B 424 5.53 -1.02 2.35
C SER B 424 5.65 -1.21 3.89
N GLU B 425 5.73 -2.44 4.36
CA GLU B 425 5.87 -2.67 5.78
C GLU B 425 7.27 -2.37 6.37
N ILE B 426 8.30 -2.64 5.57
CA ILE B 426 9.66 -2.28 5.93
C ILE B 426 9.82 -0.74 6.04
N ASP B 427 9.21 -0.03 5.12
CA ASP B 427 9.23 1.43 5.17
C ASP B 427 8.57 1.99 6.44
N GLU B 428 7.47 1.38 6.87
CA GLU B 428 6.84 1.75 8.15
C GLU B 428 7.83 1.52 9.28
N LEU B 429 8.52 0.39 9.27
CA LEU B 429 9.49 0.15 10.32
C LEU B 429 10.58 1.21 10.31
N TYR B 430 11.07 1.54 9.13
CA TYR B 430 12.11 2.53 8.96
C TYR B 430 11.66 3.86 9.57
N ILE B 431 10.40 4.23 9.29
CA ILE B 431 9.85 5.45 9.85
C ILE B 431 9.83 5.45 11.39
N GLN B 432 9.47 4.34 11.99
CA GLN B 432 9.57 4.20 13.46
C GLN B 432 11.05 4.34 13.92
N TYR B 433 11.98 3.71 13.20
CA TYR B 433 13.38 3.86 13.57
C TYR B 433 13.94 5.28 13.43
N ILE B 434 13.43 6.02 12.46
CA ILE B 434 13.87 7.38 12.25
C ILE B 434 13.55 8.17 13.51
N LYS B 435 12.34 8.00 14.05
CA LYS B 435 11.99 8.72 15.26
C LYS B 435 12.87 8.37 16.48
N HIS B 436 13.22 7.11 16.65
CA HIS B 436 14.09 6.75 17.76
C HIS B 436 15.44 7.45 17.56
N ASN B 437 15.94 7.41 16.34
CA ASN B 437 17.23 7.98 16.07
C ASN B 437 17.24 9.50 16.26
N ASP B 438 16.19 10.18 15.81
CA ASP B 438 16.14 11.63 15.96
C ASP B 438 16.14 12.03 17.44
N SER B 439 15.61 11.18 18.31
CA SER B 439 15.56 11.50 19.75
C SER B 439 16.91 11.50 20.44
N LYS B 440 17.93 11.00 19.73
CA LYS B 440 19.28 10.96 20.22
C LYS B 440 20.23 11.94 19.52
N THR B 441 19.70 12.88 18.76
CA THR B 441 20.50 13.75 17.88
C THR B 441 21.60 14.54 18.59
N ILE B 442 22.80 14.53 18.00
CA ILE B 442 23.92 15.32 18.47
C ILE B 442 24.29 16.34 17.39
N PHE B 443 24.28 17.62 17.76
CA PHE B 443 24.78 18.67 16.90
C PHE B 443 25.80 19.56 17.58
N HIS B 444 27.00 19.67 17.03
CA HIS B 444 27.94 20.62 17.61
C HIS B 444 28.22 21.77 16.63
N ALA B 445 28.04 23.02 17.06
CA ALA B 445 28.41 24.14 16.20
C ALA B 445 29.93 24.23 16.18
N ALA B 446 30.51 24.37 15.00
CA ALA B 446 31.95 24.50 14.85
C ALA B 446 32.26 25.18 13.54
N ARG B 447 33.26 26.05 13.57
CA ARG B 447 33.64 26.85 12.40
C ARG B 447 34.29 25.99 11.29
N LYS C 32 43.34 48.89 -11.67
CA LYS C 32 42.62 48.88 -10.39
C LYS C 32 41.78 47.60 -10.20
N ALA C 33 41.57 47.15 -8.96
CA ALA C 33 40.74 45.97 -8.75
C ALA C 33 39.32 46.55 -8.61
N GLY C 34 38.30 45.79 -8.95
CA GLY C 34 36.92 46.27 -8.82
C GLY C 34 35.92 45.14 -8.86
N PRO C 35 34.65 45.45 -8.58
CA PRO C 35 33.61 44.42 -8.61
C PRO C 35 33.25 44.09 -10.07
N VAL C 36 33.01 42.81 -10.37
CA VAL C 36 32.61 42.36 -11.71
C VAL C 36 31.33 41.55 -11.67
N GLN C 37 30.39 41.94 -12.50
CA GLN C 37 29.12 41.28 -12.57
C GLN C 37 29.30 39.98 -13.33
N VAL C 38 29.07 38.83 -12.69
CA VAL C 38 29.32 37.55 -13.37
C VAL C 38 28.00 36.84 -13.68
N LEU C 39 27.07 36.82 -12.73
CA LEU C 39 25.72 36.35 -13.03
C LEU C 39 24.75 37.51 -13.13
N ILE C 40 24.08 37.65 -14.27
CA ILE C 40 23.11 38.73 -14.53
C ILE C 40 21.64 38.28 -14.49
N VAL C 41 20.82 38.97 -13.72
CA VAL C 41 19.40 38.66 -13.77
C VAL C 41 18.71 39.74 -14.61
N LYS C 42 18.11 39.34 -15.73
CA LYS C 42 17.37 40.21 -16.64
C LYS C 42 15.99 40.58 -16.14
N ASP C 43 15.33 41.55 -16.81
CA ASP C 43 13.96 41.94 -16.39
C ASP C 43 12.93 40.89 -16.63
N ASP C 44 13.18 39.96 -17.53
CA ASP C 44 12.23 38.88 -17.74
C ASP C 44 12.48 37.69 -16.81
N HIS C 45 13.35 37.90 -15.81
CA HIS C 45 13.60 36.88 -14.80
C HIS C 45 14.40 35.70 -15.33
N SER C 46 15.08 35.91 -16.45
CA SER C 46 16.01 34.92 -16.94
C SER C 46 17.40 35.25 -16.46
N PHE C 47 18.32 34.30 -16.64
CA PHE C 47 19.71 34.46 -16.15
C PHE C 47 20.83 34.31 -17.20
N GLU C 48 21.80 35.20 -17.14
CA GLU C 48 23.01 35.13 -17.97
C GLU C 48 24.27 35.12 -17.15
N LEU C 49 25.17 34.27 -17.58
CA LEU C 49 26.51 34.24 -17.05
C LEU C 49 27.39 35.02 -18.02
N ASP C 50 28.14 35.98 -17.52
CA ASP C 50 29.13 36.65 -18.36
C ASP C 50 30.38 35.79 -18.35
N GLU C 51 30.51 34.87 -19.30
CA GLU C 51 31.64 33.96 -19.26
C GLU C 51 32.94 34.68 -19.54
N THR C 52 32.92 35.65 -20.45
CA THR C 52 34.17 36.34 -20.74
C THR C 52 34.72 36.95 -19.46
N ALA C 53 33.86 37.65 -18.72
CA ALA C 53 34.31 38.27 -17.48
C ALA C 53 34.78 37.24 -16.46
N LEU C 54 34.04 36.15 -16.34
CA LEU C 54 34.40 35.09 -15.42
C LEU C 54 35.74 34.45 -15.78
N ASN C 55 35.95 34.16 -17.06
CA ASN C 55 37.18 33.53 -17.54
C ASN C 55 38.39 34.39 -17.34
N ARG C 56 38.22 35.67 -17.60
CA ARG C 56 39.31 36.62 -17.49
C ARG C 56 39.80 36.68 -16.04
N ILE C 57 38.93 36.48 -15.06
CA ILE C 57 39.32 36.46 -13.65
C ILE C 57 39.88 35.10 -13.14
N LEU C 58 39.14 34.03 -13.40
CA LEU C 58 39.48 32.75 -12.80
C LEU C 58 40.34 31.87 -13.71
N LEU C 59 40.47 32.21 -14.97
CA LEU C 59 41.26 31.37 -15.86
C LEU C 59 42.64 32.02 -16.20
N SER C 60 42.95 33.16 -15.59
CA SER C 60 44.23 33.78 -15.79
C SER C 60 45.28 32.80 -15.29
N GLU C 61 46.45 32.88 -15.90
CA GLU C 61 47.56 31.98 -15.67
C GLU C 61 48.00 31.87 -14.20
N ALA C 62 47.95 32.98 -13.46
CA ALA C 62 48.39 32.98 -12.05
C ALA C 62 47.48 32.20 -11.08
N VAL C 63 46.20 32.10 -11.40
CA VAL C 63 45.24 31.52 -10.45
C VAL C 63 44.59 30.24 -10.97
N ARG C 64 44.65 30.03 -12.28
CA ARG C 64 43.86 29.00 -12.91
C ARG C 64 44.03 27.60 -12.33
N ASP C 65 45.26 27.27 -11.99
CA ASP C 65 45.53 25.93 -11.52
C ASP C 65 45.64 25.78 -10.02
N LYS C 66 45.38 26.87 -9.31
CA LYS C 66 45.40 26.89 -7.86
C LYS C 66 44.06 26.46 -7.23
N GLU C 67 44.15 25.68 -6.16
CA GLU C 67 42.94 25.30 -5.42
C GLU C 67 42.27 26.55 -4.81
N VAL C 68 40.95 26.56 -4.87
CA VAL C 68 40.21 27.78 -4.64
C VAL C 68 39.38 27.72 -3.34
N VAL C 69 39.37 28.85 -2.67
CA VAL C 69 38.51 29.13 -1.53
C VAL C 69 37.56 30.23 -2.01
N ALA C 70 36.26 29.95 -1.92
CA ALA C 70 35.20 30.84 -2.42
C ALA C 70 34.35 31.30 -1.26
N VAL C 71 34.29 32.61 -1.06
CA VAL C 71 33.55 33.16 0.06
C VAL C 71 32.38 33.93 -0.42
N SER C 72 31.22 33.63 0.16
CA SER C 72 29.98 34.25 -0.26
C SER C 72 29.23 34.76 0.94
N VAL C 73 28.47 35.83 0.74
CA VAL C 73 27.53 36.35 1.73
C VAL C 73 26.14 36.36 1.06
N ALA C 74 25.10 35.91 1.78
CA ALA C 74 23.78 35.86 1.17
C ALA C 74 22.68 36.00 2.21
N GLY C 75 21.50 36.45 1.80
CA GLY C 75 20.44 36.63 2.77
C GLY C 75 19.55 37.78 2.33
N ALA C 76 18.65 38.14 3.22
CA ALA C 76 17.68 39.19 2.91
C ALA C 76 18.36 40.47 2.42
N PHE C 77 17.66 41.17 1.55
CA PHE C 77 18.13 42.43 1.00
C PHE C 77 18.16 43.56 2.06
N ARG C 78 19.04 44.55 1.86
CA ARG C 78 19.20 45.71 2.75
C ARG C 78 19.69 45.37 4.15
N LYS C 79 20.51 44.36 4.32
CA LYS C 79 20.95 43.99 5.66
C LYS C 79 22.46 44.08 5.83
N GLY C 80 23.14 44.79 4.93
CA GLY C 80 24.56 45.04 5.09
C GLY C 80 25.53 43.97 4.62
N LYS C 81 25.14 43.19 3.64
CA LYS C 81 26.02 42.17 3.05
C LYS C 81 27.25 42.75 2.36
N SER C 82 27.01 43.70 1.45
CA SER C 82 28.06 44.32 0.68
C SER C 82 29.01 45.11 1.57
N PHE C 83 28.42 45.78 2.56
CA PHE C 83 29.14 46.59 3.53
C PHE C 83 30.12 45.70 4.28
N LEU C 84 29.61 44.59 4.83
CA LEU C 84 30.44 43.61 5.51
C LEU C 84 31.55 43.13 4.59
N MSE C 85 31.17 42.78 3.38
CA MSE C 85 32.11 42.29 2.41
C MSE C 85 33.22 43.27 2.05
O MSE C 85 34.31 42.87 1.69
CB MSE C 85 31.38 41.83 1.16
CG MSE C 85 32.30 41.09 0.21
SE MSE C 85 32.01 39.23 -0.05
CE MSE C 85 30.09 39.45 -0.16
N ASP C 86 32.94 44.57 2.10
CA ASP C 86 33.99 45.54 1.82
C ASP C 86 35.09 45.58 2.91
N PHE C 87 34.68 45.28 4.15
CA PHE C 87 35.60 45.06 5.28
C PHE C 87 36.40 43.78 5.10
N MSE C 88 35.79 42.75 4.56
CA MSE C 88 36.56 41.54 4.22
C MSE C 88 37.69 41.84 3.20
O MSE C 88 38.76 41.27 3.29
CB MSE C 88 35.64 40.45 3.73
CG MSE C 88 34.72 39.97 4.81
SE MSE C 88 33.41 38.67 4.15
CE MSE C 88 34.50 37.55 3.06
N LEU C 89 37.42 42.73 2.25
CA LEU C 89 38.41 43.15 1.28
C LEU C 89 39.59 43.88 1.98
N ARG C 90 39.29 44.77 2.92
CA ARG C 90 40.35 45.47 3.67
C ARG C 90 41.23 44.44 4.35
N TYR C 91 40.64 43.41 4.93
CA TYR C 91 41.41 42.35 5.54
C TYR C 91 42.25 41.62 4.51
N MSE C 92 41.66 41.28 3.37
CA MSE C 92 42.40 40.55 2.34
C MSE C 92 43.60 41.32 1.79
O MSE C 92 44.62 40.74 1.46
CB MSE C 92 41.50 40.09 1.21
CG MSE C 92 41.79 38.60 0.91
SE MSE C 92 41.15 37.45 2.38
CE MSE C 92 39.54 38.45 2.42
N TYR C 93 43.46 42.62 1.62
CA TYR C 93 44.60 43.40 1.20
C TYR C 93 45.62 43.54 2.33
N ASN C 94 45.18 43.84 3.53
CA ASN C 94 46.11 44.26 4.59
C ASN C 94 46.25 43.36 5.81
N GLN C 95 46.00 42.06 5.68
CA GLN C 95 45.94 41.24 6.89
C GLN C 95 47.26 41.15 7.67
N GLU C 96 48.36 41.47 7.02
CA GLU C 96 49.69 41.34 7.64
C GLU C 96 49.93 42.43 8.68
N SER C 97 49.27 43.57 8.54
CA SER C 97 49.36 44.71 9.47
C SER C 97 48.47 44.50 10.69
N VAL C 98 48.90 44.99 11.85
CA VAL C 98 48.04 44.84 13.02
C VAL C 98 46.78 45.68 12.84
N ASP C 99 46.87 46.67 11.97
CA ASP C 99 45.73 47.52 11.71
C ASP C 99 45.41 47.18 10.26
N TRP C 100 44.24 46.66 9.97
CA TRP C 100 43.83 46.24 8.65
C TRP C 100 42.45 46.76 8.53
N VAL C 101 41.87 46.98 9.70
CA VAL C 101 40.48 47.35 9.75
C VAL C 101 40.33 48.72 9.11
N GLY C 102 41.45 49.43 9.06
CA GLY C 102 41.54 50.68 8.35
C GLY C 102 41.72 51.96 9.16
N ASP C 103 42.11 53.02 8.44
CA ASP C 103 42.20 54.35 9.00
C ASP C 103 40.76 54.76 9.32
N TYR C 104 40.54 55.40 10.47
CA TYR C 104 39.19 55.75 10.95
C TYR C 104 38.48 56.82 10.08
N ASN C 105 39.22 57.43 9.17
CA ASN C 105 38.67 58.41 8.23
C ASN C 105 38.55 57.89 6.79
N GLU C 106 38.80 56.61 6.60
CA GLU C 106 38.89 56.13 5.23
C GLU C 106 37.49 55.60 4.90
N PRO C 107 36.86 56.11 3.82
CA PRO C 107 35.53 55.65 3.42
C PRO C 107 35.52 54.18 3.02
N LEU C 108 34.41 53.47 3.18
CA LEU C 108 34.38 52.06 2.81
C LEU C 108 34.05 51.88 1.34
N THR C 109 34.94 51.26 0.58
CA THR C 109 34.72 51.10 -0.84
C THR C 109 34.81 49.63 -1.25
N GLY C 110 34.50 49.33 -2.52
CA GLY C 110 34.62 47.99 -3.06
C GLY C 110 33.34 47.59 -3.77
N PHE C 111 32.65 46.57 -3.25
CA PHE C 111 31.28 46.29 -3.67
C PHE C 111 30.38 47.47 -3.31
N SER C 112 29.43 47.79 -4.17
CA SER C 112 28.55 48.93 -4.00
C SER C 112 27.54 48.73 -2.87
N TRP C 113 27.50 49.67 -1.95
CA TRP C 113 26.59 49.69 -0.79
C TRP C 113 26.07 51.10 -0.59
N ARG C 114 24.90 51.23 0.04
CA ARG C 114 24.26 52.53 0.34
C ARG C 114 23.06 52.35 1.22
N GLY C 115 22.48 53.45 1.67
CA GLY C 115 21.23 53.43 2.40
C GLY C 115 20.01 53.39 1.49
N GLY C 116 18.82 53.62 2.04
CA GLY C 116 17.61 53.48 1.26
C GLY C 116 16.96 52.12 1.32
N SER C 117 15.64 52.11 1.15
CA SER C 117 14.82 50.89 1.21
C SER C 117 14.84 50.04 -0.07
N GLU C 118 15.42 50.54 -1.16
CA GLU C 118 15.49 49.76 -2.41
C GLU C 118 16.79 48.98 -2.55
N ARG C 119 16.67 47.74 -3.03
CA ARG C 119 17.82 46.84 -3.22
C ARG C 119 18.92 47.51 -4.04
N GLU C 120 20.17 47.12 -3.80
CA GLU C 120 21.30 47.57 -4.59
C GLU C 120 21.95 46.47 -5.44
N THR C 121 22.57 45.49 -4.80
CA THR C 121 23.21 44.40 -5.51
C THR C 121 22.24 43.50 -6.27
N THR C 122 22.51 43.23 -7.54
CA THR C 122 21.74 42.24 -8.28
C THR C 122 22.63 41.10 -8.76
N GLY C 123 22.02 39.94 -8.99
CA GLY C 123 22.74 38.74 -9.44
C GLY C 123 23.87 38.36 -8.51
N ILE C 124 25.01 38.02 -9.12
CA ILE C 124 26.19 37.76 -8.34
C ILE C 124 27.39 38.52 -8.91
N GLN C 125 28.13 39.18 -8.05
CA GLN C 125 29.34 39.82 -8.52
C GLN C 125 30.52 39.30 -7.71
N ILE C 126 31.68 39.23 -8.35
CA ILE C 126 32.89 38.82 -7.64
C ILE C 126 33.95 39.93 -7.68
N TRP C 127 34.90 39.93 -6.73
CA TRP C 127 36.01 40.89 -6.79
C TRP C 127 36.95 40.47 -7.92
N SER C 128 37.40 41.41 -8.75
CA SER C 128 38.27 41.09 -9.91
C SER C 128 39.60 40.48 -9.50
N GLU C 129 40.06 40.83 -8.31
CA GLU C 129 41.34 40.36 -7.86
C GLU C 129 41.20 39.11 -7.00
N ILE C 130 41.72 38.01 -7.51
CA ILE C 130 41.78 36.76 -6.78
C ILE C 130 42.98 36.81 -5.83
N PHE C 131 42.75 36.57 -4.55
CA PHE C 131 43.84 36.61 -3.60
C PHE C 131 44.60 35.29 -3.46
N LEU C 132 45.93 35.37 -3.56
CA LEU C 132 46.77 34.20 -3.36
C LEU C 132 47.37 34.22 -1.97
N ILE C 133 47.00 33.24 -1.17
CA ILE C 133 47.35 33.19 0.24
C ILE C 133 48.07 31.89 0.52
N ASN C 134 49.09 31.98 1.37
CA ASN C 134 49.80 30.80 1.80
C ASN C 134 49.17 30.21 3.02
N LYS C 135 48.80 28.94 2.95
CA LYS C 135 48.27 28.24 4.10
C LYS C 135 49.33 27.70 5.03
N PRO C 136 48.97 27.55 6.32
CA PRO C 136 49.93 27.10 7.31
C PRO C 136 50.52 25.72 6.99
N ASP C 137 49.92 24.99 6.05
CA ASP C 137 50.48 23.69 5.64
C ASP C 137 51.35 23.75 4.39
N GLY C 138 51.53 24.96 3.88
CA GLY C 138 52.34 25.17 2.71
C GLY C 138 51.60 25.27 1.37
N LYS C 139 50.29 25.04 1.36
CA LYS C 139 49.50 25.14 0.17
C LYS C 139 49.29 26.61 -0.19
N LYS C 140 49.52 27.00 -1.44
CA LYS C 140 49.13 28.34 -1.84
C LYS C 140 47.72 28.27 -2.45
N VAL C 141 46.74 28.99 -1.91
CA VAL C 141 45.39 28.90 -2.45
C VAL C 141 44.92 30.24 -3.00
N ALA C 142 43.92 30.18 -3.87
CA ALA C 142 43.32 31.37 -4.47
C ALA C 142 42.04 31.67 -3.72
N VAL C 143 41.84 32.92 -3.34
CA VAL C 143 40.64 33.26 -2.57
C VAL C 143 39.72 34.17 -3.36
N LEU C 144 38.48 33.71 -3.53
CA LEU C 144 37.51 34.44 -4.33
C LEU C 144 36.40 34.99 -3.45
N LEU C 145 36.03 36.25 -3.70
CA LEU C 145 34.93 36.87 -2.97
C LEU C 145 33.76 37.10 -3.85
N MSE C 146 32.61 36.68 -3.33
CA MSE C 146 31.32 36.75 -3.99
C MSE C 146 30.24 37.55 -3.24
O MSE C 146 29.89 37.20 -2.12
CB MSE C 146 30.84 35.34 -4.14
CG MSE C 146 29.79 35.00 -5.06
SE MSE C 146 30.02 33.04 -5.20
CE MSE C 146 28.52 32.85 -6.37
N ASP C 147 29.69 38.59 -3.86
CA ASP C 147 28.58 39.36 -3.27
C ASP C 147 27.31 39.08 -4.04
N THR C 148 26.18 38.98 -3.38
CA THR C 148 24.98 38.45 -4.00
C THR C 148 23.78 39.37 -3.84
N GLN C 149 22.85 39.23 -4.76
CA GLN C 149 21.59 39.92 -4.68
C GLN C 149 20.76 39.43 -3.47
N GLY C 150 20.31 40.37 -2.66
CA GLY C 150 19.52 40.00 -1.51
C GLY C 150 18.21 39.35 -1.82
N THR C 151 17.81 38.40 -0.98
CA THR C 151 16.51 37.74 -1.11
C THR C 151 15.35 38.65 -0.66
N PHE C 152 14.17 38.35 -1.20
CA PHE C 152 12.85 38.95 -0.91
C PHE C 152 12.66 40.42 -1.20
N ASP C 153 13.37 40.91 -2.19
CA ASP C 153 13.05 42.22 -2.71
C ASP C 153 11.74 42.24 -3.52
N SER C 154 11.20 43.41 -3.78
CA SER C 154 9.87 43.51 -4.35
C SER C 154 9.87 43.44 -5.89
N GLN C 155 11.05 43.25 -6.50
CA GLN C 155 11.07 43.10 -7.94
C GLN C 155 11.47 41.71 -8.29
N SER C 156 11.54 40.84 -7.30
CA SER C 156 12.11 39.54 -7.59
C SER C 156 11.11 38.47 -7.39
N THR C 157 11.18 37.53 -8.30
CA THR C 157 10.46 36.29 -8.21
C THR C 157 11.15 35.42 -7.15
N LEU C 158 10.40 34.48 -6.58
CA LEU C 158 10.99 33.51 -5.66
C LEU C 158 12.06 32.63 -6.35
N ARG C 159 11.79 32.26 -7.60
CA ARG C 159 12.77 31.57 -8.43
C ARG C 159 14.03 32.44 -8.57
N ASP C 160 13.86 33.74 -8.76
CA ASP C 160 15.03 34.62 -8.84
C ASP C 160 15.90 34.50 -7.61
N SER C 161 15.27 34.71 -6.46
CA SER C 161 15.97 34.66 -5.18
C SER C 161 16.58 33.29 -4.88
N ALA C 162 15.83 32.23 -5.13
CA ALA C 162 16.31 30.88 -4.89
C ALA C 162 17.55 30.56 -5.72
N THR C 163 17.54 31.00 -6.98
CA THR C 163 18.66 30.73 -7.91
C THR C 163 19.96 31.38 -7.45
N VAL C 164 19.88 32.66 -7.11
CA VAL C 164 21.04 33.38 -6.64
C VAL C 164 21.58 32.73 -5.38
N PHE C 165 20.69 32.47 -4.44
CA PHE C 165 21.07 31.88 -3.16
C PHE C 165 21.70 30.49 -3.36
N ALA C 166 21.04 29.67 -4.17
CA ALA C 166 21.48 28.31 -4.42
C ALA C 166 22.86 28.28 -5.07
N LEU C 167 22.99 29.05 -6.15
CA LEU C 167 24.23 29.14 -6.89
C LEU C 167 25.38 29.62 -6.02
N SER C 168 25.14 30.64 -5.21
CA SER C 168 26.20 31.14 -4.34
C SER C 168 26.59 30.05 -3.33
N THR C 169 25.61 29.26 -2.85
CA THR C 169 25.92 28.20 -1.92
C THR C 169 26.66 27.06 -2.57
N MSE C 170 26.23 26.67 -3.77
CA MSE C 170 26.88 25.58 -4.49
C MSE C 170 28.34 25.84 -4.86
O MSE C 170 29.15 24.93 -4.94
CB MSE C 170 26.14 25.32 -5.78
CG MSE C 170 24.74 24.90 -5.57
SE MSE C 170 23.77 25.31 -7.21
CE MSE C 170 24.04 23.60 -8.13
N ILE C 171 28.66 27.10 -5.11
CA ILE C 171 29.98 27.48 -5.58
C ILE C 171 30.89 27.78 -4.40
N SER C 172 30.32 28.43 -3.39
CA SER C 172 31.08 28.84 -2.22
C SER C 172 31.52 27.65 -1.40
N SER C 173 32.65 27.79 -0.73
CA SER C 173 33.05 26.81 0.27
C SER C 173 32.70 27.35 1.65
N ILE C 174 32.64 28.68 1.75
CA ILE C 174 32.18 29.38 2.94
C ILE C 174 31.01 30.29 2.61
N GLN C 175 29.83 29.98 3.16
CA GLN C 175 28.64 30.81 2.91
C GLN C 175 28.28 31.52 4.23
N VAL C 176 28.28 32.85 4.20
CA VAL C 176 27.86 33.62 5.35
C VAL C 176 26.39 33.91 5.15
N TYR C 177 25.52 33.30 5.94
CA TYR C 177 24.08 33.52 5.87
C TYR C 177 23.76 34.68 6.81
N ASN C 178 23.50 35.85 6.22
CA ASN C 178 23.32 37.11 6.92
C ASN C 178 21.90 37.33 7.39
N LEU C 179 21.72 37.40 8.72
CA LEU C 179 20.39 37.59 9.27
C LEU C 179 20.29 38.83 10.14
N SER C 180 19.08 39.36 10.23
CA SER C 180 18.79 40.52 11.05
C SER C 180 18.20 40.12 12.40
N GLN C 181 18.88 40.47 13.49
CA GLN C 181 18.38 40.43 14.88
C GLN C 181 18.20 39.05 15.50
N ASN C 182 17.76 38.06 14.74
CA ASN C 182 17.42 36.77 15.33
C ASN C 182 17.38 35.68 14.26
N VAL C 183 17.32 34.43 14.69
CA VAL C 183 17.16 33.33 13.77
C VAL C 183 15.76 32.75 13.95
N GLN C 184 14.87 33.07 13.03
CA GLN C 184 13.48 32.70 13.18
C GLN C 184 13.16 31.46 12.37
N GLU C 185 12.00 30.86 12.65
CA GLU C 185 11.63 29.63 11.99
C GLU C 185 11.50 29.88 10.48
N ASP C 186 11.03 31.09 10.08
CA ASP C 186 10.93 31.42 8.65
C ASP C 186 12.30 31.51 7.99
N ASP C 187 13.32 31.99 8.71
CA ASP C 187 14.69 31.92 8.18
C ASP C 187 15.16 30.50 7.90
N LEU C 188 14.91 29.54 8.80
CA LEU C 188 15.31 28.15 8.60
C LEU C 188 14.59 27.52 7.41
N GLN C 189 13.33 27.85 7.29
CA GLN C 189 12.50 27.44 6.17
C GLN C 189 12.96 27.93 4.80
N HIS C 190 13.34 29.20 4.73
CA HIS C 190 13.92 29.80 3.53
C HIS C 190 15.26 29.13 3.18
N LEU C 191 16.10 28.94 4.19
CA LEU C 191 17.38 28.26 3.98
C LEU C 191 17.19 26.81 3.48
N GLN C 192 16.21 26.09 4.03
CA GLN C 192 15.97 24.72 3.58
C GLN C 192 15.55 24.64 2.10
N LEU C 193 14.60 25.49 1.67
CA LEU C 193 14.16 25.56 0.31
C LEU C 193 15.31 25.94 -0.67
N PHE C 194 16.06 26.99 -0.33
CA PHE C 194 17.13 27.47 -1.18
C PHE C 194 18.23 26.43 -1.34
N THR C 195 18.60 25.76 -0.26
CA THR C 195 19.61 24.72 -0.35
C THR C 195 19.11 23.48 -1.05
N GLU C 196 17.85 23.15 -0.84
CA GLU C 196 17.20 22.06 -1.56
C GLU C 196 17.24 22.35 -3.08
N TYR C 197 17.01 23.60 -3.46
CA TYR C 197 17.06 24.01 -4.83
C TYR C 197 18.46 23.86 -5.46
N GLY C 198 19.50 24.12 -4.66
CA GLY C 198 20.88 23.90 -5.06
C GLY C 198 21.18 22.40 -5.21
N ARG C 199 20.73 21.62 -4.24
CA ARG C 199 20.90 20.18 -4.24
C ARG C 199 20.32 19.50 -5.50
N LEU C 200 19.14 19.89 -5.95
CA LEU C 200 18.48 19.29 -7.14
C LEU C 200 19.33 19.41 -8.40
N ALA C 201 20.12 20.47 -8.47
CA ALA C 201 20.97 20.73 -9.62
C ALA C 201 22.33 20.01 -9.53
N MSE C 202 22.56 19.25 -8.47
CA MSE C 202 23.88 18.66 -8.26
C MSE C 202 23.92 17.18 -8.49
O MSE C 202 22.94 16.45 -8.26
CB MSE C 202 24.40 18.96 -6.88
CG MSE C 202 24.63 20.39 -6.69
SE MSE C 202 25.03 20.72 -4.83
CE MSE C 202 26.80 19.87 -4.77
N GLU C 203 25.12 16.74 -8.91
CA GLU C 203 25.43 15.33 -9.09
C GLU C 203 25.16 14.65 -7.76
N GLU C 204 24.65 13.44 -7.79
CA GLU C 204 24.37 12.71 -6.57
C GLU C 204 25.63 12.28 -5.82
N THR C 205 25.62 12.40 -4.51
CA THR C 205 26.81 12.01 -3.77
C THR C 205 26.41 11.52 -2.39
N PHE C 206 27.24 10.66 -1.79
CA PHE C 206 27.05 10.30 -0.37
C PHE C 206 27.67 11.30 0.62
N LEU C 207 28.61 12.12 0.18
CA LEU C 207 29.15 13.20 0.99
C LEU C 207 28.12 14.32 1.11
N LYS C 208 28.20 15.16 2.13
CA LYS C 208 27.30 16.29 2.19
C LYS C 208 27.61 17.24 1.07
N PRO C 209 26.59 17.85 0.48
CA PRO C 209 26.67 18.73 -0.69
C PRO C 209 27.49 20.01 -0.47
N PHE C 210 27.45 20.57 0.75
CA PHE C 210 28.09 21.84 1.01
C PHE C 210 29.06 21.69 2.16
N GLN C 211 29.80 22.75 2.41
CA GLN C 211 30.87 22.77 3.40
C GLN C 211 30.54 23.67 4.60
N SER C 212 31.07 24.91 4.59
CA SER C 212 30.91 25.81 5.74
C SER C 212 29.76 26.81 5.63
N LEU C 213 28.93 26.84 6.67
CA LEU C 213 27.83 27.78 6.77
C LEU C 213 27.96 28.58 8.03
N ILE C 214 27.88 29.88 7.92
CA ILE C 214 27.93 30.74 9.07
C ILE C 214 26.63 31.55 9.13
N PHE C 215 25.91 31.40 10.23
CA PHE C 215 24.76 32.23 10.59
C PHE C 215 25.31 33.51 11.25
N LEU C 216 25.36 34.62 10.50
CA LEU C 216 25.81 35.90 11.05
C LEU C 216 24.56 36.70 11.48
N VAL C 217 24.33 36.88 12.78
CA VAL C 217 23.17 37.64 13.23
C VAL C 217 23.56 39.12 13.41
N ARG C 218 23.10 39.98 12.51
CA ARG C 218 23.36 41.41 12.63
C ARG C 218 22.45 42.01 13.67
N ASP C 219 22.97 43.01 14.38
CA ASP C 219 22.20 43.74 15.39
C ASP C 219 21.65 42.85 16.49
N TRP C 220 22.49 41.92 16.94
CA TRP C 220 22.15 41.08 18.07
C TRP C 220 21.93 41.96 19.28
N SER C 221 20.80 41.76 19.94
CA SER C 221 20.36 42.72 20.96
C SER C 221 20.49 42.16 22.36
N PHE C 222 20.96 40.92 22.50
CA PHE C 222 20.97 40.29 23.82
C PHE C 222 22.30 39.70 24.28
N PRO C 223 23.34 40.55 24.39
CA PRO C 223 24.64 40.02 24.85
C PRO C 223 24.56 39.49 26.30
N TYR C 224 23.57 39.95 27.07
CA TYR C 224 23.39 39.44 28.44
C TYR C 224 22.88 37.99 28.48
N GLU C 225 22.41 37.50 27.35
CA GLU C 225 21.89 36.16 27.28
C GLU C 225 22.88 35.26 26.51
N PHE C 226 23.29 35.72 25.34
CA PHE C 226 24.36 35.07 24.59
C PHE C 226 25.35 36.12 24.15
N SER C 227 26.63 35.94 24.48
CA SER C 227 27.64 36.95 24.21
C SER C 227 27.83 37.24 22.74
N TYR C 228 28.21 38.47 22.41
CA TYR C 228 28.67 38.79 21.09
C TYR C 228 29.79 37.82 20.71
N GLY C 229 29.90 37.52 19.40
CA GLY C 229 30.92 36.65 18.88
C GLY C 229 30.55 35.18 18.63
N ALA C 230 31.57 34.38 18.38
CA ALA C 230 31.40 32.98 17.98
C ALA C 230 30.99 32.02 19.10
N ASP C 231 31.46 32.28 20.32
CA ASP C 231 31.12 31.39 21.41
C ASP C 231 29.66 31.51 21.85
N GLY C 232 29.21 32.75 22.00
CA GLY C 232 27.81 33.04 22.25
C GLY C 232 26.98 32.61 21.06
N GLY C 233 27.48 32.82 19.84
CA GLY C 233 26.79 32.37 18.66
C GLY C 233 26.61 30.85 18.66
N ALA C 234 27.68 30.11 18.92
CA ALA C 234 27.60 28.68 18.97
C ALA C 234 26.56 28.16 19.99
N LYS C 235 26.55 28.71 21.20
CA LYS C 235 25.57 28.27 22.22
C LYS C 235 24.13 28.57 21.80
N PHE C 236 23.94 29.76 21.25
CA PHE C 236 22.65 30.19 20.73
C PHE C 236 22.14 29.29 19.58
N LEU C 237 23.05 28.97 18.64
CA LEU C 237 22.69 28.11 17.50
C LEU C 237 22.39 26.66 17.88
N GLU C 238 23.14 26.11 18.82
CA GLU C 238 22.89 24.75 19.29
C GLU C 238 21.51 24.71 19.94
N LYS C 239 21.11 25.81 20.58
CA LYS C 239 19.77 25.86 21.15
C LYS C 239 18.76 25.99 20.01
N ARG C 240 19.09 26.76 18.97
CA ARG C 240 18.10 27.05 17.92
C ARG C 240 17.95 25.92 16.95
N LEU C 241 19.05 25.23 16.70
CA LEU C 241 19.04 24.09 15.81
C LEU C 241 18.86 22.74 16.48
N LYS C 242 18.61 22.73 17.80
CA LYS C 242 18.51 21.47 18.52
C LYS C 242 17.33 20.62 18.05
N VAL C 243 17.59 19.33 17.87
CA VAL C 243 16.58 18.32 17.56
C VAL C 243 16.42 17.37 18.74
N SER C 244 15.19 17.19 19.17
CA SER C 244 14.88 16.34 20.30
C SER C 244 13.70 15.42 20.03
N GLY C 245 13.51 14.42 20.88
CA GLY C 245 12.48 13.41 20.75
C GLY C 245 11.06 14.00 20.72
N ASN C 246 10.82 14.97 21.60
CA ASN C 246 9.51 15.59 21.74
C ASN C 246 9.22 16.80 20.92
N GLN C 247 10.10 17.07 19.99
CA GLN C 247 9.91 18.15 19.07
C GLN C 247 9.10 17.72 17.91
N HIS C 248 8.15 18.55 17.54
CA HIS C 248 7.28 18.27 16.42
C HIS C 248 8.08 18.06 15.14
N GLU C 249 7.64 17.09 14.38
CA GLU C 249 8.31 16.64 13.17
C GLU C 249 8.63 17.80 12.20
N GLU C 250 7.69 18.71 12.04
CA GLU C 250 7.87 19.87 11.21
C GLU C 250 9.10 20.65 11.64
N LEU C 251 9.21 20.85 12.96
CA LEU C 251 10.37 21.49 13.54
C LEU C 251 11.63 20.65 13.41
N GLN C 252 11.49 19.34 13.63
CA GLN C 252 12.63 18.46 13.49
C GLN C 252 13.19 18.46 12.08
N ASN C 253 12.31 18.43 11.09
CA ASN C 253 12.70 18.20 9.71
C ASN C 253 13.52 19.32 9.05
N VAL C 254 13.13 20.57 9.31
CA VAL C 254 13.87 21.69 8.77
C VAL C 254 15.30 21.71 9.38
N ARG C 255 15.42 21.35 10.64
CA ARG C 255 16.72 21.25 11.28
C ARG C 255 17.61 20.12 10.75
N LYS C 256 17.02 18.93 10.62
CA LYS C 256 17.75 17.77 10.09
C LYS C 256 18.23 18.07 8.69
N HIS C 257 17.40 18.75 7.92
CA HIS C 257 17.81 19.13 6.56
C HIS C 257 19.07 19.98 6.56
N ILE C 258 19.09 21.01 7.41
CA ILE C 258 20.22 21.92 7.51
C ILE C 258 21.48 21.17 7.97
N HIS C 259 21.34 20.27 8.95
CA HIS C 259 22.47 19.45 9.39
C HIS C 259 23.02 18.57 8.27
N SER C 260 22.13 18.05 7.44
CA SER C 260 22.53 17.10 6.41
C SER C 260 23.20 17.79 5.21
N CYS C 261 22.96 19.09 5.07
CA CYS C 261 23.52 19.87 3.97
C CYS C 261 24.96 20.36 4.13
N PHE C 262 25.33 20.67 5.38
CA PHE C 262 26.59 21.34 5.63
C PHE C 262 27.54 20.59 6.55
N THR C 263 28.80 20.62 6.19
CA THR C 263 29.87 20.01 6.96
C THR C 263 30.14 20.77 8.26
N ASN C 264 30.27 22.09 8.15
CA ASN C 264 30.53 22.88 9.34
C ASN C 264 29.57 24.03 9.46
N ILE C 265 28.85 24.06 10.57
CA ILE C 265 27.87 25.10 10.79
C ILE C 265 28.23 25.92 12.04
N SER C 266 28.35 27.22 11.87
CA SER C 266 28.69 28.07 13.01
C SER C 266 27.79 29.29 13.05
N CYS C 267 27.92 30.07 14.13
CA CYS C 267 27.13 31.27 14.32
C CYS C 267 27.96 32.40 15.01
N PHE C 268 27.81 33.63 14.51
CA PHE C 268 28.48 34.77 15.09
C PHE C 268 27.46 35.87 15.40
N LEU C 269 27.44 36.37 16.64
CA LEU C 269 26.50 37.41 17.05
C LEU C 269 27.20 38.76 17.01
N LEU C 270 26.69 39.64 16.16
CA LEU C 270 27.29 40.94 15.96
C LEU C 270 26.43 42.03 16.58
N PRO C 271 27.06 42.98 17.28
CA PRO C 271 26.28 44.11 17.82
C PRO C 271 25.74 45.06 16.74
N HIS C 272 24.73 45.86 17.08
CA HIS C 272 24.32 46.97 16.23
C HIS C 272 25.51 47.95 16.03
N PRO C 273 25.68 48.41 14.79
CA PRO C 273 26.79 49.32 14.45
C PRO C 273 26.53 50.78 14.83
N GLY C 274 25.41 51.06 15.46
CA GLY C 274 25.02 52.41 15.86
C GLY C 274 24.02 53.05 14.92
N LEU C 275 23.17 53.93 15.43
CA LEU C 275 22.10 54.52 14.61
C LEU C 275 22.57 55.39 13.44
N LYS C 276 23.77 55.93 13.54
CA LYS C 276 24.34 56.69 12.45
C LYS C 276 24.54 55.80 11.19
N VAL C 277 25.15 54.64 11.37
CA VAL C 277 25.38 53.69 10.29
C VAL C 277 24.04 53.30 9.67
N ALA C 278 23.05 53.06 10.52
CA ALA C 278 21.75 52.68 10.01
C ALA C 278 20.97 53.85 9.37
N THR C 279 21.12 55.06 9.89
CA THR C 279 20.12 56.07 9.67
C THR C 279 20.67 57.29 8.92
N ASN C 280 21.98 57.49 8.95
CA ASN C 280 22.55 58.71 8.36
C ASN C 280 22.88 58.54 6.88
N PRO C 281 22.20 59.31 6.02
CA PRO C 281 22.34 59.25 4.55
C PRO C 281 23.70 59.73 4.07
N ASN C 282 24.40 60.46 4.93
CA ASN C 282 25.74 60.92 4.58
C ASN C 282 26.80 59.92 5.05
N PHE C 283 26.40 58.93 5.85
CA PHE C 283 27.34 57.93 6.33
C PHE C 283 28.06 57.26 5.16
N ASP C 284 29.39 57.18 5.31
CA ASP C 284 30.42 56.87 4.31
C ASP C 284 31.20 55.60 4.57
N GLY C 285 30.96 54.98 5.72
CA GLY C 285 31.70 53.81 6.11
C GLY C 285 32.89 54.08 6.98
N LYS C 286 33.12 55.33 7.39
CA LYS C 286 34.25 55.64 8.27
C LYS C 286 34.10 55.05 9.67
N LEU C 287 35.12 54.38 10.15
CA LEU C 287 35.11 53.73 11.44
C LEU C 287 34.82 54.67 12.58
N LYS C 288 35.25 55.93 12.37
CA LYS C 288 34.95 56.90 13.46
C LYS C 288 33.50 57.12 13.81
N GLU C 289 32.62 56.82 12.86
CA GLU C 289 31.17 56.90 13.00
C GLU C 289 30.51 55.58 13.39
N ILE C 290 31.32 54.54 13.58
CA ILE C 290 30.80 53.22 13.85
C ILE C 290 31.00 52.91 15.32
N ASP C 291 30.01 52.31 15.97
CA ASP C 291 30.15 51.99 17.38
C ASP C 291 31.36 51.12 17.66
N ASP C 292 32.11 51.44 18.72
CA ASP C 292 33.34 50.74 19.05
C ASP C 292 33.13 49.28 19.37
N GLU C 293 32.05 48.94 20.08
CA GLU C 293 31.82 47.53 20.33
C GLU C 293 31.55 46.73 19.03
N PHE C 294 30.86 47.37 18.09
CA PHE C 294 30.71 46.76 16.78
C PHE C 294 32.08 46.59 16.13
N ILE C 295 32.89 47.63 16.12
CA ILE C 295 34.24 47.48 15.54
C ILE C 295 35.05 46.42 16.25
N LYS C 296 34.99 46.43 17.58
CA LYS C 296 35.73 45.44 18.32
C LYS C 296 35.36 44.01 17.89
N ASN C 297 34.07 43.71 17.69
CA ASN C 297 33.64 42.39 17.20
C ASN C 297 33.88 42.14 15.70
N LEU C 298 33.82 43.19 14.91
CA LEU C 298 34.13 43.08 13.50
C LEU C 298 35.57 42.58 13.31
N LYS C 299 36.46 43.08 14.15
CA LYS C 299 37.89 42.73 14.06
C LYS C 299 38.14 41.26 14.38
N ILE C 300 37.31 40.68 15.24
CA ILE C 300 37.27 39.25 15.49
C ILE C 300 36.66 38.44 14.35
N LEU C 301 35.51 38.91 13.85
CA LEU C 301 34.73 38.20 12.82
C LEU C 301 35.42 37.90 11.52
N ILE C 302 36.04 38.93 10.96
CA ILE C 302 36.62 38.81 9.64
C ILE C 302 37.75 37.74 9.65
N PRO C 303 38.73 37.84 10.58
CA PRO C 303 39.78 36.83 10.64
C PRO C 303 39.22 35.46 11.04
N TRP C 304 38.18 35.43 11.85
CA TRP C 304 37.54 34.17 12.19
C TRP C 304 37.00 33.43 10.95
N LEU C 305 36.48 34.21 10.00
CA LEU C 305 36.07 33.75 8.66
C LEU C 305 37.23 33.45 7.69
N LEU C 306 38.21 34.35 7.64
CA LEU C 306 39.12 34.45 6.52
C LEU C 306 40.63 34.31 6.75
N SER C 307 41.06 34.07 8.00
CA SER C 307 42.50 33.87 8.31
C SER C 307 43.02 32.66 7.54
N PRO C 308 44.31 32.64 7.20
CA PRO C 308 44.87 31.55 6.39
C PRO C 308 44.52 30.15 6.94
N GLU C 309 44.61 29.99 8.27
CA GLU C 309 44.27 28.72 8.91
C GLU C 309 42.78 28.39 8.72
N SER C 310 41.96 29.43 8.49
CA SER C 310 40.52 29.29 8.34
C SER C 310 40.01 29.04 6.89
N LEU C 311 40.87 29.17 5.91
CA LEU C 311 40.42 29.12 4.50
C LEU C 311 40.06 27.73 3.99
N ASP C 312 38.77 27.44 3.89
CA ASP C 312 38.29 26.12 3.44
C ASP C 312 38.41 25.98 1.93
N ILE C 313 39.18 24.99 1.48
CA ILE C 313 39.32 24.76 0.05
C ILE C 313 38.05 24.12 -0.49
N LYS C 314 37.52 24.65 -1.59
CA LYS C 314 36.29 24.11 -2.16
C LYS C 314 36.39 22.65 -2.57
N GLU C 315 35.43 21.85 -2.12
CA GLU C 315 35.37 20.45 -2.50
C GLU C 315 34.02 20.10 -3.12
N ILE C 316 34.08 19.44 -4.27
CA ILE C 316 32.90 18.84 -4.93
C ILE C 316 33.17 17.33 -5.13
N ASN C 317 32.24 16.48 -4.67
CA ASN C 317 32.44 15.03 -4.69
C ASN C 317 33.71 14.58 -3.99
N GLY C 318 34.05 15.18 -2.85
CA GLY C 318 35.25 14.76 -2.16
C GLY C 318 36.52 15.17 -2.88
N ASN C 319 36.38 16.02 -3.91
CA ASN C 319 37.54 16.55 -4.63
C ASN C 319 37.75 18.04 -4.53
N LYS C 320 38.98 18.39 -4.22
CA LYS C 320 39.41 19.75 -4.21
C LYS C 320 39.38 20.32 -5.62
N ILE C 321 38.92 21.54 -5.72
CA ILE C 321 38.58 22.19 -6.98
C ILE C 321 39.58 23.32 -7.22
N THR C 322 40.00 23.50 -8.48
CA THR C 322 40.84 24.64 -8.85
C THR C 322 39.97 25.79 -9.34
N CYS C 323 40.55 26.96 -9.56
CA CYS C 323 39.74 28.07 -10.08
C CYS C 323 39.11 27.72 -11.41
N ARG C 324 39.90 27.07 -12.24
CA ARG C 324 39.50 26.57 -13.54
C ARG C 324 38.38 25.52 -13.42
N GLY C 325 38.51 24.62 -12.47
CA GLY C 325 37.48 23.64 -12.23
C GLY C 325 36.18 24.30 -11.77
N LEU C 326 36.31 25.36 -10.95
CA LEU C 326 35.13 26.07 -10.42
C LEU C 326 34.31 26.75 -11.51
N VAL C 327 35.01 27.27 -12.50
CA VAL C 327 34.41 27.88 -13.68
C VAL C 327 33.58 26.87 -14.47
N GLU C 328 34.08 25.64 -14.61
CA GLU C 328 33.33 24.61 -15.30
C GLU C 328 32.03 24.27 -14.57
N TYR C 329 32.10 24.14 -13.24
CA TYR C 329 30.90 23.93 -12.44
C TYR C 329 29.90 25.10 -12.48
N PHE C 330 30.43 26.33 -12.51
CA PHE C 330 29.57 27.50 -12.60
C PHE C 330 28.76 27.49 -13.89
N LYS C 331 29.42 27.18 -15.02
CA LYS C 331 28.74 27.07 -16.31
C LYS C 331 27.70 25.96 -16.29
N ALA C 332 28.08 24.80 -15.79
CA ALA C 332 27.15 23.66 -15.77
C ALA C 332 25.92 23.88 -14.89
N TYR C 333 26.16 24.41 -13.69
CA TYR C 333 25.05 24.65 -12.80
C TYR C 333 24.10 25.68 -13.40
N ILE C 334 24.64 26.74 -13.98
CA ILE C 334 23.80 27.79 -14.55
C ILE C 334 22.88 27.31 -15.67
N LYS C 335 23.43 26.45 -16.52
CA LYS C 335 22.67 25.82 -17.59
C LYS C 335 21.42 25.12 -17.05
N ILE C 336 21.56 24.47 -15.90
CA ILE C 336 20.41 23.80 -15.32
C ILE C 336 19.33 24.80 -14.92
N TYR C 337 19.70 25.90 -14.26
CA TYR C 337 18.75 26.96 -13.89
C TYR C 337 18.15 27.72 -15.06
N GLN C 338 18.87 27.77 -16.19
CA GLN C 338 18.32 28.36 -17.40
C GLN C 338 17.31 27.46 -18.14
N GLY C 339 17.41 26.15 -17.92
CA GLY C 339 16.50 25.18 -18.50
C GLY C 339 15.24 25.02 -17.69
N GLU C 340 14.46 23.97 -17.94
CA GLU C 340 13.23 23.72 -17.18
C GLU C 340 13.08 22.35 -16.47
N GLU C 341 14.19 21.63 -16.24
CA GLU C 341 14.22 20.35 -15.52
C GLU C 341 13.86 20.51 -14.06
N LEU C 342 14.26 21.61 -13.46
CA LEU C 342 13.97 21.75 -12.06
C LEU C 342 12.53 22.23 -11.84
N PRO C 343 11.94 21.77 -10.72
CA PRO C 343 10.63 22.28 -10.32
C PRO C 343 10.72 23.77 -10.01
N HIS C 344 9.64 24.49 -10.27
CA HIS C 344 9.57 25.92 -9.93
C HIS C 344 9.40 26.10 -8.40
N PRO C 345 10.24 26.95 -7.79
CA PRO C 345 9.97 27.36 -6.40
C PRO C 345 8.62 28.11 -6.28
N LYS C 346 7.82 27.83 -5.25
CA LYS C 346 6.53 28.48 -5.09
C LYS C 346 6.33 28.95 -3.66
N SER C 347 5.49 29.97 -3.50
CA SER C 347 5.14 30.47 -2.19
C SER C 347 4.32 29.44 -1.45
N MSE C 348 4.18 29.63 -0.15
CA MSE C 348 3.42 28.70 0.66
C MSE C 348 1.99 28.51 0.14
O MSE C 348 1.55 27.36 -0.04
CB MSE C 348 3.35 29.21 2.09
CG MSE C 348 4.66 29.03 2.86
SE MSE C 348 4.47 29.76 4.69
CE MSE C 348 3.18 28.44 5.05
N LEU C 349 1.33 29.62 -0.16
CA LEU C 349 -0.06 29.62 -0.59
C LEU C 349 -0.17 28.89 -1.91
N GLN C 350 0.74 29.26 -2.82
CA GLN C 350 0.73 28.74 -4.16
C GLN C 350 0.96 27.21 -4.15
N ALA C 351 1.99 26.79 -3.45
CA ALA C 351 2.30 25.36 -3.37
C ALA C 351 1.22 24.54 -2.64
N THR C 352 0.73 25.08 -1.54
CA THR C 352 -0.30 24.41 -0.76
C THR C 352 -1.63 24.29 -1.51
N ALA C 353 -2.03 25.33 -2.23
CA ALA C 353 -3.26 25.28 -3.05
C ALA C 353 -3.16 24.17 -4.09
N GLU C 354 -2.03 24.10 -4.76
CA GLU C 354 -1.81 23.04 -5.72
C GLU C 354 -1.88 21.66 -5.08
N ALA C 355 -1.21 21.48 -3.95
CA ALA C 355 -1.24 20.20 -3.25
C ALA C 355 -2.65 19.81 -2.84
N ASN C 356 -3.36 20.77 -2.27
CA ASN C 356 -4.73 20.52 -1.86
C ASN C 356 -5.60 20.10 -3.06
N ASN C 357 -5.50 20.86 -4.15
CA ASN C 357 -6.32 20.58 -5.33
C ASN C 357 -6.00 19.26 -6.05
N LEU C 358 -4.72 18.98 -6.26
CA LEU C 358 -4.26 17.76 -6.90
C LEU C 358 -4.72 16.53 -6.12
N ALA C 359 -4.59 16.60 -4.80
CA ALA C 359 -4.99 15.50 -3.95
C ALA C 359 -6.49 15.23 -3.98
N ALA C 360 -7.28 16.30 -4.00
CA ALA C 360 -8.76 16.20 -4.06
C ALA C 360 -9.22 15.66 -5.41
N VAL C 361 -8.51 16.06 -6.46
CA VAL C 361 -8.81 15.53 -7.78
C VAL C 361 -8.54 14.02 -7.78
N ALA C 362 -7.43 13.59 -7.19
CA ALA C 362 -7.15 12.16 -7.18
C ALA C 362 -8.20 11.35 -6.40
N THR C 363 -8.56 11.83 -5.22
CA THR C 363 -9.54 11.14 -4.42
C THR C 363 -10.87 11.09 -5.15
N ALA C 364 -11.32 12.23 -5.66
CA ALA C 364 -12.60 12.31 -6.34
C ALA C 364 -12.69 11.39 -7.55
N LYS C 365 -11.62 11.34 -8.31
CA LYS C 365 -11.58 10.53 -9.51
C LYS C 365 -11.50 9.03 -9.16
N ASP C 366 -10.70 8.75 -8.13
CA ASP C 366 -10.48 7.40 -7.66
C ASP C 366 -11.85 6.87 -7.12
N THR C 367 -12.66 7.70 -6.46
CA THR C 367 -14.02 7.34 -5.98
C THR C 367 -14.97 7.02 -7.14
N TYR C 368 -14.91 7.85 -8.17
CA TYR C 368 -15.76 7.63 -9.32
C TYR C 368 -15.45 6.31 -9.98
N ASN C 369 -14.15 6.08 -10.11
CA ASN C 369 -13.60 4.90 -10.72
C ASN C 369 -14.04 3.61 -9.95
N LYS C 370 -14.00 3.62 -8.62
CA LYS C 370 -14.40 2.43 -7.84
C LYS C 370 -15.85 2.04 -8.03
N LYS C 371 -16.70 3.05 -8.05
CA LYS C 371 -18.12 2.84 -8.24
C LYS C 371 -18.49 2.34 -9.62
N MSE C 372 -17.86 2.89 -10.64
CA MSE C 372 -18.11 2.44 -11.98
C MSE C 372 -17.66 1.00 -12.13
O MSE C 372 -18.33 0.24 -12.79
CB MSE C 372 -17.44 3.36 -13.00
CG MSE C 372 -18.13 4.69 -13.13
SE MSE C 372 -20.00 4.53 -13.87
CE MSE C 372 -19.49 4.53 -15.78
N GLU C 373 -16.56 0.60 -11.48
CA GLU C 373 -16.13 -0.81 -11.54
C GLU C 373 -17.21 -1.75 -11.02
N GLU C 374 -17.98 -1.33 -10.01
CA GLU C 374 -19.08 -2.16 -9.53
C GLU C 374 -20.21 -2.25 -10.54
N ILE C 375 -20.20 -1.38 -11.53
CA ILE C 375 -21.32 -1.33 -12.45
C ILE C 375 -20.95 -1.85 -13.81
N CYS C 376 -19.76 -1.54 -14.29
CA CYS C 376 -19.40 -2.07 -15.58
C CYS C 376 -17.95 -2.52 -15.69
N GLY C 377 -17.41 -3.06 -14.61
CA GLY C 377 -16.17 -3.81 -14.62
C GLY C 377 -16.24 -5.06 -15.49
N GLY C 378 -15.10 -5.69 -15.77
CA GLY C 378 -15.09 -6.85 -16.67
C GLY C 378 -15.89 -8.05 -16.18
N ASP C 379 -16.11 -8.09 -14.86
CA ASP C 379 -16.85 -9.19 -14.28
C ASP C 379 -18.32 -8.81 -14.13
N LYS C 380 -18.75 -7.70 -14.73
CA LYS C 380 -20.18 -7.28 -14.58
C LYS C 380 -20.92 -7.49 -15.90
N PRO C 381 -22.23 -7.79 -15.82
CA PRO C 381 -23.04 -8.01 -17.02
C PRO C 381 -23.28 -6.71 -17.80
N PHE C 382 -23.72 -6.88 -19.05
CA PHE C 382 -24.13 -5.77 -19.90
C PHE C 382 -25.19 -4.92 -19.21
N LEU C 383 -25.02 -3.62 -19.31
CA LEU C 383 -25.98 -2.64 -18.81
C LEU C 383 -26.54 -1.84 -19.98
N ALA C 384 -27.85 -1.59 -20.07
CA ALA C 384 -28.34 -0.76 -21.17
C ALA C 384 -27.69 0.63 -21.09
N PRO C 385 -27.23 1.18 -22.22
CA PRO C 385 -26.47 2.44 -22.27
C PRO C 385 -27.27 3.56 -21.64
N ASN C 386 -28.58 3.46 -21.78
CA ASN C 386 -29.48 4.42 -21.18
C ASN C 386 -29.35 4.48 -19.68
N ASP C 387 -29.25 3.29 -19.10
CA ASP C 387 -29.05 3.14 -17.66
C ASP C 387 -27.64 3.48 -17.19
N LEU C 388 -26.65 3.10 -17.99
CA LEU C 388 -25.24 3.40 -17.76
C LEU C 388 -24.99 4.88 -17.79
N GLN C 389 -25.59 5.56 -18.75
CA GLN C 389 -25.42 6.98 -18.78
C GLN C 389 -26.04 7.60 -17.52
N THR C 390 -27.22 7.14 -17.14
CA THR C 390 -27.87 7.63 -15.92
C THR C 390 -27.01 7.38 -14.67
N LYS C 391 -26.47 6.18 -14.52
CA LYS C 391 -25.55 5.88 -13.42
C LYS C 391 -24.30 6.68 -13.46
N HIS C 392 -23.77 6.91 -14.65
CA HIS C 392 -22.57 7.69 -14.79
C HIS C 392 -22.75 9.11 -14.29
N LEU C 393 -23.83 9.76 -14.71
CA LEU C 393 -24.13 11.13 -14.30
C LEU C 393 -24.30 11.31 -12.79
N GLN C 394 -24.92 10.32 -12.13
CA GLN C 394 -25.09 10.39 -10.68
C GLN C 394 -23.72 10.36 -10.02
N LEU C 395 -22.92 9.39 -10.45
CA LEU C 395 -21.58 9.17 -9.89
C LEU C 395 -20.64 10.32 -10.11
N LYS C 396 -20.67 10.89 -11.31
CA LYS C 396 -19.82 12.03 -11.59
C LYS C 396 -20.15 13.16 -10.67
N GLU C 397 -21.44 13.42 -10.62
CA GLU C 397 -21.92 14.50 -9.81
C GLU C 397 -21.55 14.29 -8.32
N GLU C 398 -21.63 13.05 -7.84
CA GLU C 398 -21.24 12.78 -6.45
C GLU C 398 -19.76 13.12 -6.22
N SER C 399 -18.91 12.78 -7.18
CA SER C 399 -17.49 13.10 -7.10
C SER C 399 -17.16 14.59 -7.15
N VAL C 400 -17.92 15.35 -7.96
CA VAL C 400 -17.72 16.79 -8.07
C VAL C 400 -18.05 17.44 -6.74
N LYS C 401 -19.15 16.98 -6.16
CA LYS C 401 -19.65 17.47 -4.88
C LYS C 401 -18.68 17.18 -3.78
N LEU C 402 -18.07 16.01 -3.87
CA LEU C 402 -17.08 15.57 -2.92
C LEU C 402 -15.89 16.55 -3.00
N PHE C 403 -15.47 16.84 -4.22
CA PHE C 403 -14.39 17.79 -4.49
C PHE C 403 -14.75 19.17 -3.94
N ARG C 404 -15.94 19.68 -4.24
CA ARG C 404 -16.31 21.02 -3.79
C ARG C 404 -16.41 21.18 -2.26
N GLY C 405 -16.76 20.12 -1.57
CA GLY C 405 -16.90 20.13 -0.11
C GLY C 405 -15.58 20.21 0.65
N VAL C 406 -14.47 19.89 -0.03
CA VAL C 406 -13.16 19.95 0.60
C VAL C 406 -12.62 21.37 0.58
N LYS C 407 -12.33 21.86 1.77
CA LYS C 407 -11.77 23.18 1.93
C LYS C 407 -10.30 23.14 1.49
N LYS C 408 -9.91 24.06 0.62
CA LYS C 408 -8.56 24.12 0.10
C LYS C 408 -8.11 25.56 0.10
N MSE C 409 -6.81 25.73 0.14
CA MSE C 409 -6.23 27.00 -0.12
C MSE C 409 -6.21 27.12 -1.65
O MSE C 409 -6.11 26.08 -2.30
CB MSE C 409 -4.76 26.95 0.41
CG MSE C 409 -4.13 27.92 1.37
SE MSE C 409 -4.47 27.70 3.24
CE MSE C 409 -3.51 26.15 3.85
N GLY C 410 -6.40 28.27 -2.30
CA GLY C 410 -7.06 29.47 -1.87
C GLY C 410 -8.50 29.36 -2.47
N GLY C 411 -9.32 28.44 -1.96
CA GLY C 411 -10.76 28.33 -2.24
C GLY C 411 -11.19 27.99 -3.67
N GLU C 412 -12.47 28.23 -4.04
CA GLU C 412 -12.99 27.87 -5.37
C GLU C 412 -12.30 28.51 -6.53
N GLU C 413 -11.85 29.76 -6.36
CA GLU C 413 -11.21 30.48 -7.47
C GLU C 413 -10.05 29.70 -7.94
N PHE C 414 -9.13 29.39 -7.04
CA PHE C 414 -7.97 28.59 -7.43
C PHE C 414 -8.42 27.17 -7.88
N SER C 415 -9.54 26.70 -7.32
CA SER C 415 -10.00 25.37 -7.59
C SER C 415 -10.60 25.21 -9.00
N ARG C 416 -11.04 26.30 -9.63
CA ARG C 416 -11.85 26.23 -10.87
C ARG C 416 -11.22 25.42 -11.97
N ARG C 417 -9.98 25.72 -12.30
CA ARG C 417 -9.26 25.02 -13.32
C ARG C 417 -9.02 23.52 -12.97
N TYR C 418 -8.93 23.18 -11.69
CA TYR C 418 -8.81 21.77 -11.27
C TYR C 418 -10.12 20.99 -11.40
N LEU C 419 -11.21 21.66 -11.03
CA LEU C 419 -12.55 21.07 -11.13
C LEU C 419 -12.91 20.73 -12.57
N GLN C 420 -12.61 21.65 -13.48
CA GLN C 420 -12.83 21.41 -14.89
C GLN C 420 -12.00 20.22 -15.40
N GLN C 421 -10.78 20.10 -14.88
CA GLN C 421 -9.92 18.96 -15.20
C GLN C 421 -10.49 17.66 -14.65
N LEU C 422 -11.00 17.72 -13.43
CA LEU C 422 -11.60 16.55 -12.82
C LEU C 422 -12.79 16.06 -13.66
N GLU C 423 -13.70 16.95 -14.03
CA GLU C 423 -14.87 16.59 -14.85
C GLU C 423 -14.45 16.06 -16.20
N SER C 424 -13.45 16.70 -16.77
CA SER C 424 -12.92 16.29 -18.05
C SER C 424 -12.29 14.88 -17.94
N GLU C 425 -11.58 14.58 -16.85
CA GLU C 425 -10.96 13.26 -16.69
C GLU C 425 -11.96 12.13 -16.39
N ILE C 426 -13.00 12.47 -15.65
CA ILE C 426 -14.09 11.55 -15.42
C ILE C 426 -14.79 11.23 -16.75
N ASP C 427 -14.96 12.24 -17.59
CA ASP C 427 -15.58 12.00 -18.87
C ASP C 427 -14.76 11.05 -19.73
N GLU C 428 -13.43 11.17 -19.68
CA GLU C 428 -12.54 10.23 -20.37
C GLU C 428 -12.68 8.81 -19.85
N LEU C 429 -12.77 8.65 -18.53
CA LEU C 429 -12.99 7.32 -17.96
C LEU C 429 -14.31 6.76 -18.44
N TYR C 430 -15.34 7.59 -18.47
CA TYR C 430 -16.65 7.18 -18.89
C TYR C 430 -16.58 6.63 -20.33
N ILE C 431 -15.82 7.30 -21.19
CA ILE C 431 -15.66 6.84 -22.58
C ILE C 431 -15.02 5.45 -22.63
N GLN C 432 -14.04 5.22 -21.78
CA GLN C 432 -13.44 3.90 -21.65
C GLN C 432 -14.46 2.85 -21.18
N TYR C 433 -15.30 3.17 -20.21
CA TYR C 433 -16.34 2.22 -19.80
C TYR C 433 -17.40 1.91 -20.89
N ILE C 434 -17.75 2.91 -21.68
CA ILE C 434 -18.76 2.74 -22.71
C ILE C 434 -18.25 1.67 -23.65
N LYS C 435 -16.98 1.74 -24.06
CA LYS C 435 -16.47 0.70 -24.96
C LYS C 435 -16.49 -0.68 -24.30
N HIS C 436 -16.14 -0.78 -23.04
CA HIS C 436 -16.22 -2.09 -22.40
C HIS C 436 -17.66 -2.61 -22.39
N ASN C 437 -18.60 -1.75 -22.02
CA ASN C 437 -19.99 -2.19 -21.96
C ASN C 437 -20.53 -2.59 -23.34
N ASP C 438 -20.20 -1.81 -24.36
CA ASP C 438 -20.70 -2.11 -25.70
C ASP C 438 -20.20 -3.49 -26.21
N SER C 439 -19.03 -3.94 -25.74
CA SER C 439 -18.50 -5.24 -26.17
C SER C 439 -19.29 -6.41 -25.63
N LYS C 440 -20.18 -6.12 -24.68
CA LYS C 440 -21.02 -7.11 -24.05
C LYS C 440 -22.51 -7.00 -24.50
N THR C 441 -22.77 -6.20 -25.53
CA THR C 441 -24.14 -5.86 -25.92
C THR C 441 -25.04 -7.09 -26.20
N ILE C 442 -26.25 -7.06 -25.66
CA ILE C 442 -27.28 -8.05 -25.90
C ILE C 442 -28.47 -7.44 -26.63
N PHE C 443 -28.81 -7.97 -27.79
CA PHE C 443 -30.04 -7.56 -28.46
C PHE C 443 -30.94 -8.74 -28.90
N HIS C 444 -32.18 -8.78 -28.45
CA HIS C 444 -33.08 -9.81 -28.98
C HIS C 444 -34.21 -9.16 -29.77
N ALA C 445 -34.43 -9.61 -31.00
CA ALA C 445 -35.56 -9.14 -31.80
C ALA C 445 -36.83 -9.75 -31.23
N ALA C 446 -37.86 -8.94 -31.06
CA ALA C 446 -39.12 -9.43 -30.53
C ALA C 446 -40.26 -8.52 -30.94
N ARG C 447 -41.39 -9.10 -31.28
CA ARG C 447 -42.55 -8.30 -31.72
C ARG C 447 -43.10 -7.49 -30.51
N LYS D 31 -8.73 45.98 42.69
CA LYS D 31 -7.72 45.01 42.25
C LYS D 31 -7.32 45.29 40.80
N LYS D 32 -8.26 45.90 40.12
CA LYS D 32 -8.13 46.44 38.76
C LYS D 32 -7.94 45.45 37.59
N ALA D 33 -7.53 46.06 36.49
CA ALA D 33 -7.39 45.43 35.20
C ALA D 33 -6.08 44.68 35.03
N GLY D 34 -6.07 43.65 34.19
CA GLY D 34 -4.88 42.90 33.94
C GLY D 34 -5.10 42.10 32.67
N PRO D 35 -4.05 41.46 32.18
CA PRO D 35 -4.14 40.61 30.99
C PRO D 35 -4.81 39.27 31.28
N VAL D 36 -5.65 38.79 30.39
CA VAL D 36 -6.31 37.51 30.56
C VAL D 36 -6.09 36.59 29.36
N GLN D 37 -5.63 35.37 29.64
CA GLN D 37 -5.38 34.42 28.60
C GLN D 37 -6.69 33.85 28.14
N VAL D 38 -7.00 34.08 26.86
CA VAL D 38 -8.28 33.71 26.29
C VAL D 38 -8.16 32.54 25.31
N LEU D 39 -7.15 32.58 24.44
CA LEU D 39 -6.80 31.40 23.65
C LEU D 39 -5.49 30.77 24.18
N ILE D 40 -5.52 29.49 24.55
CA ILE D 40 -4.35 28.76 25.07
C ILE D 40 -3.79 27.79 24.04
N VAL D 41 -2.48 27.83 23.82
CA VAL D 41 -1.86 26.84 22.95
C VAL D 41 -1.16 25.82 23.87
N LYS D 42 -1.63 24.59 23.77
CA LYS D 42 -1.14 23.46 24.51
C LYS D 42 0.19 22.95 23.97
N ASP D 43 0.83 22.06 24.73
CA ASP D 43 2.10 21.45 24.33
C ASP D 43 2.05 20.54 23.13
N ASP D 44 0.89 19.98 22.87
CA ASP D 44 0.64 19.11 21.75
C ASP D 44 0.18 19.86 20.51
N HIS D 45 0.29 21.19 20.53
CA HIS D 45 -0.06 22.02 19.36
C HIS D 45 -1.57 22.09 19.11
N SER D 46 -2.32 21.78 20.15
CA SER D 46 -3.75 21.96 20.14
C SER D 46 -4.13 23.31 20.74
N PHE D 47 -5.40 23.70 20.57
CA PHE D 47 -5.85 25.01 21.04
C PHE D 47 -7.07 24.98 21.96
N GLU D 48 -7.03 25.73 23.06
CA GLU D 48 -8.19 25.89 23.94
C GLU D 48 -8.60 27.31 24.16
N LEU D 49 -9.90 27.48 24.13
CA LEU D 49 -10.52 28.73 24.47
C LEU D 49 -11.02 28.68 25.91
N ASP D 50 -10.62 29.64 26.74
CA ASP D 50 -11.18 29.77 28.08
C ASP D 50 -12.49 30.56 28.04
N GLU D 51 -13.63 29.87 27.93
CA GLU D 51 -14.89 30.57 27.77
C GLU D 51 -15.28 31.29 29.06
N THR D 52 -15.04 30.68 30.21
CA THR D 52 -15.42 31.35 31.45
C THR D 52 -14.74 32.72 31.47
N ALA D 53 -13.43 32.73 31.17
CA ALA D 53 -12.71 33.98 31.16
C ALA D 53 -13.19 34.93 30.07
N LEU D 54 -13.43 34.42 28.89
CA LEU D 54 -13.93 35.29 27.83
C LEU D 54 -15.31 35.90 28.18
N ASN D 55 -16.23 35.07 28.70
CA ASN D 55 -17.59 35.51 29.05
C ASN D 55 -17.60 36.52 30.17
N ARG D 56 -16.71 36.31 31.12
CA ARG D 56 -16.61 37.18 32.26
C ARG D 56 -16.29 38.58 31.74
N ILE D 57 -15.46 38.68 30.72
CA ILE D 57 -15.08 39.98 30.16
C ILE D 57 -16.08 40.64 29.18
N LEU D 58 -16.53 39.89 28.17
CA LEU D 58 -17.34 40.49 27.12
C LEU D 58 -18.84 40.38 27.34
N LEU D 59 -19.26 39.55 28.30
CA LEU D 59 -20.71 39.36 28.49
C LEU D 59 -21.24 40.05 29.77
N SER D 60 -20.37 40.83 30.45
CA SER D 60 -20.79 41.61 31.62
C SER D 60 -21.84 42.59 31.13
N GLU D 61 -22.74 42.91 32.04
CA GLU D 61 -23.92 43.71 31.75
C GLU D 61 -23.59 45.12 31.12
N ALA D 62 -22.51 45.79 31.51
CA ALA D 62 -22.17 47.10 30.96
C ALA D 62 -21.76 47.08 29.48
N VAL D 63 -21.24 45.95 29.03
CA VAL D 63 -20.65 45.89 27.70
C VAL D 63 -21.31 44.93 26.72
N ARG D 64 -22.08 43.96 27.21
CA ARG D 64 -22.54 42.86 26.35
C ARG D 64 -23.29 43.35 25.11
N ASP D 65 -24.09 44.40 25.25
CA ASP D 65 -24.92 44.84 24.13
C ASP D 65 -24.41 46.02 23.34
N LYS D 66 -23.21 46.45 23.69
CA LYS D 66 -22.51 47.53 23.00
C LYS D 66 -21.79 47.01 21.75
N GLU D 67 -21.84 47.78 20.67
CA GLU D 67 -21.06 47.49 19.47
C GLU D 67 -19.55 47.61 19.75
N VAL D 68 -18.75 46.69 19.18
CA VAL D 68 -17.37 46.50 19.63
C VAL D 68 -16.32 46.92 18.58
N VAL D 69 -15.25 47.52 19.10
CA VAL D 69 -14.06 47.81 18.36
C VAL D 69 -12.99 46.92 18.96
N ALA D 70 -12.38 46.09 18.12
CA ALA D 70 -11.39 45.09 18.56
C ALA D 70 -10.05 45.39 17.94
N VAL D 71 -9.06 45.65 18.80
CA VAL D 71 -7.74 46.03 18.33
C VAL D 71 -6.74 44.92 18.62
N SER D 72 -6.00 44.53 17.58
CA SER D 72 -5.03 43.45 17.68
C SER D 72 -3.70 43.88 17.12
N VAL D 73 -2.62 43.34 17.67
CA VAL D 73 -1.29 43.50 17.12
C VAL D 73 -0.74 42.14 16.82
N ALA D 74 -0.14 41.94 15.66
CA ALA D 74 0.35 40.61 15.34
C ALA D 74 1.52 40.73 14.41
N GLY D 75 2.33 39.67 14.38
CA GLY D 75 3.52 39.62 13.54
C GLY D 75 4.60 38.82 14.23
N ALA D 76 5.79 38.88 13.65
CA ALA D 76 6.95 38.13 14.16
C ALA D 76 7.22 38.31 15.66
N PHE D 77 7.68 37.24 16.29
CA PHE D 77 8.00 37.31 17.71
C PHE D 77 9.23 38.21 18.01
N ARG D 78 9.29 38.75 19.23
CA ARG D 78 10.35 39.67 19.77
C ARG D 78 10.47 41.00 19.02
N LYS D 79 9.39 41.58 18.52
CA LYS D 79 9.49 42.81 17.76
C LYS D 79 8.75 43.97 18.43
N GLY D 80 8.43 43.81 19.71
CA GLY D 80 7.81 44.89 20.44
C GLY D 80 6.30 45.04 20.34
N LYS D 81 5.59 43.95 20.13
CA LYS D 81 4.12 44.01 20.10
C LYS D 81 3.51 44.39 21.46
N SER D 82 3.86 43.66 22.51
CA SER D 82 3.28 43.90 23.83
C SER D 82 3.63 45.27 24.37
N PHE D 83 4.86 45.68 24.08
CA PHE D 83 5.39 46.94 24.49
C PHE D 83 4.52 48.05 23.90
N LEU D 84 4.29 47.99 22.59
CA LEU D 84 3.42 48.94 21.92
C LEU D 84 2.02 48.95 22.53
N MSE D 85 1.49 47.77 22.72
CA MSE D 85 0.17 47.60 23.24
C MSE D 85 0.01 48.20 24.65
O MSE D 85 -1.08 48.65 25.00
CB MSE D 85 -0.21 46.15 23.23
CG MSE D 85 -1.63 45.96 23.63
SE MSE D 85 -2.75 45.58 22.13
CE MSE D 85 -1.65 44.15 21.49
N ASP D 86 1.08 48.16 25.46
CA ASP D 86 1.05 48.75 26.81
C ASP D 86 1.00 50.29 26.79
N PHE D 87 1.59 50.88 25.75
CA PHE D 87 1.41 52.30 25.44
C PHE D 87 0.00 52.60 24.97
N MSE D 88 -0.59 51.69 24.19
CA MSE D 88 -2.01 51.81 23.84
C MSE D 88 -2.89 51.81 25.09
O MSE D 88 -3.91 52.48 25.11
CB MSE D 88 -2.46 50.75 22.85
CG MSE D 88 -1.86 50.94 21.47
SE MSE D 88 -2.28 49.46 20.21
CE MSE D 88 -4.14 49.20 20.62
N LEU D 89 -2.53 51.02 26.11
CA LEU D 89 -3.30 51.02 27.35
C LEU D 89 -3.28 52.39 28.03
N ARG D 90 -2.10 53.00 28.10
CA ARG D 90 -1.98 54.31 28.68
C ARG D 90 -2.87 55.32 28.00
N TYR D 91 -2.91 55.28 26.68
CA TYR D 91 -3.77 56.18 25.94
C TYR D 91 -5.22 55.87 26.29
N MSE D 92 -5.57 54.60 26.32
CA MSE D 92 -6.95 54.21 26.60
C MSE D 92 -7.45 54.70 27.99
O MSE D 92 -8.60 55.12 28.11
CB MSE D 92 -7.12 52.72 26.42
CG MSE D 92 -6.96 52.30 24.96
SE MSE D 92 -8.38 53.04 23.84
CE MSE D 92 -7.67 54.42 22.93
N TYR D 93 -6.61 54.61 29.01
CA TYR D 93 -6.94 55.13 30.35
C TYR D 93 -6.92 56.66 30.42
N ASN D 94 -5.91 57.28 29.83
CA ASN D 94 -5.67 58.71 30.04
C ASN D 94 -5.77 59.62 28.83
N GLN D 95 -6.57 59.26 27.83
CA GLN D 95 -6.57 60.04 26.57
C GLN D 95 -7.04 61.47 26.75
N GLU D 96 -7.74 61.71 27.85
CA GLU D 96 -8.36 63.01 28.08
C GLU D 96 -7.32 64.07 28.43
N SER D 97 -6.22 63.64 29.02
CA SER D 97 -5.08 64.49 29.39
C SER D 97 -4.18 64.65 28.19
N VAL D 98 -3.53 65.81 28.10
CA VAL D 98 -2.58 66.06 27.03
C VAL D 98 -1.32 65.18 27.17
N ASP D 99 -1.11 64.64 28.36
CA ASP D 99 0.04 63.80 28.67
C ASP D 99 -0.25 62.34 28.90
N TRP D 100 -1.11 61.80 28.03
CA TRP D 100 -1.51 60.41 28.15
C TRP D 100 -0.25 59.49 28.08
N VAL D 101 0.88 59.92 27.52
CA VAL D 101 2.01 58.99 27.32
C VAL D 101 2.63 58.56 28.62
N GLY D 102 2.37 59.34 29.67
CA GLY D 102 2.81 58.93 30.98
C GLY D 102 3.95 59.76 31.55
N ASP D 103 4.17 59.53 32.82
CA ASP D 103 5.29 60.07 33.55
C ASP D 103 6.60 59.48 32.98
N TYR D 104 7.60 60.31 32.75
CA TYR D 104 8.85 59.86 32.10
C TYR D 104 9.76 58.92 32.91
N ASN D 105 9.45 58.80 34.19
CA ASN D 105 10.11 57.92 35.16
C ASN D 105 9.32 56.70 35.62
N GLU D 106 8.15 56.52 35.00
CA GLU D 106 7.22 55.50 35.41
C GLU D 106 7.41 54.22 34.51
N PRO D 107 7.55 53.01 35.09
CA PRO D 107 7.69 51.80 34.25
C PRO D 107 6.48 51.47 33.37
N LEU D 108 6.73 50.79 32.24
CA LEU D 108 5.65 50.38 31.33
C LEU D 108 5.08 49.03 31.74
N THR D 109 3.79 49.00 32.08
CA THR D 109 3.16 47.77 32.58
C THR D 109 1.93 47.38 31.75
N GLY D 110 1.36 46.21 32.03
CA GLY D 110 0.14 45.74 31.38
C GLY D 110 0.30 44.34 30.86
N PHE D 111 0.22 44.16 29.55
CA PHE D 111 0.62 42.88 28.94
C PHE D 111 2.12 42.67 29.19
N SER D 112 2.52 41.43 29.45
CA SER D 112 3.91 41.12 29.76
C SER D 112 4.87 41.25 28.57
N TRP D 113 5.93 42.03 28.75
CA TRP D 113 6.98 42.26 27.75
C TRP D 113 8.36 42.22 28.45
N ARG D 114 9.42 41.91 27.71
CA ARG D 114 10.79 41.86 28.24
C ARG D 114 11.80 41.69 27.11
N GLY D 115 13.09 41.82 27.41
CA GLY D 115 14.14 41.53 26.45
C GLY D 115 14.40 40.04 26.41
N GLY D 116 15.49 39.63 25.79
CA GLY D 116 15.75 38.22 25.60
C GLY D 116 15.28 37.69 24.26
N SER D 117 15.98 36.67 23.78
CA SER D 117 15.69 36.05 22.49
C SER D 117 14.55 35.04 22.49
N GLU D 118 14.07 34.67 23.68
CA GLU D 118 12.95 33.74 23.73
C GLU D 118 11.59 34.42 23.82
N ARG D 119 10.63 33.89 23.05
CA ARG D 119 9.28 34.44 23.03
C ARG D 119 8.67 34.54 24.41
N GLU D 120 7.82 35.53 24.56
CA GLU D 120 7.07 35.74 25.79
C GLU D 120 5.55 35.48 25.67
N THR D 121 4.85 36.26 24.89
CA THR D 121 3.40 36.08 24.73
C THR D 121 3.05 34.78 23.98
N THR D 122 2.10 34.05 24.54
CA THR D 122 1.54 32.85 23.90
C THR D 122 0.03 32.96 23.64
N GLY D 123 -0.47 32.21 22.68
CA GLY D 123 -1.89 32.25 22.37
C GLY D 123 -2.44 33.63 22.09
N ILE D 124 -3.61 33.90 22.64
CA ILE D 124 -4.18 35.22 22.54
C ILE D 124 -4.61 35.67 23.92
N GLN D 125 -4.24 36.88 24.30
CA GLN D 125 -4.70 37.41 25.57
C GLN D 125 -5.36 38.75 25.31
N ILE D 126 -6.36 39.07 26.11
CA ILE D 126 -7.06 40.35 26.02
C ILE D 126 -6.97 41.13 27.33
N TRP D 127 -7.12 42.46 27.30
CA TRP D 127 -7.16 43.27 28.53
C TRP D 127 -8.51 43.03 29.20
N SER D 128 -8.51 42.83 30.53
CA SER D 128 -9.76 42.58 31.30
C SER D 128 -10.77 43.76 31.31
N GLU D 129 -10.28 44.98 31.20
CA GLU D 129 -11.20 46.11 31.24
C GLU D 129 -11.58 46.56 29.83
N ILE D 130 -12.85 46.43 29.49
CA ILE D 130 -13.35 46.92 28.21
C ILE D 130 -13.59 48.42 28.33
N PHE D 131 -13.00 49.19 27.42
CA PHE D 131 -13.20 50.63 27.48
C PHE D 131 -14.44 51.05 26.75
N LEU D 132 -15.20 51.90 27.41
CA LEU D 132 -16.37 52.48 26.80
C LEU D 132 -16.06 53.91 26.39
N ILE D 133 -16.14 54.16 25.07
CA ILE D 133 -15.78 55.43 24.46
C ILE D 133 -16.94 55.98 23.69
N ASN D 134 -17.08 57.29 23.78
CA ASN D 134 -18.08 57.97 22.99
C ASN D 134 -17.53 58.41 21.66
N LYS D 135 -18.10 57.99 20.55
CA LYS D 135 -17.66 58.50 19.24
C LYS D 135 -18.30 59.85 18.94
N PRO D 136 -17.61 60.60 18.06
CA PRO D 136 -17.96 61.92 17.62
C PRO D 136 -19.36 61.83 17.05
N ASP D 137 -19.87 60.62 16.87
CA ASP D 137 -21.23 60.39 16.36
C ASP D 137 -22.33 60.21 17.40
N GLY D 138 -21.98 60.24 18.68
CA GLY D 138 -22.95 60.13 19.76
C GLY D 138 -23.08 58.65 20.14
N LYS D 139 -22.43 57.80 19.35
CA LYS D 139 -22.43 56.36 19.60
C LYS D 139 -21.48 55.96 20.70
N LYS D 140 -21.98 55.15 21.63
CA LYS D 140 -21.15 54.52 22.63
C LYS D 140 -20.65 53.11 22.28
N VAL D 141 -19.34 52.95 22.21
CA VAL D 141 -18.78 51.67 21.80
C VAL D 141 -17.87 51.04 22.85
N ALA D 142 -17.67 49.74 22.73
CA ALA D 142 -16.82 48.97 23.63
C ALA D 142 -15.50 48.70 22.91
N VAL D 143 -14.38 48.95 23.58
CA VAL D 143 -13.07 48.76 22.93
C VAL D 143 -12.30 47.65 23.61
N LEU D 144 -11.93 46.65 22.81
CA LEU D 144 -11.22 45.47 23.30
C LEU D 144 -9.79 45.48 22.74
N LEU D 145 -8.82 45.15 23.60
CA LEU D 145 -7.42 45.07 23.19
C LEU D 145 -6.93 43.66 23.23
N MSE D 146 -6.31 43.25 22.13
CA MSE D 146 -5.84 41.90 22.04
C MSE D 146 -4.35 41.75 21.66
O MSE D 146 -3.90 42.29 20.65
CB MSE D 146 -6.82 41.19 21.13
CG MSE D 146 -6.58 39.90 20.52
SE MSE D 146 -8.14 39.81 19.26
CE MSE D 146 -8.03 37.94 18.99
N ASP D 147 -3.60 41.05 22.50
CA ASP D 147 -2.18 40.80 22.28
C ASP D 147 -1.95 39.37 21.91
N THR D 148 -1.04 39.13 21.00
CA THR D 148 -0.97 37.83 20.38
C THR D 148 0.43 37.25 20.44
N GLN D 149 0.51 35.93 20.39
CA GLN D 149 1.75 35.20 20.30
C GLN D 149 2.48 35.49 18.96
N GLY D 150 3.76 35.84 19.04
CA GLY D 150 4.50 36.13 17.85
C GLY D 150 4.65 34.97 16.91
N THR D 151 4.63 35.25 15.61
CA THR D 151 4.86 34.23 14.60
C THR D 151 6.34 33.84 14.50
N PHE D 152 6.58 32.62 14.02
CA PHE D 152 7.90 32.06 13.70
C PHE D 152 8.89 31.88 14.84
N ASP D 153 8.38 31.66 16.03
CA ASP D 153 9.20 31.25 17.15
C ASP D 153 9.70 29.80 17.00
N SER D 154 10.69 29.39 17.79
CA SER D 154 11.33 28.10 17.52
C SER D 154 10.55 26.97 18.20
N GLN D 155 9.45 27.29 18.86
CA GLN D 155 8.63 26.21 19.43
C GLN D 155 7.24 26.02 18.77
N SER D 156 7.01 26.66 17.63
CA SER D 156 5.68 26.64 17.04
C SER D 156 5.61 25.95 15.69
N THR D 157 4.56 25.19 15.46
CA THR D 157 4.31 24.76 14.11
C THR D 157 3.77 25.96 13.38
N LEU D 158 3.86 25.87 12.08
CA LEU D 158 3.30 26.86 11.23
C LEU D 158 1.79 26.93 11.46
N ARG D 159 1.18 25.76 11.68
CA ARG D 159 -0.21 25.76 12.05
C ARG D 159 -0.48 26.59 13.32
N ASP D 160 0.37 26.49 14.34
CA ASP D 160 0.19 27.29 15.55
C ASP D 160 0.14 28.79 15.21
N SER D 161 1.19 29.25 14.52
CA SER D 161 1.31 30.65 14.13
C SER D 161 0.18 31.15 13.25
N ALA D 162 -0.19 30.34 12.25
CA ALA D 162 -1.27 30.68 11.32
C ALA D 162 -2.60 30.83 12.06
N THR D 163 -2.88 29.95 13.01
CA THR D 163 -4.13 30.01 13.77
C THR D 163 -4.25 31.28 14.60
N VAL D 164 -3.19 31.59 15.32
CA VAL D 164 -3.17 32.76 16.15
C VAL D 164 -3.36 33.99 15.29
N PHE D 165 -2.58 34.06 14.23
CA PHE D 165 -2.63 35.20 13.35
C PHE D 165 -4.00 35.30 12.72
N ALA D 166 -4.51 34.18 12.22
CA ALA D 166 -5.81 34.19 11.57
C ALA D 166 -6.94 34.61 12.50
N LEU D 167 -7.02 33.98 13.65
CA LEU D 167 -8.04 34.28 14.62
C LEU D 167 -8.00 35.76 15.06
N SER D 168 -6.81 36.29 15.31
CA SER D 168 -6.71 37.68 15.73
C SER D 168 -7.20 38.60 14.59
N THR D 169 -6.95 38.21 13.33
CA THR D 169 -7.43 38.99 12.20
C THR D 169 -8.94 38.94 12.00
N MSE D 170 -9.52 37.73 12.09
CA MSE D 170 -10.95 37.54 11.95
C MSE D 170 -11.75 38.26 13.05
O MSE D 170 -12.88 38.69 12.80
CB MSE D 170 -11.28 36.08 12.03
CG MSE D 170 -10.62 35.27 10.97
SE MSE D 170 -10.56 33.45 11.62
CE MSE D 170 -12.28 32.82 10.95
N ILE D 171 -11.18 38.37 14.23
CA ILE D 171 -11.90 38.92 15.40
C ILE D 171 -11.71 40.46 15.43
N SER D 172 -10.50 40.92 15.13
CA SER D 172 -10.20 42.36 15.15
C SER D 172 -10.91 43.15 14.04
N SER D 173 -11.18 44.40 14.33
CA SER D 173 -11.61 45.35 13.32
C SER D 173 -10.42 46.20 12.86
N ILE D 174 -9.44 46.30 13.74
CA ILE D 174 -8.17 46.93 13.47
C ILE D 174 -7.04 45.98 13.77
N GLN D 175 -6.28 45.57 12.74
CA GLN D 175 -5.14 44.67 12.97
C GLN D 175 -3.83 45.44 12.67
N VAL D 176 -2.97 45.57 13.67
CA VAL D 176 -1.68 46.24 13.46
C VAL D 176 -0.64 45.16 13.14
N TYR D 177 -0.19 45.14 11.89
CA TYR D 177 0.76 44.14 11.45
C TYR D 177 2.14 44.69 11.70
N ASN D 178 2.77 44.17 12.74
CA ASN D 178 4.06 44.66 13.23
C ASN D 178 5.26 44.06 12.51
N LEU D 179 6.03 44.91 11.85
CA LEU D 179 7.22 44.46 11.13
C LEU D 179 8.48 45.19 11.54
N SER D 180 9.61 44.51 11.34
CA SER D 180 10.92 45.07 11.65
C SER D 180 11.58 45.59 10.42
N GLN D 181 11.87 46.90 10.43
CA GLN D 181 12.74 47.61 9.46
C GLN D 181 12.22 47.86 8.05
N ASN D 182 11.49 46.91 7.49
CA ASN D 182 11.12 46.97 6.07
C ASN D 182 9.95 46.04 5.82
N VAL D 183 9.36 46.17 4.64
CA VAL D 183 8.32 45.27 4.18
C VAL D 183 8.83 44.41 3.01
N GLN D 184 9.16 43.18 3.30
CA GLN D 184 9.79 42.31 2.33
C GLN D 184 8.77 41.40 1.69
N GLU D 185 9.21 40.78 0.60
CA GLU D 185 8.33 39.90 -0.16
C GLU D 185 7.88 38.69 0.67
N ASP D 186 8.76 38.17 1.55
CA ASP D 186 8.36 37.08 2.44
C ASP D 186 7.32 37.59 3.47
N ASP D 187 7.42 38.83 3.91
CA ASP D 187 6.37 39.40 4.75
C ASP D 187 4.99 39.38 4.08
N LEU D 188 4.91 39.75 2.80
CA LEU D 188 3.63 39.75 2.07
C LEU D 188 3.08 38.35 1.90
N GLN D 189 4.00 37.42 1.60
CA GLN D 189 3.68 36.01 1.49
C GLN D 189 3.10 35.31 2.75
N HIS D 190 3.68 35.61 3.90
CA HIS D 190 3.20 35.13 5.21
C HIS D 190 1.82 35.70 5.48
N LEU D 191 1.67 36.99 5.21
CA LEU D 191 0.39 37.66 5.40
C LEU D 191 -0.72 37.06 4.52
N GLN D 192 -0.35 36.71 3.29
CA GLN D 192 -1.31 36.11 2.39
C GLN D 192 -1.79 34.73 2.91
N LEU D 193 -0.83 33.91 3.35
CA LEU D 193 -1.12 32.59 3.88
C LEU D 193 -2.02 32.61 5.15
N PHE D 194 -1.64 33.46 6.10
CA PHE D 194 -2.34 33.60 7.36
C PHE D 194 -3.74 34.12 7.13
N THR D 195 -3.86 35.13 6.27
CA THR D 195 -5.19 35.67 6.00
C THR D 195 -6.01 34.70 5.16
N GLU D 196 -5.39 33.99 4.24
CA GLU D 196 -6.11 32.94 3.51
C GLU D 196 -6.66 31.86 4.48
N TYR D 197 -5.88 31.50 5.50
CA TYR D 197 -6.28 30.54 6.52
C TYR D 197 -7.47 31.06 7.33
N GLY D 198 -7.51 32.37 7.55
CA GLY D 198 -8.64 32.99 8.19
C GLY D 198 -9.90 32.95 7.32
N ARG D 199 -9.76 33.28 6.04
CA ARG D 199 -10.88 33.25 5.11
C ARG D 199 -11.56 31.90 5.04
N LEU D 200 -10.78 30.82 5.00
CA LEU D 200 -11.31 29.48 4.88
C LEU D 200 -12.29 29.14 6.00
N ALA D 201 -12.06 29.68 7.17
CA ALA D 201 -12.93 29.38 8.30
C ALA D 201 -14.21 30.26 8.37
N MSE D 202 -14.41 31.13 7.38
CA MSE D 202 -15.52 32.10 7.43
C MSE D 202 -16.68 31.84 6.51
O MSE D 202 -16.52 31.31 5.39
CB MSE D 202 -15.04 33.51 7.14
CG MSE D 202 -14.12 33.98 8.17
SE MSE D 202 -13.31 35.66 7.68
CE MSE D 202 -14.82 36.89 7.75
N GLU D 203 -17.84 32.29 6.95
CA GLU D 203 -19.03 32.24 6.13
C GLU D 203 -18.64 33.00 4.87
N GLU D 204 -19.12 32.54 3.72
CA GLU D 204 -18.88 33.23 2.47
C GLU D 204 -19.60 34.55 2.35
N THR D 205 -18.93 35.55 1.81
CA THR D 205 -19.59 36.84 1.68
C THR D 205 -19.00 37.51 0.44
N PHE D 206 -19.76 38.40 -0.21
CA PHE D 206 -19.20 39.22 -1.31
C PHE D 206 -18.47 40.48 -0.80
N LEU D 207 -18.74 40.90 0.44
CA LEU D 207 -17.97 42.00 1.02
C LEU D 207 -16.58 41.45 1.37
N LYS D 208 -15.58 42.32 1.51
CA LYS D 208 -14.27 41.85 1.95
C LYS D 208 -14.36 41.32 3.35
N PRO D 209 -13.55 40.28 3.63
CA PRO D 209 -13.52 39.53 4.89
C PRO D 209 -13.13 40.36 6.10
N PHE D 210 -12.22 41.32 5.93
CA PHE D 210 -11.65 42.07 7.05
C PHE D 210 -11.78 43.60 6.81
N GLN D 211 -11.37 44.37 7.80
CA GLN D 211 -11.54 45.81 7.77
C GLN D 211 -10.19 46.53 7.69
N SER D 212 -9.69 47.01 8.82
CA SER D 212 -8.46 47.82 8.83
C SER D 212 -7.20 47.04 9.14
N LEU D 213 -6.21 47.19 8.25
CA LEU D 213 -4.89 46.57 8.41
C LEU D 213 -3.85 47.68 8.40
N ILE D 214 -2.97 47.68 9.40
CA ILE D 214 -1.93 48.68 9.48
C ILE D 214 -0.58 48.01 9.46
N PHE D 215 0.23 48.33 8.46
CA PHE D 215 1.61 47.89 8.38
C PHE D 215 2.42 48.89 9.23
N LEU D 216 2.76 48.49 10.45
CA LEU D 216 3.59 49.30 11.32
C LEU D 216 5.06 48.83 11.15
N VAL D 217 5.89 49.70 10.58
CA VAL D 217 7.28 49.35 10.39
C VAL D 217 8.15 49.86 11.56
N ARG D 218 8.61 48.93 12.41
CA ARG D 218 9.50 49.28 13.53
C ARG D 218 10.90 49.49 13.00
N ASP D 219 11.64 50.42 13.61
CA ASP D 219 13.05 50.71 13.27
C ASP D 219 13.24 51.10 11.80
N TRP D 220 12.31 51.89 11.27
CA TRP D 220 12.45 52.45 9.93
C TRP D 220 13.72 53.31 9.93
N SER D 221 14.61 53.06 8.99
CA SER D 221 15.95 53.64 9.06
C SER D 221 16.17 54.70 8.03
N PHE D 222 15.15 54.94 7.19
CA PHE D 222 15.32 55.85 6.05
C PHE D 222 14.31 56.99 5.98
N PRO D 223 14.29 57.85 7.02
CA PRO D 223 13.34 58.97 7.01
C PRO D 223 13.59 59.97 5.87
N TYR D 224 14.82 59.97 5.34
CA TYR D 224 15.18 60.82 4.22
C TYR D 224 14.54 60.36 2.89
N GLU D 225 14.01 59.15 2.88
CA GLU D 225 13.41 58.62 1.67
C GLU D 225 11.89 58.64 1.83
N PHE D 226 11.40 58.10 2.95
CA PHE D 226 9.99 58.24 3.34
C PHE D 226 9.95 58.67 4.80
N SER D 227 9.25 59.76 5.06
CA SER D 227 9.22 60.35 6.40
C SER D 227 8.64 59.41 7.42
N TYR D 228 9.09 59.53 8.66
CA TYR D 228 8.46 58.87 9.77
C TYR D 228 6.98 59.24 9.78
N GLY D 229 6.14 58.33 10.29
CA GLY D 229 4.70 58.53 10.37
C GLY D 229 3.84 57.98 9.23
N ALA D 230 2.59 58.41 9.20
CA ALA D 230 1.55 57.89 8.31
C ALA D 230 1.62 58.35 6.85
N ASP D 231 2.07 59.58 6.62
CA ASP D 231 2.14 60.10 5.26
CA ASP D 231 2.13 60.06 5.26
C ASP D 231 3.27 59.44 4.46
N GLY D 232 4.45 59.36 5.08
CA GLY D 232 5.57 58.64 4.49
C GLY D 232 5.23 57.17 4.41
N GLY D 233 4.57 56.65 5.45
CA GLY D 233 4.16 55.26 5.41
C GLY D 233 3.26 54.98 4.21
N ALA D 234 2.24 55.81 4.00
CA ALA D 234 1.34 55.64 2.87
C ALA D 234 2.08 55.66 1.52
N LYS D 235 2.96 56.64 1.33
CA LYS D 235 3.69 56.68 0.07
C LYS D 235 4.59 55.43 -0.04
N PHE D 236 5.23 55.04 1.03
CA PHE D 236 6.04 53.82 1.02
C PHE D 236 5.24 52.55 0.68
N LEU D 237 4.06 52.39 1.29
CA LEU D 237 3.22 51.22 1.04
C LEU D 237 2.61 51.15 -0.37
N GLU D 238 2.18 52.28 -0.90
CA GLU D 238 1.65 52.36 -2.24
C GLU D 238 2.72 51.96 -3.27
N LYS D 239 3.98 52.27 -3.00
CA LYS D 239 5.04 51.83 -3.91
C LYS D 239 5.26 50.34 -3.80
N ARG D 240 5.16 49.87 -2.58
CA ARG D 240 5.51 48.52 -2.25
C ARG D 240 4.36 47.51 -2.59
N LEU D 241 3.11 47.93 -2.47
CA LEU D 241 1.94 47.11 -2.81
C LEU D 241 1.42 47.37 -4.25
N LYS D 242 2.17 48.15 -5.02
CA LYS D 242 1.72 48.55 -6.34
C LYS D 242 1.59 47.35 -7.23
N VAL D 243 0.50 47.29 -7.98
CA VAL D 243 0.31 46.25 -8.99
C VAL D 243 0.37 46.94 -10.32
N SER D 244 1.22 46.40 -11.19
CA SER D 244 1.41 46.99 -12.49
C SER D 244 1.37 46.00 -13.67
N GLY D 245 1.27 46.50 -14.90
CA GLY D 245 1.15 45.60 -16.04
C GLY D 245 2.28 44.60 -16.30
N ASN D 246 3.52 45.08 -16.22
CA ASN D 246 4.73 44.30 -16.48
C ASN D 246 5.35 43.67 -15.24
N GLN D 247 4.58 43.65 -14.15
CA GLN D 247 4.97 43.00 -12.93
C GLN D 247 4.61 41.56 -13.02
N HIS D 248 5.52 40.70 -12.63
CA HIS D 248 5.33 39.27 -12.69
C HIS D 248 4.09 38.80 -11.88
N GLU D 249 3.34 37.86 -12.42
CA GLU D 249 2.07 37.40 -11.84
C GLU D 249 2.18 37.02 -10.37
N GLU D 250 3.27 36.34 -10.04
CA GLU D 250 3.60 35.95 -8.68
C GLU D 250 3.63 37.18 -7.78
N LEU D 251 4.27 38.25 -8.28
CA LEU D 251 4.28 39.51 -7.56
C LEU D 251 2.92 40.16 -7.51
N GLN D 252 2.23 40.12 -8.64
CA GLN D 252 0.91 40.70 -8.70
C GLN D 252 -0.04 40.04 -7.75
N ASN D 253 0.03 38.72 -7.68
CA ASN D 253 -1.00 37.96 -6.99
C ASN D 253 -1.01 38.11 -5.44
N VAL D 254 0.16 38.12 -4.83
CA VAL D 254 0.23 38.28 -3.40
C VAL D 254 -0.30 39.68 -3.04
N ARG D 255 -0.06 40.66 -3.90
CA ARG D 255 -0.58 42.01 -3.70
C ARG D 255 -2.10 42.14 -3.82
N LYS D 256 -2.65 41.57 -4.90
CA LYS D 256 -4.07 41.53 -5.17
C LYS D 256 -4.76 40.82 -4.04
N HIS D 257 -4.11 39.78 -3.51
CA HIS D 257 -4.72 39.08 -2.39
C HIS D 257 -4.94 39.99 -1.19
N ILE D 258 -3.88 40.71 -0.83
CA ILE D 258 -3.94 41.61 0.28
C ILE D 258 -4.95 42.73 0.04
N HIS D 259 -4.99 43.31 -1.18
CA HIS D 259 -6.00 44.34 -1.48
C HIS D 259 -7.45 43.83 -1.36
N SER D 260 -7.67 42.58 -1.74
CA SER D 260 -8.99 41.99 -1.75
C SER D 260 -9.44 41.65 -0.31
N CYS D 261 -8.48 41.51 0.62
CA CYS D 261 -8.83 41.13 1.99
C CYS D 261 -9.32 42.20 2.95
N PHE D 262 -8.79 43.41 2.81
CA PHE D 262 -9.02 44.43 3.82
C PHE D 262 -9.69 45.64 3.19
N THR D 263 -10.60 46.25 3.92
CA THR D 263 -11.29 47.45 3.49
C THR D 263 -10.34 48.64 3.45
N ASN D 264 -9.57 48.79 4.53
CA ASN D 264 -8.64 49.90 4.65
C ASN D 264 -7.23 49.44 5.01
N ILE D 265 -6.27 49.80 4.16
CA ILE D 265 -4.86 49.43 4.35
C ILE D 265 -3.95 50.63 4.46
N SER D 266 -3.21 50.70 5.56
CA SER D 266 -2.30 51.81 5.77
C SER D 266 -0.93 51.40 6.30
N CYS D 267 -0.02 52.37 6.36
CA CYS D 267 1.33 52.12 6.80
C CYS D 267 1.88 53.28 7.68
N PHE D 268 2.55 52.92 8.76
CA PHE D 268 3.18 53.90 9.65
C PHE D 268 4.64 53.53 9.81
N LEU D 269 5.52 54.48 9.61
CA LEU D 269 6.94 54.24 9.74
C LEU D 269 7.40 54.74 11.08
N LEU D 270 7.93 53.87 11.93
CA LEU D 270 8.34 54.28 13.28
C LEU D 270 9.86 54.30 13.43
N PRO D 271 10.42 55.33 14.07
CA PRO D 271 11.87 55.26 14.22
C PRO D 271 12.26 54.19 15.29
N HIS D 272 13.52 53.78 15.24
CA HIS D 272 14.13 52.98 16.28
C HIS D 272 14.02 53.67 17.63
N PRO D 273 13.69 52.90 18.67
CA PRO D 273 13.53 53.55 19.97
C PRO D 273 14.82 53.85 20.74
N GLY D 274 15.97 53.57 20.12
CA GLY D 274 17.27 53.77 20.74
C GLY D 274 17.83 52.48 21.28
N LEU D 275 19.16 52.36 21.32
CA LEU D 275 19.82 51.08 21.69
C LEU D 275 19.67 50.66 23.13
N LYS D 276 19.39 51.62 23.98
CA LYS D 276 19.14 51.30 25.36
C LYS D 276 17.84 50.42 25.43
N VAL D 277 16.76 50.84 24.77
CA VAL D 277 15.53 50.04 24.72
C VAL D 277 15.77 48.64 24.15
N ALA D 278 16.57 48.58 23.09
CA ALA D 278 16.91 47.35 22.39
C ALA D 278 17.83 46.43 23.23
N THR D 279 18.79 47.01 23.97
CA THR D 279 19.92 46.24 24.49
C THR D 279 20.07 46.16 26.01
N ASN D 280 19.46 47.07 26.72
CA ASN D 280 19.64 47.16 28.17
C ASN D 280 18.74 46.19 28.91
N PRO D 281 19.32 45.20 29.60
CA PRO D 281 18.46 44.21 30.28
C PRO D 281 17.64 44.78 31.44
N ASN D 282 18.03 45.94 31.92
CA ASN D 282 17.30 46.59 33.00
C ASN D 282 16.24 47.56 32.51
N PHE D 283 16.22 47.85 31.22
CA PHE D 283 15.17 48.76 30.75
C PHE D 283 13.73 48.31 31.07
N ASP D 284 12.92 49.16 31.70
CA ASP D 284 11.62 48.64 32.17
C ASP D 284 10.54 49.55 31.49
N GLY D 285 10.91 50.36 30.48
CA GLY D 285 9.95 51.24 29.85
C GLY D 285 9.78 52.70 30.17
N LYS D 286 10.69 53.23 30.98
CA LYS D 286 10.63 54.64 31.33
C LYS D 286 10.90 55.47 30.10
N LEU D 287 10.02 56.43 29.82
CA LEU D 287 10.14 57.28 28.64
C LEU D 287 11.45 58.04 28.65
N LYS D 288 12.00 58.30 29.84
CA LYS D 288 13.30 59.00 29.93
C LYS D 288 14.44 58.30 29.23
N GLU D 289 14.31 56.98 29.03
CA GLU D 289 15.32 56.18 28.34
C GLU D 289 15.06 55.96 26.83
N ILE D 290 13.97 56.52 26.31
CA ILE D 290 13.52 56.28 24.94
C ILE D 290 13.88 57.51 24.10
N ASP D 291 14.38 57.29 22.90
CA ASP D 291 14.77 58.39 22.04
C ASP D 291 13.59 59.32 21.81
N ASP D 292 13.84 60.63 21.86
CA ASP D 292 12.75 61.61 21.76
C ASP D 292 11.99 61.53 20.43
N GLU D 293 12.66 61.29 19.33
CA GLU D 293 11.96 61.18 18.05
C GLU D 293 10.99 59.98 18.01
N PHE D 294 11.36 58.86 18.64
CA PHE D 294 10.43 57.76 18.78
C PHE D 294 9.18 58.18 19.59
N ILE D 295 9.37 58.83 20.74
CA ILE D 295 8.25 59.26 21.58
C ILE D 295 7.35 60.20 20.80
N LYS D 296 7.98 61.13 20.10
CA LYS D 296 7.24 62.05 19.25
C LYS D 296 6.34 61.33 18.19
N ASN D 297 6.86 60.29 17.53
CA ASN D 297 6.06 59.53 16.56
C ASN D 297 5.05 58.58 17.20
N LEU D 298 5.43 58.07 18.36
CA LEU D 298 4.55 57.27 19.18
C LEU D 298 3.29 58.09 19.60
N LYS D 299 3.48 59.36 19.93
CA LYS D 299 2.38 60.20 20.38
C LYS D 299 1.40 60.48 19.26
N ILE D 300 1.90 60.49 18.03
CA ILE D 300 1.06 60.51 16.82
C ILE D 300 0.38 59.18 16.52
N LEU D 301 1.15 58.10 16.60
CA LEU D 301 0.67 56.77 16.22
C LEU D 301 -0.54 56.26 16.98
N ILE D 302 -0.50 56.34 18.30
CA ILE D 302 -1.55 55.76 19.11
C ILE D 302 -2.93 56.40 18.87
N PRO D 303 -3.02 57.75 18.92
CA PRO D 303 -4.30 58.42 18.64
C PRO D 303 -4.70 58.17 17.18
N TRP D 304 -3.73 58.06 16.29
CA TRP D 304 -4.00 57.72 14.89
C TRP D 304 -4.68 56.34 14.79
N LEU D 305 -4.25 55.41 15.63
CA LEU D 305 -4.94 54.14 15.77
C LEU D 305 -6.27 54.18 16.53
N LEU D 306 -6.31 54.87 17.67
CA LEU D 306 -7.33 54.64 18.68
C LEU D 306 -8.24 55.82 19.15
N SER D 307 -8.03 57.01 18.59
CA SER D 307 -8.89 58.15 18.92
C SER D 307 -10.35 57.80 18.54
N PRO D 308 -11.33 58.42 19.23
CA PRO D 308 -12.75 58.12 19.01
C PRO D 308 -13.15 58.16 17.53
N GLU D 309 -12.66 59.16 16.82
CA GLU D 309 -12.93 59.25 15.39
C GLU D 309 -12.39 58.08 14.59
N SER D 310 -11.33 57.48 15.12
CA SER D 310 -10.64 56.39 14.46
C SER D 310 -11.15 54.98 14.81
N LEU D 311 -12.01 54.86 15.80
CA LEU D 311 -12.37 53.52 16.27
C LEU D 311 -13.30 52.79 15.30
N ASP D 312 -12.77 51.84 14.54
CA ASP D 312 -13.56 51.09 13.59
C ASP D 312 -14.36 50.01 14.26
N ILE D 313 -15.68 50.10 14.11
CA ILE D 313 -16.58 49.12 14.69
C ILE D 313 -16.54 47.81 13.90
N LYS D 314 -16.43 46.71 14.62
CA LYS D 314 -16.36 45.38 14.01
C LYS D 314 -17.60 45.04 13.17
N GLU D 315 -17.41 44.62 11.91
CA GLU D 315 -18.51 44.21 11.03
C GLU D 315 -18.27 42.81 10.51
N ILE D 316 -19.26 41.94 10.65
CA ILE D 316 -19.18 40.61 10.01
C ILE D 316 -20.37 40.45 9.07
N ASN D 317 -20.10 40.12 7.79
CA ASN D 317 -21.18 40.10 6.78
C ASN D 317 -21.93 41.43 6.69
N GLY D 318 -21.20 42.54 6.80
CA GLY D 318 -21.83 43.85 6.72
C GLY D 318 -22.66 44.23 7.93
N ASN D 319 -22.55 43.45 9.02
CA ASN D 319 -23.27 43.73 10.25
C ASN D 319 -22.39 44.15 11.40
N LYS D 320 -22.76 45.24 12.05
CA LYS D 320 -22.04 45.68 13.21
C LYS D 320 -22.25 44.70 14.33
N ILE D 321 -21.18 44.37 15.03
CA ILE D 321 -21.19 43.26 15.94
C ILE D 321 -21.06 43.78 17.37
N THR D 322 -21.79 43.18 18.28
CA THR D 322 -21.67 43.51 19.69
C THR D 322 -20.66 42.62 20.44
N CYS D 323 -20.32 42.99 21.67
CA CYS D 323 -19.42 42.14 22.44
C CYS D 323 -19.94 40.72 22.59
N ARG D 324 -21.23 40.62 22.87
CA ARG D 324 -21.94 39.34 22.96
CA ARG D 324 -21.86 39.31 22.99
C ARG D 324 -21.80 38.57 21.65
N GLY D 325 -22.04 39.27 20.53
CA GLY D 325 -21.93 38.66 19.22
C GLY D 325 -20.51 38.20 18.89
N LEU D 326 -19.51 38.98 19.31
CA LEU D 326 -18.12 38.64 19.05
C LEU D 326 -17.67 37.37 19.77
N VAL D 327 -18.17 37.18 20.98
CA VAL D 327 -17.92 35.96 21.74
C VAL D 327 -18.48 34.75 20.97
N GLU D 328 -19.67 34.90 20.37
CA GLU D 328 -20.26 33.80 19.55
C GLU D 328 -19.40 33.50 18.31
N TYR D 329 -18.96 34.54 17.60
CA TYR D 329 -18.06 34.28 16.48
C TYR D 329 -16.73 33.67 16.92
N PHE D 330 -16.21 34.10 18.05
CA PHE D 330 -14.96 33.56 18.58
C PHE D 330 -15.07 32.06 18.88
N LYS D 331 -16.17 31.64 19.53
CA LYS D 331 -16.39 30.22 19.82
C LYS D 331 -16.48 29.41 18.54
N ALA D 332 -17.25 29.91 17.59
CA ALA D 332 -17.47 29.22 16.31
C ALA D 332 -16.19 29.06 15.48
N TYR D 333 -15.40 30.13 15.37
CA TYR D 333 -14.17 30.09 14.59
C TYR D 333 -13.19 29.10 15.23
N ILE D 334 -13.11 29.12 16.55
CA ILE D 334 -12.17 28.25 17.25
C ILE D 334 -12.42 26.77 16.99
N LYS D 335 -13.69 26.38 16.98
CA LYS D 335 -14.08 25.02 16.68
C LYS D 335 -13.54 24.53 15.36
N ILE D 336 -13.58 25.42 14.37
CA ILE D 336 -13.07 25.05 13.07
C ILE D 336 -11.58 24.75 13.08
N TYR D 337 -10.82 25.58 13.78
CA TYR D 337 -9.39 25.35 13.93
C TYR D 337 -9.07 24.16 14.78
N GLN D 338 -9.95 23.80 15.70
CA GLN D 338 -9.80 22.57 16.50
C GLN D 338 -10.13 21.31 15.74
N GLY D 339 -10.98 21.43 14.73
CA GLY D 339 -11.38 20.30 13.93
C GLY D 339 -10.35 20.00 12.86
N GLU D 340 -10.75 19.18 11.89
CA GLU D 340 -9.85 18.83 10.79
C GLU D 340 -10.39 19.14 9.40
N GLU D 341 -11.36 20.04 9.32
CA GLU D 341 -11.89 20.47 8.03
C GLU D 341 -10.92 21.26 7.17
N LEU D 342 -10.09 22.08 7.80
CA LEU D 342 -9.14 22.92 7.07
C LEU D 342 -7.87 22.20 6.60
N PRO D 343 -7.32 22.63 5.45
CA PRO D 343 -6.02 22.08 5.06
C PRO D 343 -4.95 22.47 6.07
N HIS D 344 -3.95 21.63 6.28
CA HIS D 344 -2.86 21.99 7.17
C HIS D 344 -1.94 22.99 6.48
N PRO D 345 -1.62 24.11 7.16
CA PRO D 345 -0.58 25.00 6.64
C PRO D 345 0.78 24.28 6.56
N LYS D 346 1.53 24.48 5.48
CA LYS D 346 2.81 23.80 5.28
C LYS D 346 3.89 24.75 4.82
N SER D 347 5.15 24.41 5.08
CA SER D 347 6.30 25.19 4.61
C SER D 347 6.44 25.09 3.09
N MSE D 348 7.24 25.96 2.49
CA MSE D 348 7.42 25.92 1.05
C MSE D 348 7.94 24.57 0.58
O MSE D 348 7.36 23.97 -0.34
CB MSE D 348 8.39 27.00 0.60
CG MSE D 348 7.80 28.36 0.58
SE MSE D 348 9.22 29.67 0.17
CE MSE D 348 10.26 29.47 1.80
N LEU D 349 8.95 24.06 1.26
CA LEU D 349 9.57 22.81 0.82
C LEU D 349 8.56 21.68 0.90
N GLN D 350 7.88 21.58 2.04
CA GLN D 350 6.93 20.50 2.28
C GLN D 350 5.80 20.53 1.25
N ALA D 351 5.21 21.70 1.08
CA ALA D 351 4.10 21.85 0.13
C ALA D 351 4.51 21.63 -1.34
N THR D 352 5.65 22.18 -1.76
CA THR D 352 6.10 22.01 -3.15
C THR D 352 6.46 20.54 -3.46
N ALA D 353 7.09 19.85 -2.52
CA ALA D 353 7.42 18.43 -2.67
C ALA D 353 6.18 17.59 -2.90
N GLU D 354 5.15 17.86 -2.10
CA GLU D 354 3.88 17.21 -2.27
C GLU D 354 3.28 17.49 -3.62
N ALA D 355 3.27 18.76 -3.99
CA ALA D 355 2.71 19.17 -5.25
C ALA D 355 3.43 18.49 -6.40
N ASN D 356 4.76 18.48 -6.32
CA ASN D 356 5.57 17.85 -7.34
C ASN D 356 5.30 16.36 -7.51
N ASN D 357 5.22 15.65 -6.38
CA ASN D 357 5.01 14.21 -6.39
C ASN D 357 3.63 13.79 -6.87
N LEU D 358 2.62 14.49 -6.36
CA LEU D 358 1.23 14.24 -6.71
C LEU D 358 1.04 14.43 -8.21
N ALA D 359 1.61 15.51 -8.73
CA ALA D 359 1.48 15.80 -10.16
C ALA D 359 2.17 14.74 -10.99
N ALA D 360 3.35 14.28 -10.55
CA ALA D 360 4.11 13.26 -11.28
C ALA D 360 3.44 11.88 -11.21
N VAL D 361 2.80 11.57 -10.08
CA VAL D 361 2.06 10.33 -9.95
C VAL D 361 0.93 10.30 -10.96
N ALA D 362 0.24 11.42 -11.08
CA ALA D 362 -0.89 11.54 -12.00
C ALA D 362 -0.44 11.36 -13.47
N THR D 363 0.65 11.99 -13.87
CA THR D 363 1.12 11.86 -15.25
C THR D 363 1.56 10.40 -15.53
N ALA D 364 2.36 9.83 -14.62
CA ALA D 364 2.86 8.48 -14.80
C ALA D 364 1.76 7.41 -14.96
N LYS D 365 0.74 7.56 -14.13
CA LYS D 365 -0.37 6.62 -14.08
C LYS D 365 -1.21 6.76 -15.30
N ASP D 366 -1.42 8.01 -15.63
CA ASP D 366 -2.19 8.41 -16.76
C ASP D 366 -1.47 7.90 -18.06
N THR D 367 -0.13 7.93 -18.11
CA THR D 367 0.64 7.39 -19.25
C THR D 367 0.43 5.87 -19.37
N TYR D 368 0.46 5.21 -18.21
CA TYR D 368 0.24 3.79 -18.18
C TYR D 368 -1.16 3.43 -18.67
N ASN D 369 -2.11 4.18 -18.19
CA ASN D 369 -3.50 3.99 -18.55
C ASN D 369 -3.76 4.16 -20.06
N LYS D 370 -3.19 5.21 -20.70
CA LYS D 370 -3.42 5.41 -22.14
C LYS D 370 -2.87 4.26 -22.96
N LYS D 371 -1.68 3.79 -22.61
CA LYS D 371 -1.09 2.68 -23.32
C LYS D 371 -1.83 1.35 -23.09
N MSE D 372 -2.28 1.07 -21.88
CA MSE D 372 -3.02 -0.18 -21.68
C MSE D 372 -4.32 -0.15 -22.50
O MSE D 372 -4.74 -1.18 -23.02
CB MSE D 372 -3.31 -0.45 -20.21
CG MSE D 372 -2.06 -0.85 -19.47
SE MSE D 372 -1.44 -2.69 -19.96
CE MSE D 372 -2.85 -3.70 -19.05
N GLU D 373 -4.94 1.02 -22.63
CA GLU D 373 -6.15 1.18 -23.45
C GLU D 373 -5.92 0.73 -24.89
N GLU D 374 -4.72 0.97 -25.41
CA GLU D 374 -4.40 0.55 -26.78
C GLU D 374 -4.27 -0.96 -26.89
N ILE D 375 -4.17 -1.62 -25.75
CA ILE D 375 -3.92 -3.04 -25.66
C ILE D 375 -5.13 -3.84 -25.24
N CYS D 376 -5.87 -3.35 -24.27
CA CYS D 376 -7.03 -4.09 -23.84
C CYS D 376 -8.23 -3.25 -23.48
N GLY D 377 -8.37 -2.12 -24.17
CA GLY D 377 -9.60 -1.35 -24.15
C GLY D 377 -10.78 -2.16 -24.69
N GLY D 378 -12.00 -1.64 -24.51
CA GLY D 378 -13.21 -2.37 -24.88
C GLY D 378 -13.33 -2.68 -26.36
N ASP D 379 -12.63 -1.86 -27.15
CA ASP D 379 -12.64 -2.04 -28.58
C ASP D 379 -11.45 -2.87 -29.04
N LYS D 380 -10.70 -3.50 -28.13
CA LYS D 380 -9.52 -4.30 -28.52
C LYS D 380 -9.78 -5.79 -28.34
N PRO D 381 -9.17 -6.62 -29.20
CA PRO D 381 -9.37 -8.09 -29.12
C PRO D 381 -8.74 -8.74 -27.88
N PHE D 382 -9.17 -9.98 -27.62
CA PHE D 382 -8.58 -10.77 -26.56
C PHE D 382 -7.08 -10.90 -26.77
N LEU D 383 -6.36 -10.75 -25.70
CA LEU D 383 -4.93 -10.92 -25.71
C LEU D 383 -4.57 -12.09 -24.78
N ALA D 384 -3.68 -13.00 -25.16
CA ALA D 384 -3.32 -14.08 -24.23
C ALA D 384 -2.73 -13.50 -22.94
N PRO D 385 -3.18 -14.02 -21.79
CA PRO D 385 -2.84 -13.44 -20.47
C PRO D 385 -1.33 -13.38 -20.22
N ASN D 386 -0.54 -14.33 -20.73
CA ASN D 386 0.92 -14.23 -20.61
C ASN D 386 1.48 -13.01 -21.32
N ASP D 387 0.93 -12.75 -22.50
CA ASP D 387 1.34 -11.59 -23.25
C ASP D 387 0.86 -10.27 -22.65
N LEU D 388 -0.35 -10.25 -22.08
CA LEU D 388 -0.87 -9.06 -21.40
C LEU D 388 -0.01 -8.72 -20.19
N GLN D 389 0.37 -9.75 -19.48
CA GLN D 389 1.22 -9.56 -18.34
C GLN D 389 2.60 -8.98 -18.70
N THR D 390 3.16 -9.54 -19.75
CA THR D 390 4.43 -9.09 -20.26
C THR D 390 4.34 -7.64 -20.68
N LYS D 391 3.26 -7.29 -21.38
CA LYS D 391 3.02 -5.91 -21.81
C LYS D 391 2.81 -4.97 -20.63
N HIS D 392 2.10 -5.45 -19.63
CA HIS D 392 1.84 -4.65 -18.45
C HIS D 392 3.13 -4.28 -17.71
N LEU D 393 4.00 -5.26 -17.47
CA LEU D 393 5.27 -5.04 -16.76
C LEU D 393 6.14 -4.03 -17.49
N GLN D 394 6.12 -4.11 -18.82
CA GLN D 394 6.89 -3.16 -19.61
C GLN D 394 6.32 -1.75 -19.37
N LEU D 395 5.00 -1.62 -19.50
CA LEU D 395 4.37 -0.30 -19.35
C LEU D 395 4.53 0.27 -17.93
N LYS D 396 4.38 -0.58 -16.91
CA LYS D 396 4.57 -0.15 -15.52
C LYS D 396 5.98 0.37 -15.34
N GLU D 397 6.97 -0.40 -15.79
CA GLU D 397 8.38 -0.02 -15.71
CA GLU D 397 8.35 0.02 -15.66
C GLU D 397 8.61 1.35 -16.34
N GLU D 398 8.01 1.56 -17.50
CA GLU D 398 8.14 2.83 -18.18
C GLU D 398 7.57 4.02 -17.36
N SER D 399 6.42 3.81 -16.71
CA SER D 399 5.82 4.84 -15.88
C SER D 399 6.65 5.12 -14.63
N VAL D 400 7.24 4.07 -14.06
CA VAL D 400 8.11 4.25 -12.91
C VAL D 400 9.38 5.05 -13.24
N LYS D 401 10.00 4.70 -14.36
CA LYS D 401 11.18 5.38 -14.85
C LYS D 401 10.80 6.83 -15.19
N LEU D 402 9.62 7.04 -15.74
CA LEU D 402 9.18 8.41 -16.06
C LEU D 402 9.11 9.25 -14.75
N PHE D 403 8.46 8.67 -13.74
CA PHE D 403 8.34 9.28 -12.44
C PHE D 403 9.69 9.55 -11.80
N ARG D 404 10.57 8.55 -11.82
CA ARG D 404 11.87 8.71 -11.18
C ARG D 404 12.70 9.79 -11.89
N GLY D 405 12.50 9.94 -13.19
CA GLY D 405 13.24 10.92 -13.96
C GLY D 405 12.90 12.39 -13.72
N VAL D 406 11.73 12.65 -13.12
CA VAL D 406 11.31 14.03 -12.83
C VAL D 406 11.90 14.54 -11.51
N LYS D 407 12.58 15.67 -11.58
CA LYS D 407 13.17 16.34 -10.44
C LYS D 407 12.05 16.94 -9.59
N LYS D 408 12.09 16.64 -8.30
CA LYS D 408 11.10 17.10 -7.34
C LYS D 408 11.87 17.59 -6.11
N MSE D 409 11.22 18.49 -5.39
CA MSE D 409 11.71 18.98 -4.12
C MSE D 409 11.49 17.86 -3.11
O MSE D 409 10.50 17.12 -3.18
CB MSE D 409 10.85 20.15 -3.69
CG MSE D 409 10.98 21.55 -4.28
SE MSE D 409 12.57 22.48 -4.39
CE MSE D 409 12.06 24.07 -5.36
N GLY D 410 12.41 17.78 -2.16
CA GLY D 410 12.53 16.62 -1.30
C GLY D 410 13.25 15.44 -1.91
N GLY D 411 13.43 15.39 -3.23
CA GLY D 411 14.28 14.40 -3.90
C GLY D 411 13.74 12.99 -3.75
N GLU D 412 14.56 11.96 -4.01
CA GLU D 412 14.09 10.57 -3.93
C GLU D 412 13.56 10.26 -2.52
N GLU D 413 14.14 10.81 -1.44
CA GLU D 413 13.64 10.46 -0.12
C GLU D 413 12.15 10.77 0.02
N PHE D 414 11.77 12.01 -0.25
CA PHE D 414 10.36 12.44 -0.15
C PHE D 414 9.43 11.68 -1.13
N SER D 415 10.00 11.26 -2.26
CA SER D 415 9.28 10.59 -3.30
C SER D 415 8.96 9.18 -2.87
N ARG D 416 9.67 8.67 -1.88
CA ARG D 416 9.61 7.25 -1.60
C ARG D 416 8.18 6.70 -1.45
N ARG D 417 7.37 7.31 -0.58
CA ARG D 417 6.01 6.80 -0.43
C ARG D 417 5.19 6.98 -1.68
N TYR D 418 5.47 8.02 -2.45
CA TYR D 418 4.69 8.29 -3.66
C TYR D 418 4.95 7.29 -4.77
N LEU D 419 6.20 6.92 -4.94
CA LEU D 419 6.53 5.93 -5.95
C LEU D 419 5.82 4.59 -5.65
N GLN D 420 5.85 4.15 -4.40
CA GLN D 420 5.17 2.93 -3.97
C GLN D 420 3.66 3.03 -4.16
N GLN D 421 3.10 4.22 -3.94
CA GLN D 421 1.70 4.46 -4.24
C GLN D 421 1.44 4.35 -5.75
N LEU D 422 2.34 4.90 -6.56
CA LEU D 422 2.17 4.85 -8.01
C LEU D 422 2.14 3.39 -8.46
N GLU D 423 3.12 2.61 -8.01
CA GLU D 423 3.17 1.20 -8.35
C GLU D 423 1.96 0.42 -7.86
N SER D 424 1.52 0.72 -6.65
CA SER D 424 0.36 0.06 -6.08
C SER D 424 -0.94 0.40 -6.87
N GLU D 425 -1.06 1.66 -7.31
CA GLU D 425 -2.23 2.07 -8.08
C GLU D 425 -2.25 1.55 -9.52
N ILE D 426 -1.08 1.44 -10.13
CA ILE D 426 -1.00 0.84 -11.44
C ILE D 426 -1.44 -0.64 -11.37
N ASP D 427 -1.05 -1.32 -10.29
CA ASP D 427 -1.45 -2.71 -10.14
C ASP D 427 -2.94 -2.88 -10.05
N GLU D 428 -3.60 -1.94 -9.37
CA GLU D 428 -5.06 -1.93 -9.31
C GLU D 428 -5.68 -1.79 -10.68
N LEU D 429 -5.15 -0.87 -11.50
CA LEU D 429 -5.65 -0.74 -12.85
C LEU D 429 -5.45 -2.04 -13.63
N TYR D 430 -4.28 -2.65 -13.46
CA TYR D 430 -3.94 -3.89 -14.14
C TYR D 430 -4.96 -4.98 -13.80
N ILE D 431 -5.32 -5.06 -12.54
CA ILE D 431 -6.31 -6.02 -12.10
C ILE D 431 -7.63 -5.78 -12.80
N GLN D 432 -7.98 -4.52 -12.94
CA GLN D 432 -9.16 -4.13 -13.70
C GLN D 432 -9.07 -4.54 -15.17
N TYR D 433 -7.91 -4.37 -15.78
CA TYR D 433 -7.73 -4.81 -17.17
C TYR D 433 -7.84 -6.33 -17.37
N ILE D 434 -7.34 -7.09 -16.40
CA ILE D 434 -7.35 -8.53 -16.45
C ILE D 434 -8.79 -9.01 -16.53
N LYS D 435 -9.67 -8.42 -15.72
CA LYS D 435 -11.08 -8.84 -15.74
C LYS D 435 -11.74 -8.59 -17.07
N HIS D 436 -11.44 -7.44 -17.67
CA HIS D 436 -11.97 -7.07 -18.98
C HIS D 436 -11.49 -8.03 -20.06
N ASN D 437 -10.19 -8.33 -20.04
CA ASN D 437 -9.59 -9.21 -21.02
C ASN D 437 -10.15 -10.63 -20.92
N ASP D 438 -10.30 -11.11 -19.69
CA ASP D 438 -10.78 -12.46 -19.46
C ASP D 438 -12.20 -12.66 -19.99
N SER D 439 -12.98 -11.58 -20.03
CA SER D 439 -14.36 -11.67 -20.52
C SER D 439 -14.41 -11.91 -22.03
N LYS D 440 -13.25 -11.77 -22.69
CA LYS D 440 -13.12 -11.99 -24.14
C LYS D 440 -12.35 -13.29 -24.49
N THR D 441 -12.13 -14.13 -23.48
CA THR D 441 -11.27 -15.30 -23.59
C THR D 441 -11.72 -16.21 -24.74
N ILE D 442 -10.77 -16.64 -25.55
CA ILE D 442 -11.01 -17.61 -26.61
C ILE D 442 -10.22 -18.87 -26.36
N PHE D 443 -10.89 -20.02 -26.30
CA PHE D 443 -10.16 -21.30 -26.25
C PHE D 443 -10.68 -22.26 -27.32
N HIS D 444 -9.77 -22.72 -28.17
CA HIS D 444 -10.12 -23.76 -29.14
C HIS D 444 -9.37 -25.04 -28.77
N ALA D 445 -10.12 -26.13 -28.64
CA ALA D 445 -9.51 -27.44 -28.41
C ALA D 445 -8.87 -27.89 -29.70
N ALA D 446 -7.64 -28.40 -29.62
CA ALA D 446 -6.92 -28.87 -30.79
C ALA D 446 -5.85 -29.92 -30.46
N ARG D 447 -5.69 -30.92 -31.32
CA ARG D 447 -4.67 -31.96 -31.09
C ARG D 447 -3.29 -31.29 -31.29
PG GNP E . -1.76 -48.01 -11.67
O1G GNP E . -1.87 -48.72 -10.32
O2G GNP E . -0.58 -48.36 -12.49
O3G GNP E . -1.89 -46.50 -11.47
N3B GNP E . -3.00 -48.52 -12.54
PB GNP E . -3.28 -48.21 -14.07
O1B GNP E . -3.90 -46.89 -14.30
O2B GNP E . -2.03 -48.37 -14.84
O3A GNP E . -4.32 -49.26 -14.50
PA GNP E . -4.08 -50.59 -15.26
O1A GNP E . -3.21 -51.46 -14.42
O2A GNP E . -3.68 -50.30 -16.64
O5' GNP E . -5.54 -51.22 -15.27
C5' GNP E . -6.27 -51.54 -14.09
C4' GNP E . -7.62 -52.20 -14.39
O4' GNP E . -8.36 -51.30 -15.23
C3' GNP E . -7.60 -53.53 -15.15
O3' GNP E . -8.38 -54.54 -14.53
C2' GNP E . -8.20 -53.17 -16.51
O2' GNP E . -8.96 -54.22 -17.05
C1' GNP E . -9.13 -52.03 -16.14
N9 GNP E . -9.40 -51.10 -17.23
C8 GNP E . -8.57 -50.80 -18.28
N7 GNP E . -9.06 -49.91 -19.10
C5 GNP E . -10.28 -49.59 -18.54
C6 GNP E . -11.26 -48.66 -18.96
O6 GNP E . -11.28 -47.90 -19.94
N1 GNP E . -12.33 -48.66 -18.08
C2 GNP E . -12.47 -49.43 -16.97
N2 GNP E . -13.59 -49.26 -16.28
N3 GNP E . -11.55 -50.28 -16.56
C4 GNP E . -10.50 -50.30 -17.38
MG MG F . -0.04 -48.74 -14.30
PG GNP G . -26.22 -34.65 -9.38
O1G GNP G . -25.86 -33.83 -10.63
O2G GNP G . -27.56 -34.25 -8.82
O3G GNP G . -25.04 -34.44 -8.43
N3B GNP G . -26.24 -36.20 -9.76
PB GNP G . -26.57 -37.49 -8.85
O1B GNP G . -25.40 -37.99 -8.10
O2B GNP G . -27.76 -37.21 -8.00
O3A GNP G . -26.89 -38.67 -9.80
PA GNP G . -28.24 -39.19 -10.34
O1A GNP G . -28.90 -38.07 -11.04
O2A GNP G . -29.02 -39.91 -9.34
O5' GNP G . -27.87 -40.21 -11.49
C5' GNP G . -27.03 -39.83 -12.57
C4' GNP G . -26.81 -40.96 -13.57
O4' GNP G . -26.11 -42.04 -12.92
C3' GNP G . -28.06 -41.57 -14.22
O3' GNP G . -27.93 -41.69 -15.65
C2' GNP G . -28.18 -42.93 -13.53
O2' GNP G . -28.84 -43.87 -14.35
C1' GNP G . -26.71 -43.27 -13.30
N9 GNP G . -26.41 -44.18 -12.19
C8 GNP G . -27.18 -44.38 -11.07
N7 GNP G . -26.64 -45.21 -10.23
C5 GNP G . -25.44 -45.58 -10.83
C6 GNP G . -24.42 -46.45 -10.38
O6 GNP G . -24.33 -47.11 -9.35
N1 GNP G . -23.39 -46.52 -11.30
C2 GNP G . -23.33 -45.84 -12.49
N2 GNP G . -22.25 -46.04 -13.26
N3 GNP G . -24.28 -45.01 -12.91
C4 GNP G . -25.29 -44.94 -12.03
MG MG H . -28.58 -35.56 -7.59
PG GNP I . 21.48 44.73 -1.02
O1G GNP I . 20.31 45.51 -1.56
O2G GNP I . 22.67 44.71 -1.92
O3G GNP I . 20.90 43.38 -0.67
N3B GNP I . 21.91 45.31 0.41
PB GNP I . 23.08 44.79 1.36
O1B GNP I . 22.68 43.61 2.16
O2B GNP I . 24.29 44.55 0.54
O3A GNP I . 23.33 45.96 2.32
PA GNP I . 24.38 47.11 2.20
O1A GNP I . 24.14 47.81 0.92
O2A GNP I . 25.76 46.59 2.41
O5' GNP I . 24.12 48.11 3.40
C5' GNP I . 22.87 48.79 3.48
C4' GNP I . 22.75 49.68 4.69
O4' GNP I . 22.98 48.91 5.89
C3' GNP I . 23.70 50.88 4.81
O3' GNP I . 22.92 52.06 5.03
C2' GNP I . 24.64 50.47 5.98
O2' GNP I . 25.18 51.51 6.74
C1' GNP I . 23.67 49.70 6.85
N9 GNP I . 24.26 48.69 7.72
C8 GNP I . 25.43 48.03 7.45
N7 GNP I . 25.69 47.13 8.36
C5 GNP I . 24.64 47.19 9.23
C6 GNP I . 24.42 46.45 10.39
O6 GNP I . 25.14 45.55 10.86
N1 GNP I . 23.23 46.82 11.00
C2 GNP I . 22.40 47.80 10.53
N2 GNP I . 21.30 48.03 11.24
N3 GNP I . 22.62 48.51 9.46
C4 GNP I . 23.75 48.15 8.87
MG MG J . 24.51 44.03 -1.44
PG GNP K . 6.61 38.27 21.83
O1G GNP K . 7.61 37.24 22.24
O2G GNP K . 5.54 38.51 22.85
O3G GNP K . 6.14 37.96 20.42
N3B GNP K . 7.43 39.63 21.80
PB GNP K . 6.82 41.06 21.56
O1B GNP K . 6.63 41.35 20.13
O2B GNP K . 5.62 41.11 22.40
O3A GNP K . 7.90 42.06 22.04
PA GNP K . 7.98 42.73 23.44
O1A GNP K . 8.02 41.66 24.45
O2A GNP K . 6.94 43.77 23.58
O5' GNP K . 9.36 43.46 23.44
C5' GNP K . 10.58 42.75 23.25
C4' GNP K . 11.78 43.70 23.27
O4' GNP K . 11.62 44.70 22.24
C3' GNP K . 12.09 44.51 24.54
O3' GNP K . 13.48 44.49 24.77
C2' GNP K . 11.66 45.91 24.14
O2' GNP K . 12.28 46.92 24.91
C1' GNP K . 12.16 45.92 22.69
N9 GNP K . 11.56 46.85 21.76
C8 GNP K . 10.31 47.39 21.87
N7 GNP K . 10.02 48.16 20.89
C5 GNP K . 11.12 48.10 20.06
C6 GNP K . 11.32 48.73 18.83
O6 GNP K . 10.55 49.49 18.21
N1 GNP K . 12.57 48.41 18.32
C2 GNP K . 13.48 47.60 18.92
N2 GNP K . 14.60 47.46 18.23
N3 GNP K . 13.30 46.99 20.08
C4 GNP K . 12.09 47.29 20.58
MG MG L . 4.20 39.95 23.38
#